data_4W57
# 
_entry.id   4W57 
# 
_audit_conform.dict_name       mmcif_pdbx.dic 
_audit_conform.dict_version    5.379 
_audit_conform.dict_location   http://mmcif.pdb.org/dictionaries/ascii/mmcif_pdbx.dic 
# 
loop_
_database_2.database_id 
_database_2.database_code 
_database_2.pdbx_database_accession 
_database_2.pdbx_DOI 
PDB   4W57         pdb_00004w57 10.2210/pdb4w57/pdb 
WWPDB D_1000203184 ?            ?                   
# 
_pdbx_database_status.status_code                     REL 
_pdbx_database_status.status_code_sf                  REL 
_pdbx_database_status.status_code_mr                  ? 
_pdbx_database_status.entry_id                        4W57 
_pdbx_database_status.recvd_initial_deposition_date   2014-08-16 
_pdbx_database_status.SG_entry                        N 
_pdbx_database_status.deposit_site                    RCSB 
_pdbx_database_status.process_site                    RCSB 
_pdbx_database_status.status_code_cs                  ? 
_pdbx_database_status.methods_development_category    ? 
_pdbx_database_status.pdb_format_compatible           Y 
_pdbx_database_status.status_code_nmr_data            ? 
# 
loop_
_audit_author.name 
_audit_author.pdbx_ordinal 
'Merski, M.'     1 
'Shoichet, B.K.' 2 
'Eidam, O.'      3 
'Fischer, M.'    4 
# 
_citation.abstract                  ? 
_citation.abstract_id_CAS           ? 
_citation.book_id_ISBN              ? 
_citation.book_publisher            ? 
_citation.book_publisher_city       ? 
_citation.book_title                ? 
_citation.coordinate_linkage        ? 
_citation.country                   US 
_citation.database_id_Medline       ? 
_citation.details                   ? 
_citation.id                        primary 
_citation.journal_abbrev            Proc.Natl.Acad.Sci.USA 
_citation.journal_id_ASTM           PNASA6 
_citation.journal_id_CSD            0040 
_citation.journal_id_ISSN           1091-6490 
_citation.journal_full              ? 
_citation.journal_issue             ? 
_citation.journal_volume            112 
_citation.language                  ? 
_citation.page_first                5039 
_citation.page_last                 5044 
_citation.title                     'Homologous ligands accommodated by discrete conformations of a buried cavity.' 
_citation.year                      2015 
_citation.database_id_CSD           ? 
_citation.pdbx_database_id_DOI      10.1073/pnas.1500806112 
_citation.pdbx_database_id_PubMed   25847998 
_citation.unpublished_flag          ? 
# 
loop_
_citation_author.citation_id 
_citation_author.name 
_citation_author.ordinal 
_citation_author.identifier_ORCID 
primary 'Merski, M.'     1 ? 
primary 'Fischer, M.'    2 ? 
primary 'Balius, T.E.'   3 ? 
primary 'Eidam, O.'      4 ? 
primary 'Shoichet, B.K.' 5 ? 
# 
_cell.length_a           60.310 
_cell.length_b           60.310 
_cell.length_c           96.660 
_cell.angle_alpha        90.000 
_cell.angle_beta         90.000 
_cell.angle_gamma        120.000 
_cell.entry_id           4W57 
_cell.Z_PDB              6 
_cell.pdbx_unique_axis   ? 
# 
_symmetry.entry_id                         4W57 
_symmetry.cell_setting                     ? 
_symmetry.Int_Tables_number                154 
_symmetry.space_group_name_Hall            ? 
_symmetry.space_group_name_H-M             'P 32 2 1' 
_symmetry.pdbx_full_space_group_name_H-M   ? 
# 
loop_
_entity.id 
_entity.type 
_entity.src_method 
_entity.pdbx_description 
_entity.formula_weight 
_entity.pdbx_number_of_molecules 
_entity.pdbx_ec 
_entity.pdbx_mutation 
_entity.pdbx_fragment 
_entity.details 
1 polymer     man Endolysin                                             19691.541 1   3.2.1.17 L99A ? ? 
2 non-polymer syn N-BUTYLBENZENE                                        134.218   1   ?        ?    ? ? 
3 non-polymer syn '4-(2-HYDROXYETHYL)-1-PIPERAZINE ETHANESULFONIC ACID' 238.305   1   ?        ?    ? ? 
4 water       nat water                                                 18.015    156 ?        ?    ? ? 
# 
_entity_name_com.entity_id   1 
_entity_name_com.name        'Lysis protein,Lysozyme,Muramidase' 
# 
_entity_poly.entity_id                      1 
_entity_poly.type                           'polypeptide(L)' 
_entity_poly.nstd_linkage                   no 
_entity_poly.nstd_monomer                   no 
_entity_poly.pdbx_seq_one_letter_code       
;MNIFEMLRIDEGLRLKIYKDTEGYYTIGIGHLLTKSPSLNAAKSELDKAIGRNCNGVITKDEAEKLFNQDVDAAVRGILR
NAKLKPVYDSLDAVRRCAAINMVFQMGETGVAGFTNSLRMLQQKRWDEAAVNLAKSRWYNQTPNRAKRVITTFRTGTWDA
YKNLLEHHHHHH
;
_entity_poly.pdbx_seq_one_letter_code_can   
;MNIFEMLRIDEGLRLKIYKDTEGYYTIGIGHLLTKSPSLNAAKSELDKAIGRNCNGVITKDEAEKLFNQDVDAAVRGILR
NAKLKPVYDSLDAVRRCAAINMVFQMGETGVAGFTNSLRMLQQKRWDEAAVNLAKSRWYNQTPNRAKRVITTFRTGTWDA
YKNLLEHHHHHH
;
_entity_poly.pdbx_strand_id                 A 
_entity_poly.pdbx_target_identifier         ? 
# 
loop_
_entity_poly_seq.entity_id 
_entity_poly_seq.num 
_entity_poly_seq.mon_id 
_entity_poly_seq.hetero 
1 1   MET n 
1 2   ASN n 
1 3   ILE n 
1 4   PHE n 
1 5   GLU n 
1 6   MET n 
1 7   LEU n 
1 8   ARG n 
1 9   ILE n 
1 10  ASP n 
1 11  GLU n 
1 12  GLY n 
1 13  LEU n 
1 14  ARG n 
1 15  LEU n 
1 16  LYS n 
1 17  ILE n 
1 18  TYR n 
1 19  LYS n 
1 20  ASP n 
1 21  THR n 
1 22  GLU n 
1 23  GLY n 
1 24  TYR n 
1 25  TYR n 
1 26  THR n 
1 27  ILE n 
1 28  GLY n 
1 29  ILE n 
1 30  GLY n 
1 31  HIS n 
1 32  LEU n 
1 33  LEU n 
1 34  THR n 
1 35  LYS n 
1 36  SER n 
1 37  PRO n 
1 38  SER n 
1 39  LEU n 
1 40  ASN n 
1 41  ALA n 
1 42  ALA n 
1 43  LYS n 
1 44  SER n 
1 45  GLU n 
1 46  LEU n 
1 47  ASP n 
1 48  LYS n 
1 49  ALA n 
1 50  ILE n 
1 51  GLY n 
1 52  ARG n 
1 53  ASN n 
1 54  CYS n 
1 55  ASN n 
1 56  GLY n 
1 57  VAL n 
1 58  ILE n 
1 59  THR n 
1 60  LYS n 
1 61  ASP n 
1 62  GLU n 
1 63  ALA n 
1 64  GLU n 
1 65  LYS n 
1 66  LEU n 
1 67  PHE n 
1 68  ASN n 
1 69  GLN n 
1 70  ASP n 
1 71  VAL n 
1 72  ASP n 
1 73  ALA n 
1 74  ALA n 
1 75  VAL n 
1 76  ARG n 
1 77  GLY n 
1 78  ILE n 
1 79  LEU n 
1 80  ARG n 
1 81  ASN n 
1 82  ALA n 
1 83  LYS n 
1 84  LEU n 
1 85  LYS n 
1 86  PRO n 
1 87  VAL n 
1 88  TYR n 
1 89  ASP n 
1 90  SER n 
1 91  LEU n 
1 92  ASP n 
1 93  ALA n 
1 94  VAL n 
1 95  ARG n 
1 96  ARG n 
1 97  CYS n 
1 98  ALA n 
1 99  ALA n 
1 100 ILE n 
1 101 ASN n 
1 102 MET n 
1 103 VAL n 
1 104 PHE n 
1 105 GLN n 
1 106 MET n 
1 107 GLY n 
1 108 GLU n 
1 109 THR n 
1 110 GLY n 
1 111 VAL n 
1 112 ALA n 
1 113 GLY n 
1 114 PHE n 
1 115 THR n 
1 116 ASN n 
1 117 SER n 
1 118 LEU n 
1 119 ARG n 
1 120 MET n 
1 121 LEU n 
1 122 GLN n 
1 123 GLN n 
1 124 LYS n 
1 125 ARG n 
1 126 TRP n 
1 127 ASP n 
1 128 GLU n 
1 129 ALA n 
1 130 ALA n 
1 131 VAL n 
1 132 ASN n 
1 133 LEU n 
1 134 ALA n 
1 135 LYS n 
1 136 SER n 
1 137 ARG n 
1 138 TRP n 
1 139 TYR n 
1 140 ASN n 
1 141 GLN n 
1 142 THR n 
1 143 PRO n 
1 144 ASN n 
1 145 ARG n 
1 146 ALA n 
1 147 LYS n 
1 148 ARG n 
1 149 VAL n 
1 150 ILE n 
1 151 THR n 
1 152 THR n 
1 153 PHE n 
1 154 ARG n 
1 155 THR n 
1 156 GLY n 
1 157 THR n 
1 158 TRP n 
1 159 ASP n 
1 160 ALA n 
1 161 TYR n 
1 162 LYS n 
1 163 ASN n 
1 164 LEU n 
1 165 LEU n 
1 166 GLU n 
1 167 HIS n 
1 168 HIS n 
1 169 HIS n 
1 170 HIS n 
1 171 HIS n 
1 172 HIS n 
# 
_entity_src_gen.entity_id                          1 
_entity_src_gen.pdbx_src_id                        1 
_entity_src_gen.pdbx_alt_source_flag               sample 
_entity_src_gen.pdbx_seq_type                      'Biological sequence' 
_entity_src_gen.pdbx_beg_seq_num                   1 
_entity_src_gen.pdbx_end_seq_num                   172 
_entity_src_gen.gene_src_common_name               ? 
_entity_src_gen.gene_src_genus                     ? 
_entity_src_gen.pdbx_gene_src_gene                 ? 
_entity_src_gen.gene_src_species                   ? 
_entity_src_gen.gene_src_strain                    ? 
_entity_src_gen.gene_src_tissue                    ? 
_entity_src_gen.gene_src_tissue_fraction           ? 
_entity_src_gen.gene_src_details                   ? 
_entity_src_gen.pdbx_gene_src_fragment             ? 
_entity_src_gen.pdbx_gene_src_scientific_name      'Enterobacteria phage T4' 
_entity_src_gen.pdbx_gene_src_ncbi_taxonomy_id     10665 
_entity_src_gen.pdbx_gene_src_variant              ? 
_entity_src_gen.pdbx_gene_src_cell_line            ? 
_entity_src_gen.pdbx_gene_src_atcc                 ? 
_entity_src_gen.pdbx_gene_src_organ                ? 
_entity_src_gen.pdbx_gene_src_organelle            ? 
_entity_src_gen.pdbx_gene_src_cell                 ? 
_entity_src_gen.pdbx_gene_src_cellular_location    ? 
_entity_src_gen.host_org_common_name               ? 
_entity_src_gen.pdbx_host_org_scientific_name      'Escherichia coli' 
_entity_src_gen.pdbx_host_org_ncbi_taxonomy_id     469008 
_entity_src_gen.host_org_genus                     ? 
_entity_src_gen.pdbx_host_org_gene                 ? 
_entity_src_gen.pdbx_host_org_organ                ? 
_entity_src_gen.host_org_species                   ? 
_entity_src_gen.pdbx_host_org_tissue               ? 
_entity_src_gen.pdbx_host_org_tissue_fraction      ? 
_entity_src_gen.pdbx_host_org_strain               'BL21(DE3)' 
_entity_src_gen.pdbx_host_org_variant              ? 
_entity_src_gen.pdbx_host_org_cell_line            ? 
_entity_src_gen.pdbx_host_org_atcc                 ? 
_entity_src_gen.pdbx_host_org_culture_collection   ? 
_entity_src_gen.pdbx_host_org_cell                 ? 
_entity_src_gen.pdbx_host_org_organelle            ? 
_entity_src_gen.pdbx_host_org_cellular_location    ? 
_entity_src_gen.pdbx_host_org_vector_type          plasmid 
_entity_src_gen.pdbx_host_org_vector               ? 
_entity_src_gen.host_org_details                   ? 
_entity_src_gen.expression_system_id               ? 
_entity_src_gen.plasmid_name                       pET29 
_entity_src_gen.plasmid_details                    ? 
_entity_src_gen.pdbx_description                   ? 
# 
_struct_ref.id                         1 
_struct_ref.db_name                    UNP 
_struct_ref.db_code                    ENLYS_BPT4 
_struct_ref.pdbx_db_accession          P00720 
_struct_ref.pdbx_db_isoform            ? 
_struct_ref.entity_id                  1 
_struct_ref.pdbx_seq_one_letter_code   
;MNIFEMLRIDERLRLKIYKDTEGYYTIGIGHLLTKSPSLNAAKSELDKAIGRNCNGVITKDEAEKLFNQDVDAAVRGILR
NAKLKPVYDSLDAVRRCALINMVFQMGETGVAGFTNSLRMLQQKRWDEAAVNLAKSIWYNQTPNRAKRVITTFRTGTWDA
YKNL
;
_struct_ref.pdbx_align_begin           1 
# 
_struct_ref_seq.align_id                      1 
_struct_ref_seq.ref_id                        1 
_struct_ref_seq.pdbx_PDB_id_code              4W57 
_struct_ref_seq.pdbx_strand_id                A 
_struct_ref_seq.seq_align_beg                 1 
_struct_ref_seq.pdbx_seq_align_beg_ins_code   ? 
_struct_ref_seq.seq_align_end                 164 
_struct_ref_seq.pdbx_seq_align_end_ins_code   ? 
_struct_ref_seq.pdbx_db_accession             P00720 
_struct_ref_seq.db_align_beg                  1 
_struct_ref_seq.pdbx_db_align_beg_ins_code    ? 
_struct_ref_seq.db_align_end                  164 
_struct_ref_seq.pdbx_db_align_end_ins_code    ? 
_struct_ref_seq.pdbx_auth_seq_align_beg       1 
_struct_ref_seq.pdbx_auth_seq_align_end       164 
# 
loop_
_struct_ref_seq_dif.align_id 
_struct_ref_seq_dif.pdbx_pdb_id_code 
_struct_ref_seq_dif.mon_id 
_struct_ref_seq_dif.pdbx_pdb_strand_id 
_struct_ref_seq_dif.seq_num 
_struct_ref_seq_dif.pdbx_pdb_ins_code 
_struct_ref_seq_dif.pdbx_seq_db_name 
_struct_ref_seq_dif.pdbx_seq_db_accession_code 
_struct_ref_seq_dif.db_mon_id 
_struct_ref_seq_dif.pdbx_seq_db_seq_num 
_struct_ref_seq_dif.details 
_struct_ref_seq_dif.pdbx_auth_seq_num 
_struct_ref_seq_dif.pdbx_ordinal 
1 4W57 GLY A 12  ? UNP P00720 ARG 12  variant               12  1  
1 4W57 ALA A 99  ? UNP P00720 LEU 99  'engineered mutation' 99  2  
1 4W57 ARG A 137 ? UNP P00720 ILE 137 variant               137 3  
1 4W57 LEU A 165 ? UNP P00720 ?   ?   'expression tag'      165 4  
1 4W57 GLU A 166 ? UNP P00720 ?   ?   'expression tag'      166 5  
1 4W57 HIS A 167 ? UNP P00720 ?   ?   'expression tag'      167 6  
1 4W57 HIS A 168 ? UNP P00720 ?   ?   'expression tag'      168 7  
1 4W57 HIS A 169 ? UNP P00720 ?   ?   'expression tag'      169 8  
1 4W57 HIS A 170 ? UNP P00720 ?   ?   'expression tag'      170 9  
1 4W57 HIS A 171 ? UNP P00720 ?   ?   'expression tag'      171 10 
1 4W57 HIS A 172 ? UNP P00720 ?   ?   'expression tag'      172 11 
# 
loop_
_chem_comp.id 
_chem_comp.type 
_chem_comp.mon_nstd_flag 
_chem_comp.name 
_chem_comp.pdbx_synonyms 
_chem_comp.formula 
_chem_comp.formula_weight 
ALA 'L-peptide linking' y ALANINE                                               ?     'C3 H7 N O2'     89.093  
ARG 'L-peptide linking' y ARGININE                                              ?     'C6 H15 N4 O2 1' 175.209 
ASN 'L-peptide linking' y ASPARAGINE                                            ?     'C4 H8 N2 O3'    132.118 
ASP 'L-peptide linking' y 'ASPARTIC ACID'                                       ?     'C4 H7 N O4'     133.103 
CYS 'L-peptide linking' y CYSTEINE                                              ?     'C3 H7 N O2 S'   121.158 
EPE non-polymer         . '4-(2-HYDROXYETHYL)-1-PIPERAZINE ETHANESULFONIC ACID' HEPES 'C8 H18 N2 O4 S' 238.305 
GLN 'L-peptide linking' y GLUTAMINE                                             ?     'C5 H10 N2 O3'   146.144 
GLU 'L-peptide linking' y 'GLUTAMIC ACID'                                       ?     'C5 H9 N O4'     147.129 
GLY 'peptide linking'   y GLYCINE                                               ?     'C2 H5 N O2'     75.067  
HIS 'L-peptide linking' y HISTIDINE                                             ?     'C6 H10 N3 O2 1' 156.162 
HOH non-polymer         . WATER                                                 ?     'H2 O'           18.015  
ILE 'L-peptide linking' y ISOLEUCINE                                            ?     'C6 H13 N O2'    131.173 
LEU 'L-peptide linking' y LEUCINE                                               ?     'C6 H13 N O2'    131.173 
LYS 'L-peptide linking' y LYSINE                                                ?     'C6 H15 N2 O2 1' 147.195 
MET 'L-peptide linking' y METHIONINE                                            ?     'C5 H11 N O2 S'  149.211 
N4B non-polymer         . N-BUTYLBENZENE                                        ?     'C10 H14'        134.218 
PHE 'L-peptide linking' y PHENYLALANINE                                         ?     'C9 H11 N O2'    165.189 
PRO 'L-peptide linking' y PROLINE                                               ?     'C5 H9 N O2'     115.130 
SER 'L-peptide linking' y SERINE                                                ?     'C3 H7 N O3'     105.093 
THR 'L-peptide linking' y THREONINE                                             ?     'C4 H9 N O3'     119.119 
TRP 'L-peptide linking' y TRYPTOPHAN                                            ?     'C11 H12 N2 O2'  204.225 
TYR 'L-peptide linking' y TYROSINE                                              ?     'C9 H11 N O3'    181.189 
VAL 'L-peptide linking' y VALINE                                                ?     'C5 H11 N O2'    117.146 
# 
_exptl.absorpt_coefficient_mu     ? 
_exptl.absorpt_correction_T_max   ? 
_exptl.absorpt_correction_T_min   ? 
_exptl.absorpt_correction_type    ? 
_exptl.absorpt_process_details    ? 
_exptl.entry_id                   4W57 
_exptl.crystals_number            1 
_exptl.details                    ? 
_exptl.method                     'X-RAY DIFFRACTION' 
_exptl.method_details             ? 
# 
_exptl_crystal.colour                      ? 
_exptl_crystal.density_diffrn              ? 
_exptl_crystal.density_Matthews            2.58 
_exptl_crystal.density_method              ? 
_exptl_crystal.density_percent_sol         52.27 
_exptl_crystal.description                 ? 
_exptl_crystal.F_000                       ? 
_exptl_crystal.id                          1 
_exptl_crystal.preparation                 ? 
_exptl_crystal.size_max                    ? 
_exptl_crystal.size_mid                    ? 
_exptl_crystal.size_min                    ? 
_exptl_crystal.size_rad                    ? 
_exptl_crystal.colour_lustre               ? 
_exptl_crystal.colour_modifier             ? 
_exptl_crystal.colour_primary              ? 
_exptl_crystal.density_meas                ? 
_exptl_crystal.density_meas_esd            ? 
_exptl_crystal.density_meas_gt             ? 
_exptl_crystal.density_meas_lt             ? 
_exptl_crystal.density_meas_temp           ? 
_exptl_crystal.density_meas_temp_esd       ? 
_exptl_crystal.density_meas_temp_gt        ? 
_exptl_crystal.density_meas_temp_lt        ? 
_exptl_crystal.pdbx_crystal_image_url      ? 
_exptl_crystal.pdbx_crystal_image_format   ? 
_exptl_crystal.pdbx_mosaicity              ? 
_exptl_crystal.pdbx_mosaicity_esd          ? 
# 
_exptl_crystal_grow.apparatus       ? 
_exptl_crystal_grow.atmosphere      ? 
_exptl_crystal_grow.crystal_id      1 
_exptl_crystal_grow.details         ? 
_exptl_crystal_grow.method          'VAPOR DIFFUSION, HANGING DROP' 
_exptl_crystal_grow.method_ref      ? 
_exptl_crystal_grow.pH              7.5 
_exptl_crystal_grow.pressure        ? 
_exptl_crystal_grow.pressure_esd    ? 
_exptl_crystal_grow.seeding         ? 
_exptl_crystal_grow.seeding_ref     ? 
_exptl_crystal_grow.temp            277 
_exptl_crystal_grow.temp_details    ? 
_exptl_crystal_grow.temp_esd        ? 
_exptl_crystal_grow.time            ? 
_exptl_crystal_grow.pdbx_details    
'20% (w/v) PEGF-4000, 10% 2-propanol, 0.1 M HEPES, 50 mM 2-mercaptoethanol, 50 mM 2-hydroxyethyl disulfide' 
_exptl_crystal_grow.pdbx_pH_range   ? 
# 
_diffrn.ambient_environment    ? 
_diffrn.ambient_temp           100 
_diffrn.ambient_temp_details   ? 
_diffrn.ambient_temp_esd       ? 
_diffrn.crystal_id             1 
_diffrn.crystal_support        ? 
_diffrn.crystal_treatment      ? 
_diffrn.details                ? 
_diffrn.id                     1 
_diffrn.ambient_pressure       ? 
_diffrn.ambient_pressure_esd   ? 
_diffrn.ambient_pressure_gt    ? 
_diffrn.ambient_pressure_lt    ? 
_diffrn.ambient_temp_gt        ? 
_diffrn.ambient_temp_lt        ? 
# 
_diffrn_detector.details                      ? 
_diffrn_detector.detector                     CCD 
_diffrn_detector.diffrn_id                    1 
_diffrn_detector.type                         'ADSC QUANTUM 315r' 
_diffrn_detector.area_resol_mean              ? 
_diffrn_detector.dtime                        ? 
_diffrn_detector.pdbx_frames_total            ? 
_diffrn_detector.pdbx_collection_time_total   ? 
_diffrn_detector.pdbx_collection_date         2009-11-21 
# 
_diffrn_radiation.collimation                      ? 
_diffrn_radiation.diffrn_id                        1 
_diffrn_radiation.filter_edge                      ? 
_diffrn_radiation.inhomogeneity                    ? 
_diffrn_radiation.monochromator                    'two flat Si(111) crystals, mounted in a model DCM from Khozu' 
_diffrn_radiation.polarisn_norm                    ? 
_diffrn_radiation.polarisn_ratio                   ? 
_diffrn_radiation.probe                            ? 
_diffrn_radiation.type                             ? 
_diffrn_radiation.xray_symbol                      ? 
_diffrn_radiation.wavelength_id                    1 
_diffrn_radiation.pdbx_monochromatic_or_laue_m_l   M 
_diffrn_radiation.pdbx_wavelength_list             ? 
_diffrn_radiation.pdbx_wavelength                  ? 
_diffrn_radiation.pdbx_diffrn_protocol             'SINGLE WAVELENGTH' 
_diffrn_radiation.pdbx_analyzer                    ? 
_diffrn_radiation.pdbx_scattering_type             x-ray 
# 
_diffrn_radiation_wavelength.id           1 
_diffrn_radiation_wavelength.wavelength   1.116 
_diffrn_radiation_wavelength.wt           1.0 
# 
_diffrn_source.current                     ? 
_diffrn_source.details                     ? 
_diffrn_source.diffrn_id                   1 
_diffrn_source.power                       ? 
_diffrn_source.size                        ? 
_diffrn_source.source                      SYNCHROTRON 
_diffrn_source.target                      ? 
_diffrn_source.type                        'ALS BEAMLINE 8.3.1' 
_diffrn_source.voltage                     ? 
_diffrn_source.take-off_angle              ? 
_diffrn_source.pdbx_wavelength_list        1.116 
_diffrn_source.pdbx_wavelength             ? 
_diffrn_source.pdbx_synchrotron_beamline   8.3.1 
_diffrn_source.pdbx_synchrotron_site       ALS 
# 
_reflns.B_iso_Wilson_estimate            13.090 
_reflns.entry_id                         4W57 
_reflns.data_reduction_details           ? 
_reflns.data_reduction_method            ? 
_reflns.d_resolution_high                1.68 
_reflns.d_resolution_low                 50.0 
_reflns.details                          ? 
_reflns.limit_h_max                      ? 
_reflns.limit_h_min                      ? 
_reflns.limit_k_max                      ? 
_reflns.limit_k_min                      ? 
_reflns.limit_l_max                      ? 
_reflns.limit_l_min                      ? 
_reflns.number_all                       ? 
_reflns.number_obs                       27714 
_reflns.observed_criterion               ? 
_reflns.observed_criterion_F_max         ? 
_reflns.observed_criterion_F_min         ? 
_reflns.observed_criterion_I_max         ? 
_reflns.observed_criterion_I_min         ? 
_reflns.observed_criterion_sigma_F       ? 
_reflns.observed_criterion_sigma_I       -3.000 
_reflns.percent_possible_obs             100.000 
_reflns.R_free_details                   ? 
_reflns.Rmerge_F_all                     ? 
_reflns.Rmerge_F_obs                     0.076 
_reflns.Friedel_coverage                 ? 
_reflns.number_gt                        ? 
_reflns.threshold_expression             ? 
_reflns.pdbx_redundancy                  9.0 
_reflns.pdbx_Rmerge_I_obs                0.089 
_reflns.pdbx_Rmerge_I_all                ? 
_reflns.pdbx_Rsym_value                  ? 
_reflns.pdbx_netI_over_av_sigmaI         ? 
_reflns.pdbx_netI_over_sigmaI            19.100 
_reflns.pdbx_res_netI_over_av_sigmaI_2   ? 
_reflns.pdbx_res_netI_over_sigmaI_2      ? 
_reflns.pdbx_chi_squared                 1.045 
_reflns.pdbx_scaling_rejects             ? 
_reflns.pdbx_d_res_high_opt              ? 
_reflns.pdbx_d_res_low_opt               ? 
_reflns.pdbx_d_res_opt_method            ? 
_reflns.phase_calculation_details        ? 
_reflns.pdbx_Rrim_I_all                  0.094 
_reflns.pdbx_Rpim_I_all                  ? 
_reflns.pdbx_d_opt                       ? 
_reflns.pdbx_number_measured_all         213922 
_reflns.pdbx_diffrn_id                   1 
_reflns.pdbx_ordinal                     1 
_reflns.pdbx_CC_half                     ? 
_reflns.pdbx_R_split                     ? 
# 
loop_
_reflns_shell.d_res_high 
_reflns_shell.d_res_low 
_reflns_shell.meanI_over_sigI_all 
_reflns_shell.meanI_over_sigI_obs 
_reflns_shell.number_measured_all 
_reflns_shell.number_measured_obs 
_reflns_shell.number_possible 
_reflns_shell.number_unique_all 
_reflns_shell.number_unique_obs 
_reflns_shell.percent_possible_all 
_reflns_shell.percent_possible_obs 
_reflns_shell.Rmerge_F_all 
_reflns_shell.Rmerge_F_obs 
_reflns_shell.Rmerge_I_all 
_reflns_shell.Rmerge_I_obs 
_reflns_shell.meanI_over_sigI_gt 
_reflns_shell.meanI_over_uI_all 
_reflns_shell.meanI_over_uI_gt 
_reflns_shell.number_measured_gt 
_reflns_shell.number_unique_gt 
_reflns_shell.percent_possible_gt 
_reflns_shell.Rmerge_F_gt 
_reflns_shell.Rmerge_I_gt 
_reflns_shell.pdbx_redundancy 
_reflns_shell.pdbx_Rsym_value 
_reflns_shell.pdbx_chi_squared 
_reflns_shell.pdbx_netI_over_sigmaI_all 
_reflns_shell.pdbx_netI_over_sigmaI_obs 
_reflns_shell.pdbx_Rrim_I_all 
_reflns_shell.pdbx_Rpim_I_all 
_reflns_shell.pdbx_rejects 
_reflns_shell.pdbx_ordinal 
_reflns_shell.pdbx_diffrn_id 
_reflns_shell.pdbx_CC_half 
_reflns_shell.pdbx_R_split 
1.680  1.780  ? 6.190  ? 34056 3720 ? 3720 100.000 ? ? 0.277 ? 0.490 ? ? ? ? ? ? ? ? ? ? ? ? ? 0.520 ? 0 1  1 ? ? 
1.780  1.880  ? 8.250  ? 27311 2967 ? 2966 100.000 ? ? 0.196 ? 0.367 ? ? ? ? ? ? ? ? ? ? ? ? ? 0.389 ? 0 2  1 ? ? 
1.880  2.010  ? 11.660 ? 28185 3059 ? 3059 100.000 ? ? 0.129 ? 0.237 ? ? ? ? ? ? ? ? ? ? ? ? ? 0.252 ? 0 3  1 ? ? 
2.010  2.170  ? 16.570 ? 25794 2806 ? 2805 100.000 ? ? 0.087 ? 0.146 ? ? ? ? ? ? ? ? ? ? ? ? ? 0.155 ? 0 4  1 ? ? 
2.170  2.380  ? 20.770 ? 24301 2669 ? 2669 100.000 ? ? 0.065 ? 0.110 ? ? ? ? ? ? ? ? ? ? ? ? ? 0.117 ? 0 5  1 ? ? 
2.380  2.660  ? 23.380 ? 21228 2363 ? 2362 100.000 ? ? 0.052 ? 0.090 ? ? ? ? ? ? ? ? ? ? ? ? ? 0.095 ? 0 6  1 ? ? 
2.660  3.070  ? 28.080 ? 18509 2120 ? 2120 100.000 ? ? 0.041 ? 0.068 ? ? ? ? ? ? ? ? ? ? ? ? ? 0.072 ? 0 7  1 ? ? 
3.070  3.760  ? 35.360 ? 15554 1819 ? 1818 99.900  ? ? 0.027 ? 0.050 ? ? ? ? ? ? ? ? ? ? ? ? ? 0.053 ? 0 8  1 ? ? 
3.760  10.000 ? 40.030 ? 18060 2129 ? 2128 100.000 ? ? 0.021 ? 0.040 ? ? ? ? ? ? ? ? ? ? ? ? ? 0.043 ? 0 9  1 ? ? 
10.000 ?      ? 36.370 ? 924   141  ? 140  99.300  ? ? 0.019 ? 0.036 ? ? ? ? ? ? ? ? ? ? ? ? ? 0.039 ? 0 10 1 ? ? 
# 
_refine.aniso_B[1][1]                            1.2343 
_refine.aniso_B[1][2]                            -0.0000 
_refine.aniso_B[1][3]                            -0.0000 
_refine.aniso_B[2][2]                            1.2343 
_refine.aniso_B[2][3]                            0.0000 
_refine.aniso_B[3][3]                            -2.4686 
_refine.B_iso_max                                55.380 
_refine.B_iso_mean                               15.4268 
_refine.B_iso_min                                4.140 
_refine.correlation_coeff_Fo_to_Fc               ? 
_refine.correlation_coeff_Fo_to_Fc_free          ? 
_refine.details                                  ? 
_refine.diff_density_max                         ? 
_refine.diff_density_max_esd                     ? 
_refine.diff_density_min                         ? 
_refine.diff_density_min_esd                     ? 
_refine.diff_density_rms                         ? 
_refine.diff_density_rms_esd                     ? 
_refine.entry_id                                 4W57 
_refine.pdbx_refine_id                           'X-RAY DIFFRACTION' 
_refine.ls_abs_structure_details                 ? 
_refine.ls_abs_structure_Flack                   ? 
_refine.ls_abs_structure_Flack_esd               ? 
_refine.ls_abs_structure_Rogers                  ? 
_refine.ls_abs_structure_Rogers_esd              ? 
_refine.ls_d_res_high                            1.6801 
_refine.ls_d_res_low                             45.9510 
_refine.ls_extinction_coef                       ? 
_refine.ls_extinction_coef_esd                   ? 
_refine.ls_extinction_expression                 ? 
_refine.ls_extinction_method                     ? 
_refine.ls_goodness_of_fit_all                   ? 
_refine.ls_goodness_of_fit_all_esd               ? 
_refine.ls_goodness_of_fit_obs                   ? 
_refine.ls_goodness_of_fit_obs_esd               ? 
_refine.ls_hydrogen_treatment                    ? 
_refine.ls_matrix_type                           ? 
_refine.ls_number_constraints                    ? 
_refine.ls_number_parameters                     ? 
_refine.ls_number_reflns_all                     ? 
_refine.ls_number_reflns_obs                     23783 
_refine.ls_number_reflns_R_free                  1189 
_refine.ls_number_reflns_R_work                  22594 
_refine.ls_number_restraints                     ? 
_refine.ls_percent_reflns_obs                    99.9700 
_refine.ls_percent_reflns_R_free                 5.0000 
_refine.ls_R_factor_all                          ? 
_refine.ls_R_factor_obs                          0.1708 
_refine.ls_R_factor_R_free                       0.1848 
_refine.ls_R_factor_R_free_error                 ? 
_refine.ls_R_factor_R_free_error_details         ? 
_refine.ls_R_factor_R_work                       0.1700 
_refine.ls_R_Fsqd_factor_obs                     ? 
_refine.ls_R_I_factor_obs                        ? 
_refine.ls_redundancy_reflns_all                 ? 
_refine.ls_redundancy_reflns_obs                 ? 
_refine.ls_restrained_S_all                      ? 
_refine.ls_restrained_S_obs                      ? 
_refine.ls_shift_over_esd_max                    ? 
_refine.ls_shift_over_esd_mean                   ? 
_refine.ls_structure_factor_coef                 ? 
_refine.ls_weighting_details                     ? 
_refine.ls_weighting_scheme                      ? 
_refine.ls_wR_factor_all                         ? 
_refine.ls_wR_factor_obs                         ? 
_refine.ls_wR_factor_R_free                      ? 
_refine.ls_wR_factor_R_work                      ? 
_refine.occupancy_max                            ? 
_refine.occupancy_min                            ? 
_refine.solvent_model_details                    'FLAT BULK SOLVENT MODEL' 
_refine.solvent_model_param_bsol                 45.1980 
_refine.solvent_model_param_ksol                 0.3870 
_refine.ls_R_factor_gt                           ? 
_refine.ls_goodness_of_fit_gt                    ? 
_refine.ls_goodness_of_fit_ref                   ? 
_refine.ls_shift_over_su_max                     ? 
_refine.ls_shift_over_su_max_lt                  ? 
_refine.ls_shift_over_su_mean                    ? 
_refine.ls_shift_over_su_mean_lt                 ? 
_refine.pdbx_ls_sigma_I                          ? 
_refine.pdbx_ls_sigma_F                          2.000 
_refine.pdbx_ls_sigma_Fsqd                       ? 
_refine.pdbx_data_cutoff_high_absF               ? 
_refine.pdbx_data_cutoff_high_rms_absF           ? 
_refine.pdbx_data_cutoff_low_absF                ? 
_refine.pdbx_isotropic_thermal_model             ? 
_refine.pdbx_ls_cross_valid_method               'FREE R-VALUE' 
_refine.pdbx_method_to_determine_struct          'MOLECULAR REPLACEMENT' 
_refine.pdbx_starting_model                      181L 
_refine.pdbx_stereochemistry_target_values       ML 
_refine.pdbx_R_Free_selection_details            'Random selection' 
_refine.pdbx_stereochem_target_val_spec_case     ? 
_refine.pdbx_overall_ESU_R                       ? 
_refine.pdbx_overall_ESU_R_Free                  ? 
_refine.pdbx_solvent_vdw_probe_radii             1.0000 
_refine.pdbx_solvent_ion_probe_radii             ? 
_refine.pdbx_solvent_shrinkage_radii             0.7200 
_refine.pdbx_real_space_R                        ? 
_refine.pdbx_density_correlation                 ? 
_refine.pdbx_pd_number_of_powder_patterns        ? 
_refine.pdbx_pd_number_of_points                 ? 
_refine.pdbx_pd_meas_number_of_points            ? 
_refine.pdbx_pd_proc_ls_prof_R_factor            ? 
_refine.pdbx_pd_proc_ls_prof_wR_factor           ? 
_refine.pdbx_pd_Marquardt_correlation_coeff      ? 
_refine.pdbx_pd_Fsqrd_R_factor                   ? 
_refine.pdbx_pd_ls_matrix_band_width             ? 
_refine.pdbx_overall_phase_error                 16.3700 
_refine.pdbx_overall_SU_R_free_Cruickshank_DPI   ? 
_refine.pdbx_overall_SU_R_free_Blow_DPI          ? 
_refine.pdbx_overall_SU_R_Blow_DPI               ? 
_refine.pdbx_TLS_residual_ADP_flag               ? 
_refine.pdbx_diffrn_id                           1 
_refine.overall_SU_B                             ? 
_refine.overall_SU_ML                            0.2600 
_refine.overall_SU_R_Cruickshank_DPI             ? 
_refine.overall_SU_R_free                        ? 
_refine.overall_FOM_free_R_set                   ? 
_refine.overall_FOM_work_R_set                   ? 
# 
_refine_hist.cycle_id                         final 
_refine_hist.pdbx_refine_id                   'X-RAY DIFFRACTION' 
_refine_hist.d_res_high                       1.6801 
_refine_hist.d_res_low                        45.9510 
_refine_hist.pdbx_number_atoms_ligand         35 
_refine_hist.number_atoms_solvent             156 
_refine_hist.number_atoms_total               1474 
_refine_hist.pdbx_number_residues_total       164 
_refine_hist.pdbx_B_iso_mean_ligand           23.86 
_refine_hist.pdbx_B_iso_mean_solvent          25.61 
_refine_hist.pdbx_number_atoms_protein        1283 
_refine_hist.pdbx_number_atoms_nucleic_acid   0 
# 
loop_
_refine_ls_restr.pdbx_refine_id 
_refine_ls_restr.criterion 
_refine_ls_restr.dev_ideal 
_refine_ls_restr.dev_ideal_target 
_refine_ls_restr.number 
_refine_ls_restr.rejects 
_refine_ls_restr.type 
_refine_ls_restr.weight 
_refine_ls_restr.pdbx_restraint_function 
'X-RAY DIFFRACTION' ? 0.009  ? 1475 ? f_bond_d           ? ? 
'X-RAY DIFFRACTION' ? 1.060  ? 2005 ? f_angle_d          ? ? 
'X-RAY DIFFRACTION' ? 0.075  ? 222  ? f_chiral_restr     ? ? 
'X-RAY DIFFRACTION' ? 0.004  ? 258  ? f_plane_restr      ? ? 
'X-RAY DIFFRACTION' ? 11.918 ? 575  ? f_dihedral_angle_d ? ? 
# 
loop_
_refine_ls_shell.pdbx_refine_id 
_refine_ls_shell.d_res_high 
_refine_ls_shell.d_res_low 
_refine_ls_shell.number_reflns_all 
_refine_ls_shell.number_reflns_obs 
_refine_ls_shell.number_reflns_R_free 
_refine_ls_shell.number_reflns_R_work 
_refine_ls_shell.percent_reflns_obs 
_refine_ls_shell.percent_reflns_R_free 
_refine_ls_shell.R_factor_all 
_refine_ls_shell.R_factor_obs 
_refine_ls_shell.R_factor_R_free 
_refine_ls_shell.R_factor_R_free_error 
_refine_ls_shell.R_factor_R_work 
_refine_ls_shell.redundancy_reflns_all 
_refine_ls_shell.redundancy_reflns_obs 
_refine_ls_shell.wR_factor_all 
_refine_ls_shell.wR_factor_obs 
_refine_ls_shell.wR_factor_R_free 
_refine_ls_shell.wR_factor_R_work 
_refine_ls_shell.pdbx_total_number_of_bins_used 
_refine_ls_shell.pdbx_phase_error 
'X-RAY DIFFRACTION' 1.6801 1.7565  2909 . 146 2763 100.0000 . . . 0.2167 . 0.1712 . . . . . . 8 . 
'X-RAY DIFFRACTION' 1.7565 1.8491  2918 . 146 2772 100.0000 . . . 0.2166 . 0.1682 . . . . . . 8 . 
'X-RAY DIFFRACTION' 1.8491 1.9650  2948 . 147 2801 100.0000 . . . 0.2103 . 0.1637 . . . . . . 8 . 
'X-RAY DIFFRACTION' 1.9650 2.1167  2927 . 146 2781 100.0000 . . . 0.1931 . 0.1533 . . . . . . 8 . 
'X-RAY DIFFRACTION' 2.1167 2.3297  2969 . 149 2820 100.0000 . . . 0.1771 . 0.1515 . . . . . . 8 . 
'X-RAY DIFFRACTION' 2.3297 2.6668  2968 . 148 2820 100.0000 . . . 0.1924 . 0.1787 . . . . . . 8 . 
'X-RAY DIFFRACTION' 2.6668 3.3597  3002 . 149 2853 100.0000 . . . 0.1870 . 0.1830 . . . . . . 8 . 
'X-RAY DIFFRACTION' 3.3597 45.9679 3142 . 158 2984 100.0000 . . . 0.1634 . 0.1729 . . . . . . 8 . 
# 
_struct.entry_id                     4W57 
_struct.title                        'T4 Lysozyme L99A with n-Butylbenzene Bound' 
_struct.pdbx_model_details           ? 
_struct.pdbx_formula_weight          ? 
_struct.pdbx_formula_weight_method   ? 
_struct.pdbx_model_type_details      ? 
_struct.pdbx_CASP_flag               ? 
# 
_struct_keywords.entry_id        4W57 
_struct_keywords.text            HYDROLASE 
_struct_keywords.pdbx_keywords   HYDROLASE 
# 
loop_
_struct_asym.id 
_struct_asym.pdbx_blank_PDB_chainid_flag 
_struct_asym.pdbx_modified 
_struct_asym.entity_id 
_struct_asym.details 
A N N 1 ? 
B N N 2 ? 
C N N 3 ? 
D N N 4 ? 
# 
loop_
_struct_conf.conf_type_id 
_struct_conf.id 
_struct_conf.pdbx_PDB_helix_id 
_struct_conf.beg_label_comp_id 
_struct_conf.beg_label_asym_id 
_struct_conf.beg_label_seq_id 
_struct_conf.pdbx_beg_PDB_ins_code 
_struct_conf.end_label_comp_id 
_struct_conf.end_label_asym_id 
_struct_conf.end_label_seq_id 
_struct_conf.pdbx_end_PDB_ins_code 
_struct_conf.beg_auth_comp_id 
_struct_conf.beg_auth_asym_id 
_struct_conf.beg_auth_seq_id 
_struct_conf.end_auth_comp_id 
_struct_conf.end_auth_asym_id 
_struct_conf.end_auth_seq_id 
_struct_conf.pdbx_PDB_helix_class 
_struct_conf.details 
_struct_conf.pdbx_PDB_helix_length 
HELX_P HELX_P1  AA1 ASN A 2   ? GLY A 12  ? ASN A 2   GLY A 12  1 ? 11 
HELX_P HELX_P2  AA2 SER A 38  ? GLY A 51  ? SER A 38  GLY A 51  1 ? 14 
HELX_P HELX_P3  AA3 THR A 59  ? ASN A 81  ? THR A 59  ASN A 81  1 ? 23 
HELX_P HELX_P4  AA4 LYS A 83  ? LEU A 91  ? LYS A 83  LEU A 91  1 ? 9  
HELX_P HELX_P5  AA5 ASP A 92  ? VAL A 111 ? ASP A 92  VAL A 111 1 ? 20 
HELX_P HELX_P6  AA6 PHE A 114 ? GLN A 123 ? PHE A 114 GLN A 123 1 ? 10 
HELX_P HELX_P7  AA7 ARG A 125 ? LYS A 135 ? ARG A 125 LYS A 135 1 ? 11 
HELX_P HELX_P8  AA8 SER A 136 ? THR A 142 ? SER A 136 THR A 142 1 ? 7  
HELX_P HELX_P9  AA9 THR A 142 ? GLY A 156 ? THR A 142 GLY A 156 1 ? 15 
HELX_P HELX_P10 AB1 TRP A 158 ? ASN A 163 ? TRP A 158 ASN A 163 1 ? 6  
# 
_struct_conf_type.id          HELX_P 
_struct_conf_type.criteria    ? 
_struct_conf_type.reference   ? 
# 
_struct_sheet.id               AA1 
_struct_sheet.type             ? 
_struct_sheet.number_strands   3 
_struct_sheet.details          ? 
# 
loop_
_struct_sheet_order.sheet_id 
_struct_sheet_order.range_id_1 
_struct_sheet_order.range_id_2 
_struct_sheet_order.offset 
_struct_sheet_order.sense 
AA1 1 2 ? anti-parallel 
AA1 2 3 ? anti-parallel 
# 
loop_
_struct_sheet_range.sheet_id 
_struct_sheet_range.id 
_struct_sheet_range.beg_label_comp_id 
_struct_sheet_range.beg_label_asym_id 
_struct_sheet_range.beg_label_seq_id 
_struct_sheet_range.pdbx_beg_PDB_ins_code 
_struct_sheet_range.end_label_comp_id 
_struct_sheet_range.end_label_asym_id 
_struct_sheet_range.end_label_seq_id 
_struct_sheet_range.pdbx_end_PDB_ins_code 
_struct_sheet_range.beg_auth_comp_id 
_struct_sheet_range.beg_auth_asym_id 
_struct_sheet_range.beg_auth_seq_id 
_struct_sheet_range.end_auth_comp_id 
_struct_sheet_range.end_auth_asym_id 
_struct_sheet_range.end_auth_seq_id 
AA1 1 ARG A 14 ? LYS A 19 ? ARG A 14 LYS A 19 
AA1 2 TYR A 25 ? GLY A 28 ? TYR A 25 GLY A 28 
AA1 3 HIS A 31 ? THR A 34 ? HIS A 31 THR A 34 
# 
loop_
_pdbx_struct_sheet_hbond.sheet_id 
_pdbx_struct_sheet_hbond.range_id_1 
_pdbx_struct_sheet_hbond.range_id_2 
_pdbx_struct_sheet_hbond.range_1_label_atom_id 
_pdbx_struct_sheet_hbond.range_1_label_comp_id 
_pdbx_struct_sheet_hbond.range_1_label_asym_id 
_pdbx_struct_sheet_hbond.range_1_label_seq_id 
_pdbx_struct_sheet_hbond.range_1_PDB_ins_code 
_pdbx_struct_sheet_hbond.range_1_auth_atom_id 
_pdbx_struct_sheet_hbond.range_1_auth_comp_id 
_pdbx_struct_sheet_hbond.range_1_auth_asym_id 
_pdbx_struct_sheet_hbond.range_1_auth_seq_id 
_pdbx_struct_sheet_hbond.range_2_label_atom_id 
_pdbx_struct_sheet_hbond.range_2_label_comp_id 
_pdbx_struct_sheet_hbond.range_2_label_asym_id 
_pdbx_struct_sheet_hbond.range_2_label_seq_id 
_pdbx_struct_sheet_hbond.range_2_PDB_ins_code 
_pdbx_struct_sheet_hbond.range_2_auth_atom_id 
_pdbx_struct_sheet_hbond.range_2_auth_comp_id 
_pdbx_struct_sheet_hbond.range_2_auth_asym_id 
_pdbx_struct_sheet_hbond.range_2_auth_seq_id 
AA1 1 2 N TYR A 18 ? N TYR A 18 O THR A 26 ? O THR A 26 
AA1 2 3 N TYR A 25 ? N TYR A 25 O LEU A 33 ? O LEU A 33 
# 
loop_
_struct_site.id 
_struct_site.pdbx_evidence_code 
_struct_site.pdbx_auth_asym_id 
_struct_site.pdbx_auth_comp_id 
_struct_site.pdbx_auth_seq_id 
_struct_site.pdbx_auth_ins_code 
_struct_site.pdbx_num_residues 
_struct_site.details 
AC1 Software A N4B 200 ? 9 'binding site for residue N4B A 200' 
AC2 Software A EPE 201 ? 7 'binding site for residue EPE A 201' 
# 
loop_
_struct_site_gen.id 
_struct_site_gen.site_id 
_struct_site_gen.pdbx_num_res 
_struct_site_gen.label_comp_id 
_struct_site_gen.label_asym_id 
_struct_site_gen.label_seq_id 
_struct_site_gen.pdbx_auth_ins_code 
_struct_site_gen.auth_comp_id 
_struct_site_gen.auth_asym_id 
_struct_site_gen.auth_seq_id 
_struct_site_gen.label_atom_id 
_struct_site_gen.label_alt_id 
_struct_site_gen.symmetry 
_struct_site_gen.details 
1  AC1 9 LEU A 84  ? LEU A 84  . ? 1_555 ? 
2  AC1 9 VAL A 87  ? VAL A 87  . ? 1_555 ? 
3  AC1 9 TYR A 88  ? TYR A 88  . ? 1_555 ? 
4  AC1 9 ALA A 99  ? ALA A 99  . ? 1_555 ? 
5  AC1 9 MET A 102 ? MET A 102 . ? 1_555 ? 
6  AC1 9 VAL A 103 ? VAL A 103 . ? 1_555 ? 
7  AC1 9 VAL A 111 ? VAL A 111 . ? 1_555 ? 
8  AC1 9 LEU A 118 ? LEU A 118 . ? 1_555 ? 
9  AC1 9 PHE A 153 ? PHE A 153 . ? 1_555 ? 
10 AC2 7 GLY A 30  ? GLY A 30  . ? 1_555 ? 
11 AC2 7 LEU A 32  ? LEU A 32  . ? 1_555 ? 
12 AC2 7 LYS A 35  ? LYS A 35  . ? 1_555 ? 
13 AC2 7 ASP A 70  ? ASP A 70  . ? 1_555 ? 
14 AC2 7 PHE A 104 ? PHE A 104 . ? 1_555 ? 
15 AC2 7 MET A 106 ? MET A 106 . ? 1_555 ? 
16 AC2 7 THR A 109 ? THR A 109 . ? 1_555 ? 
# 
_atom_sites.entry_id                    4W57 
_atom_sites.fract_transf_matrix[1][1]   -0.00804976 
_atom_sites.fract_transf_matrix[1][2]   -0.00198808 
_atom_sites.fract_transf_matrix[1][3]   -0.01725749 
_atom_sites.fract_transf_matrix[2][1]   -0.01396085 
_atom_sites.fract_transf_matrix[2][2]   0.01190119 
_atom_sites.fract_transf_matrix[2][3]   -0.00547958 
_atom_sites.fract_transf_matrix[3][1]   0.00704850 
_atom_sites.fract_transf_matrix[3][2]   0.00641435 
_atom_sites.fract_transf_matrix[3][3]   -0.00402672 
_atom_sites.fract_transf_vector[1]      -0.328057 
_atom_sites.fract_transf_vector[2]      0.450456 
_atom_sites.fract_transf_vector[3]      0.070699 
# 
loop_
_atom_type.symbol 
C 
N 
O 
S 
# 
loop_
_atom_site.group_PDB 
_atom_site.id 
_atom_site.type_symbol 
_atom_site.label_atom_id 
_atom_site.label_alt_id 
_atom_site.label_comp_id 
_atom_site.label_asym_id 
_atom_site.label_entity_id 
_atom_site.label_seq_id 
_atom_site.pdbx_PDB_ins_code 
_atom_site.Cartn_x 
_atom_site.Cartn_y 
_atom_site.Cartn_z 
_atom_site.occupancy 
_atom_site.B_iso_or_equiv 
_atom_site.pdbx_formal_charge 
_atom_site.auth_seq_id 
_atom_site.auth_comp_id 
_atom_site.auth_asym_id 
_atom_site.auth_atom_id 
_atom_site.pdbx_PDB_model_num 
ATOM   1    N N     . MET A 1 1   ? -10.517 13.821  2.588   1.00 29.58 ? 1   MET A N     1 
ATOM   2    C CA    A MET A 1 1   ? -9.799  12.610  2.223   0.30 18.45 ? 1   MET A CA    1 
ATOM   3    C CA    B MET A 1 1   ? -9.774  12.619  2.218   0.70 18.42 ? 1   MET A CA    1 
ATOM   4    C C     . MET A 1 1   ? -9.251  11.883  3.449   1.00 17.06 ? 1   MET A C     1 
ATOM   5    O O     . MET A 1 1   ? -8.880  12.498  4.450   1.00 16.77 ? 1   MET A O     1 
ATOM   6    C CB    A MET A 1 1   ? -8.665  12.941  1.254   0.30 20.59 ? 1   MET A CB    1 
ATOM   7    C CB    B MET A 1 1   ? -8.602  12.966  1.290   0.70 20.71 ? 1   MET A CB    1 
ATOM   8    C CG    A MET A 1 1   ? -7.870  11.739  0.790   0.30 14.55 ? 1   MET A CG    1 
ATOM   9    C CG    B MET A 1 1   ? -8.982  13.333  -0.143  0.70 23.05 ? 1   MET A CG    1 
ATOM   10   S SD    A MET A 1 1   ? -8.672  10.792  -0.508  0.30 16.22 ? 1   MET A SD    1 
ATOM   11   S SD    B MET A 1 1   ? -9.302  11.889  -1.173  0.70 32.25 ? 1   MET A SD    1 
ATOM   12   C CE    A MET A 1 1   ? -8.965  12.075  -1.725  0.30 25.83 ? 1   MET A CE    1 
ATOM   13   C CE    B MET A 1 1   ? -7.785  10.965  -0.928  0.70 17.78 ? 1   MET A CE    1 
ATOM   14   N N     . ASN A 1 2   ? -9.216  10.563  3.364   1.00 12.16 ? 2   ASN A N     1 
ATOM   15   C CA    . ASN A 1 2   ? -8.643  9.732   4.410   1.00 10.75 ? 2   ASN A CA    1 
ATOM   16   C C     . ASN A 1 2   ? -7.994  8.528   3.732   1.00 9.56  ? 2   ASN A C     1 
ATOM   17   O O     . ASN A 1 2   ? -8.064  8.393   2.507   1.00 9.71  ? 2   ASN A O     1 
ATOM   18   C CB    . ASN A 1 2   ? -9.724  9.297   5.412   1.00 11.80 ? 2   ASN A CB    1 
ATOM   19   C CG    . ASN A 1 2   ? -10.885 8.583   4.746   1.00 12.26 ? 2   ASN A CG    1 
ATOM   20   O OD1   . ASN A 1 2   ? -10.710 7.519   4.149   1.00 11.48 ? 2   ASN A OD1   1 
ATOM   21   N ND2   . ASN A 1 2   ? -12.080 9.154   4.858   1.00 12.93 ? 2   ASN A ND2   1 
ATOM   22   N N     . ILE A 1 3   ? -7.369  7.658   4.520   1.00 9.44  ? 3   ILE A N     1 
ATOM   23   C CA    . ILE A 1 3   ? -6.614  6.535   3.962   1.00 9.08  ? 3   ILE A CA    1 
ATOM   24   C C     . ILE A 1 3   ? -7.491  5.577   3.150   1.00 8.96  ? 3   ILE A C     1 
ATOM   25   O O     . ILE A 1 3   ? -7.039  4.993   2.157   1.00 8.82  ? 3   ILE A O     1 
ATOM   26   C CB    . ILE A 1 3   ? -5.834  5.762   5.063   1.00 9.31  ? 3   ILE A CB    1 
ATOM   27   C CG1   . ILE A 1 3   ? -4.998  4.640   4.450   1.00 8.65  ? 3   ILE A CG1   1 
ATOM   28   C CG2   . ILE A 1 3   ? -6.791  5.200   6.109   1.00 9.54  ? 3   ILE A CG2   1 
ATOM   29   C CD1   . ILE A 1 3   ? -3.932  5.122   3.459   1.00 10.14 ? 3   ILE A CD1   1 
ATOM   30   N N     . PHE A 1 4   ? -8.747  5.419   3.553   1.00 7.70  ? 4   PHE A N     1 
ATOM   31   C CA    . PHE A 1 4   ? -9.647  4.554   2.795   1.00 7.81  ? 4   PHE A CA    1 
ATOM   32   C C     . PHE A 1 4   ? -9.986  5.138   1.429   1.00 9.64  ? 4   PHE A C     1 
ATOM   33   O O     . PHE A 1 4   ? -9.971  4.428   0.425   1.00 9.75  ? 4   PHE A O     1 
ATOM   34   C CB    . PHE A 1 4   ? -10.908 4.223   3.600   1.00 9.48  ? 4   PHE A CB    1 
ATOM   35   C CG    . PHE A 1 4   ? -10.626 3.382   4.802   1.00 9.00  ? 4   PHE A CG    1 
ATOM   36   C CD1   . PHE A 1 4   ? -10.552 2.004   4.692   1.00 12.59 ? 4   PHE A CD1   1 
ATOM   37   C CD2   . PHE A 1 4   ? -10.391 3.968   6.031   1.00 10.26 ? 4   PHE A CD2   1 
ATOM   38   C CE1   . PHE A 1 4   ? -10.269 1.224   5.793   1.00 14.10 ? 4   PHE A CE1   1 
ATOM   39   C CE2   . PHE A 1 4   ? -10.102 3.194   7.133   1.00 14.33 ? 4   PHE A CE2   1 
ATOM   40   C CZ    . PHE A 1 4   ? -10.043 1.824   7.015   1.00 12.88 ? 4   PHE A CZ    1 
ATOM   41   N N     . GLU A 1 5   ? -10.274 6.434   1.382   1.00 9.73  ? 5   GLU A N     1 
ATOM   42   C CA    . GLU A 1 5   ? -10.572 7.069   0.106   1.00 9.95  ? 5   GLU A CA    1 
ATOM   43   C C     . GLU A 1 5   ? -9.351  7.058   -0.810  1.00 9.82  ? 5   GLU A C     1 
ATOM   44   O O     . GLU A 1 5   ? -9.469  6.842   -2.016  1.00 10.67 ? 5   GLU A O     1 
ATOM   45   C CB    . GLU A 1 5   ? -11.105 8.488   0.319   1.00 10.57 ? 5   GLU A CB    1 
ATOM   46   C CG    . GLU A 1 5   ? -12.462 8.497   1.028   1.00 11.18 ? 5   GLU A CG    1 
ATOM   47   C CD    . GLU A 1 5   ? -13.022 9.893   1.256   1.00 27.24 ? 5   GLU A CD    1 
ATOM   48   O OE1   . GLU A 1 5   ? -12.281 10.879  1.080   1.00 29.55 ? 5   GLU A OE1   1 
ATOM   49   O OE2   . GLU A 1 5   ? -14.213 10.004  1.615   1.00 25.67 ? 5   GLU A OE2   1 
ATOM   50   N N     . MET A 1 6   ? -8.182  7.276   -0.220  1.00 9.42  ? 6   MET A N     1 
ATOM   51   C CA    . MET A 1 6   ? -6.931  7.349   -0.969  1.00 7.51  ? 6   MET A CA    1 
ATOM   52   C C     . MET A 1 6   ? -6.627  6.008   -1.631  1.00 8.68  ? 6   MET A C     1 
ATOM   53   O O     . MET A 1 6   ? -6.348  5.935   -2.836  1.00 7.09  ? 6   MET A O     1 
ATOM   54   C CB    . MET A 1 6   ? -5.805  7.726   -0.016  1.00 8.65  ? 6   MET A CB    1 
ATOM   55   C CG    . MET A 1 6   ? -4.454  7.955   -0.667  1.00 8.28  ? 6   MET A CG    1 
ATOM   56   S SD    . MET A 1 6   ? -3.184  7.889   0.611   1.00 8.93  ? 6   MET A SD    1 
ATOM   57   C CE    . MET A 1 6   ? -1.860  8.823   -0.155  1.00 10.42 ? 6   MET A CE    1 
ATOM   58   N N     . LEU A 1 7   ? -6.678  4.939   -0.840  1.00 8.61  ? 7   LEU A N     1 
ATOM   59   C CA    . LEU A 1 7   ? -6.374  3.613   -1.365  1.00 5.24  ? 7   LEU A CA    1 
ATOM   60   C C     . LEU A 1 7   ? -7.458  3.117   -2.313  1.00 8.82  ? 7   LEU A C     1 
ATOM   61   O O     . LEU A 1 7   ? -7.164  2.381   -3.250  1.00 9.96  ? 7   LEU A O     1 
ATOM   62   C CB    . LEU A 1 7   ? -6.134  2.610   -0.228  1.00 8.58  ? 7   LEU A CB    1 
ATOM   63   C CG    . LEU A 1 7   ? -4.704  2.655   0.317   1.00 9.28  ? 7   LEU A CG    1 
ATOM   64   C CD1   . LEU A 1 7   ? -4.611  1.889   1.630   1.00 10.41 ? 7   LEU A CD1   1 
ATOM   65   C CD2   . LEU A 1 7   ? -3.711  2.103   -0.714  1.00 8.71  ? 7   LEU A CD2   1 
ATOM   66   N N     . ARG A 1 8   ? -8.705  3.526   -2.081  1.00 8.34  ? 8   ARG A N     1 
ATOM   67   C CA    . ARG A 1 8   ? -9.790  3.157   -2.991  1.00 9.99  ? 8   ARG A CA    1 
ATOM   68   C C     . ARG A 1 8   ? -9.534  3.758   -4.375  1.00 11.12 ? 8   ARG A C     1 
ATOM   69   O O     . ARG A 1 8   ? -9.771  3.115   -5.398  1.00 10.41 ? 8   ARG A O     1 
ATOM   70   C CB    . ARG A 1 8   ? -11.141 3.616   -2.436  1.00 12.15 ? 8   ARG A CB    1 
ATOM   71   C CG    . ARG A 1 8   ? -12.306 3.479   -3.401  1.00 15.15 ? 8   ARG A CG    1 
ATOM   72   C CD    . ARG A 1 8   ? -12.550 2.036   -3.815  1.00 17.04 ? 8   ARG A CD    1 
ATOM   73   N NE    . ARG A 1 8   ? -13.719 1.945   -4.687  1.00 21.32 ? 8   ARG A NE    1 
ATOM   74   C CZ    . ARG A 1 8   ? -13.701 2.198   -5.995  1.00 26.04 ? 8   ARG A CZ    1 
ATOM   75   N NH1   . ARG A 1 8   ? -12.573 2.549   -6.591  1.00 22.20 ? 8   ARG A NH1   1 
ATOM   76   N NH2   . ARG A 1 8   ? -14.817 2.098   -6.709  1.00 31.35 ? 8   ARG A NH2   1 
ATOM   77   N N     . ILE A 1 9   ? -9.029  4.988   -4.409  1.00 8.90  ? 9   ILE A N     1 
ATOM   78   C CA    . ILE A 1 9   ? -8.638  5.607   -5.674  1.00 10.51 ? 9   ILE A CA    1 
ATOM   79   C C     . ILE A 1 9   ? -7.469  4.858   -6.321  1.00 10.23 ? 9   ILE A C     1 
ATOM   80   O O     . ILE A 1 9   ? -7.492  4.547   -7.520  1.00 11.82 ? 9   ILE A O     1 
ATOM   81   C CB    . ILE A 1 9   ? -8.266  7.094   -5.472  1.00 10.92 ? 9   ILE A CB    1 
ATOM   82   C CG1   . ILE A 1 9   ? -9.525  7.913   -5.201  1.00 11.80 ? 9   ILE A CG1   1 
ATOM   83   C CG2   . ILE A 1 9   ? -7.503  7.642   -6.691  1.00 14.49 ? 9   ILE A CG2   1 
ATOM   84   C CD1   . ILE A 1 9   ? -9.248  9.292   -4.678  1.00 13.61 ? 9   ILE A CD1   1 
ATOM   85   N N     . ASP A 1 10  ? -6.444  4.555   -5.532  1.00 9.50  ? 10  ASP A N     1 
ATOM   86   C CA    . ASP A 1 10  ? -5.251  3.907   -6.073  1.00 10.09 ? 10  ASP A CA    1 
ATOM   87   C C     . ASP A 1 10  ? -5.446  2.437   -6.485  1.00 10.08 ? 10  ASP A C     1 
ATOM   88   O O     . ASP A 1 10  ? -4.817  1.974   -7.443  1.00 14.03 ? 10  ASP A O     1 
ATOM   89   C CB    . ASP A 1 10  ? -4.080  4.022   -5.093  1.00 9.19  ? 10  ASP A CB    1 
ATOM   90   C CG    . ASP A 1 10  ? -3.513  5.433   -5.022  1.00 11.71 ? 10  ASP A CG    1 
ATOM   91   O OD1   . ASP A 1 10  ? -3.675  6.190   -6.006  1.00 11.48 ? 10  ASP A OD1   1 
ATOM   92   O OD2   . ASP A 1 10  ? -2.893  5.785   -3.994  1.00 11.25 ? 10  ASP A OD2   1 
ATOM   93   N N     . GLU A 1 11  ? -6.300  1.707   -5.768  1.00 10.94 ? 11  GLU A N     1 
ATOM   94   C CA    . GLU A 1 11  ? -6.460  0.268   -6.001  1.00 9.71  ? 11  GLU A CA    1 
ATOM   95   C C     . GLU A 1 11  ? -7.690  -0.087  -6.833  1.00 10.68 ? 11  GLU A C     1 
ATOM   96   O O     . GLU A 1 11  ? -7.756  -1.165  -7.435  1.00 13.95 ? 11  GLU A O     1 
ATOM   97   C CB    . GLU A 1 11  ? -6.526  -0.485  -4.662  1.00 9.78  ? 11  GLU A CB    1 
ATOM   98   C CG    . GLU A 1 11  ? -5.287  -0.339  -3.776  1.00 12.63 ? 11  GLU A CG    1 
ATOM   99   C CD    . GLU A 1 11  ? -4.058  -1.086  -4.300  1.00 18.10 ? 11  GLU A CD    1 
ATOM   100  O OE1   . GLU A 1 11  ? -4.160  -1.782  -5.336  1.00 20.11 ? 11  GLU A OE1   1 
ATOM   101  O OE2   . GLU A 1 11  ? -2.982  -0.985  -3.667  1.00 19.89 ? 11  GLU A OE2   1 
ATOM   102  N N     . GLY A 1 12  ? -8.677  0.802   -6.844  1.00 11.13 ? 12  GLY A N     1 
ATOM   103  C CA    . GLY A 1 12  ? -9.936  0.529   -7.511  1.00 12.99 ? 12  GLY A CA    1 
ATOM   104  C C     . GLY A 1 12  ? -10.766 -0.488  -6.746  1.00 14.60 ? 12  GLY A C     1 
ATOM   105  O O     . GLY A 1 12  ? -10.436 -0.859  -5.617  1.00 12.47 ? 12  GLY A O     1 
ATOM   106  N N     . LEU A 1 13  ? -11.857 -0.926  -7.363  1.00 13.68 ? 13  LEU A N     1 
ATOM   107  C CA    . LEU A 1 13  ? -12.701 -1.957  -6.778  1.00 13.34 ? 13  LEU A CA    1 
ATOM   108  C C     . LEU A 1 13  ? -13.126 -2.930  -7.866  1.00 14.86 ? 13  LEU A C     1 
ATOM   109  O O     . LEU A 1 13  ? -13.784 -2.544  -8.834  1.00 15.01 ? 13  LEU A O     1 
ATOM   110  C CB    . LEU A 1 13  ? -13.931 -1.339  -6.113  1.00 14.03 ? 13  LEU A CB    1 
ATOM   111  C CG    . LEU A 1 13  ? -15.067 -2.298  -5.737  1.00 19.81 ? 13  LEU A CG    1 
ATOM   112  C CD1   . LEU A 1 13  ? -14.639 -3.244  -4.626  1.00 18.56 ? 13  LEU A CD1   1 
ATOM   113  C CD2   . LEU A 1 13  ? -16.295 -1.510  -5.315  1.00 23.88 ? 13  LEU A CD2   1 
ATOM   114  N N     . ARG A 1 14  ? -12.728 -4.187  -7.712  1.00 11.90 ? 14  ARG A N     1 
ATOM   115  C CA    A ARG A 1 14  ? -13.136 -5.241  -8.631  0.50 12.30 ? 14  ARG A CA    1 
ATOM   116  C CA    B ARG A 1 14  ? -13.134 -5.241  -8.630  0.50 12.30 ? 14  ARG A CA    1 
ATOM   117  C C     . ARG A 1 14  ? -13.658 -6.426  -7.826  1.00 14.15 ? 14  ARG A C     1 
ATOM   118  O O     . ARG A 1 14  ? -13.028 -6.857  -6.861  1.00 13.04 ? 14  ARG A O     1 
ATOM   119  C CB    A ARG A 1 14  ? -11.973 -5.650  -9.547  0.50 14.45 ? 14  ARG A CB    1 
ATOM   120  C CB    B ARG A 1 14  ? -11.969 -5.638  -9.545  0.50 14.46 ? 14  ARG A CB    1 
ATOM   121  C CG    A ARG A 1 14  ? -11.461 -4.505  -10.430 0.50 14.42 ? 14  ARG A CG    1 
ATOM   122  C CG    B ARG A 1 14  ? -11.735 -4.640  -10.687 0.50 14.85 ? 14  ARG A CG    1 
ATOM   123  C CD    A ARG A 1 14  ? -10.366 -4.951  -11.408 0.50 17.05 ? 14  ARG A CD    1 
ATOM   124  C CD    B ARG A 1 14  ? -10.322 -4.718  -11.277 0.50 17.16 ? 14  ARG A CD    1 
ATOM   125  N NE    A ARG A 1 14  ? -10.867 -5.871  -12.427 0.50 22.34 ? 14  ARG A NE    1 
ATOM   126  N NE    B ARG A 1 14  ? -9.365  -3.931  -10.501 0.50 19.06 ? 14  ARG A NE    1 
ATOM   127  C CZ    A ARG A 1 14  ? -10.163 -6.290  -13.476 0.50 24.61 ? 14  ARG A CZ    1 
ATOM   128  C CZ    B ARG A 1 14  ? -8.148  -3.596  -10.919 0.50 18.79 ? 14  ARG A CZ    1 
ATOM   129  N NH1   A ARG A 1 14  ? -8.916  -5.870  -13.661 0.50 13.95 ? 14  ARG A NH1   1 
ATOM   130  N NH1   B ARG A 1 14  ? -7.722  -3.972  -12.120 0.50 16.56 ? 14  ARG A NH1   1 
ATOM   131  N NH2   A ARG A 1 14  ? -10.709 -7.130  -14.346 0.50 23.78 ? 14  ARG A NH2   1 
ATOM   132  N NH2   B ARG A 1 14  ? -7.356  -2.876  -10.137 0.50 21.97 ? 14  ARG A NH2   1 
ATOM   133  N N     . LEU A 1 15  ? -14.824 -6.938  -8.210  1.00 11.36 ? 15  LEU A N     1 
ATOM   134  C CA    . LEU A 1 15  ? -15.478 -7.978  -7.420  1.00 10.58 ? 15  LEU A CA    1 
ATOM   135  C C     . LEU A 1 15  ? -15.175 -9.404  -7.873  1.00 15.79 ? 15  LEU A C     1 
ATOM   136  O O     . LEU A 1 15  ? -15.592 -10.368 -7.227  1.00 14.92 ? 15  LEU A O     1 
ATOM   137  C CB    . LEU A 1 15  ? -16.992 -7.744  -7.393  1.00 11.19 ? 15  LEU A CB    1 
ATOM   138  C CG    . LEU A 1 15  ? -17.454 -6.404  -6.810  1.00 17.47 ? 15  LEU A CG    1 
ATOM   139  C CD1   . LEU A 1 15  ? -18.977 -6.332  -6.754  1.00 19.84 ? 15  LEU A CD1   1 
ATOM   140  C CD2   . LEU A 1 15  ? -16.854 -6.181  -5.429  1.00 15.81 ? 15  LEU A CD2   1 
ATOM   141  N N     . LYS A 1 16  ? -14.450 -9.536  -8.975  1.00 10.58 ? 16  LYS A N     1 
ATOM   142  C CA    . LYS A 1 16  ? -14.023 -10.838 -9.459  1.00 9.18  ? 16  LYS A CA    1 
ATOM   143  C C     . LYS A 1 16  ? -12.499 -10.898 -9.439  1.00 10.46 ? 16  LYS A C     1 
ATOM   144  O O     . LYS A 1 16  ? -11.828 -9.871  -9.604  1.00 13.94 ? 16  LYS A O     1 
ATOM   145  C CB    . LYS A 1 16  ? -14.548 -11.071 -10.882 1.00 18.39 ? 16  LYS A CB    1 
ATOM   146  N N     . ILE A 1 17  ? -11.948 -12.086 -9.229  1.00 9.42  ? 17  ILE A N     1 
ATOM   147  C CA    . ILE A 1 17  ? -10.497 -12.247 -9.223  1.00 8.52  ? 17  ILE A CA    1 
ATOM   148  C C     . ILE A 1 17  ? -9.862  -11.623 -10.461 1.00 13.46 ? 17  ILE A C     1 
ATOM   149  O O     . ILE A 1 17  ? -10.306 -11.863 -11.586 1.00 14.21 ? 17  ILE A O     1 
ATOM   150  C CB    . ILE A 1 17  ? -10.088 -13.727 -9.124  1.00 11.32 ? 17  ILE A CB    1 
ATOM   151  C CG1   . ILE A 1 17  ? -10.490 -14.294 -7.758  1.00 10.02 ? 17  ILE A CG1   1 
ATOM   152  C CG2   . ILE A 1 17  ? -8.590  -13.889 -9.348  1.00 14.16 ? 17  ILE A CG2   1 
ATOM   153  C CD1   . ILE A 1 17  ? -10.210 -15.780 -7.595  1.00 13.23 ? 17  ILE A CD1   1 
ATOM   154  N N     . TYR A 1 18  ? -8.828  -10.816 -10.240 1.00 9.21  ? 18  TYR A N     1 
ATOM   155  C CA    . TYR A 1 18  ? -8.104  -10.175 -11.333 1.00 12.12 ? 18  TYR A CA    1 
ATOM   156  C C     . TYR A 1 18  ? -6.605  -10.276 -11.080 1.00 11.98 ? 18  TYR A C     1 
ATOM   157  O O     . TYR A 1 18  ? -6.177  -10.678 -10.000 1.00 11.56 ? 18  TYR A O     1 
ATOM   158  C CB    . TYR A 1 18  ? -8.526  -8.703  -11.482 1.00 12.61 ? 18  TYR A CB    1 
ATOM   159  C CG    . TYR A 1 18  ? -8.209  -7.795  -10.300 1.00 12.04 ? 18  TYR A CG    1 
ATOM   160  C CD1   . TYR A 1 18  ? -9.064  -7.718  -9.205  1.00 12.78 ? 18  TYR A CD1   1 
ATOM   161  C CD2   . TYR A 1 18  ? -7.078  -6.973  -10.304 1.00 15.53 ? 18  TYR A CD2   1 
ATOM   162  C CE1   . TYR A 1 18  ? -8.796  -6.872  -8.134  1.00 14.38 ? 18  TYR A CE1   1 
ATOM   163  C CE2   . TYR A 1 18  ? -6.800  -6.124  -9.230  1.00 13.65 ? 18  TYR A CE2   1 
ATOM   164  C CZ    . TYR A 1 18  ? -7.661  -6.083  -8.148  1.00 20.72 ? 18  TYR A CZ    1 
ATOM   165  O OH    . TYR A 1 18  ? -7.393  -5.242  -7.079  1.00 18.08 ? 18  TYR A OH    1 
ATOM   166  N N     . LYS A 1 19  ? -5.797  -9.928  -12.075 1.00 10.94 ? 19  LYS A N     1 
ATOM   167  C CA    . LYS A 1 19  ? -4.361  -9.856  -11.841 1.00 12.58 ? 19  LYS A CA    1 
ATOM   168  C C     . LYS A 1 19  ? -3.969  -8.414  -11.612 1.00 11.17 ? 19  LYS A C     1 
ATOM   169  O O     . LYS A 1 19  ? -4.409  -7.529  -12.348 1.00 15.67 ? 19  LYS A O     1 
ATOM   170  C CB    . LYS A 1 19  ? -3.579  -10.436 -13.011 1.00 13.58 ? 19  LYS A CB    1 
ATOM   171  C CG    . LYS A 1 19  ? -3.667  -11.941 -13.124 1.00 16.27 ? 19  LYS A CG    1 
ATOM   172  C CD    . LYS A 1 19  ? -2.802  -12.431 -14.267 1.00 15.77 ? 19  LYS A CD    1 
ATOM   173  C CE    . LYS A 1 19  ? -2.792  -13.945 -14.349 1.00 22.73 ? 19  LYS A CE    1 
ATOM   174  N NZ    . LYS A 1 19  ? -1.984  -14.404 -15.516 1.00 25.84 ? 19  LYS A NZ    1 
ATOM   175  N N     . ASP A 1 20  ? -3.153  -8.180  -10.587 1.00 10.47 ? 20  ASP A N     1 
ATOM   176  C CA    . ASP A 1 20  ? -2.723  -6.830  -10.250 1.00 12.19 ? 20  ASP A CA    1 
ATOM   177  C C     . ASP A 1 20  ? -1.627  -6.396  -11.214 1.00 15.11 ? 20  ASP A C     1 
ATOM   178  O O     . ASP A 1 20  ? -1.338  -7.097  -12.184 1.00 13.71 ? 20  ASP A O     1 
ATOM   179  C CB    . ASP A 1 20  ? -2.284  -6.722  -8.779  1.00 16.31 ? 20  ASP A CB    1 
ATOM   180  C CG    . ASP A 1 20  ? -0.971  -7.437  -8.482  1.00 18.81 ? 20  ASP A CG    1 
ATOM   181  O OD1   . ASP A 1 20  ? -0.323  -7.980  -9.402  1.00 15.86 ? 20  ASP A OD1   1 
ATOM   182  O OD2   . ASP A 1 20  ? -0.573  -7.445  -7.295  1.00 24.34 ? 20  ASP A OD2   1 
ATOM   183  N N     . THR A 1 21  ? -1.010  -5.250  -10.957 1.00 13.74 ? 21  THR A N     1 
ATOM   184  C CA    A THR A 1 21  ? 0.001   -4.697  -11.857 0.60 12.64 ? 21  THR A CA    1 
ATOM   185  C CA    B THR A 1 21  ? -0.043  -4.750  -11.923 0.40 12.65 ? 21  THR A CA    1 
ATOM   186  C C     . THR A 1 21  ? 1.218   -5.608  -12.001 1.00 15.19 ? 21  THR A C     1 
ATOM   187  O O     . THR A 1 21  ? 1.974   -5.508  -12.969 1.00 14.48 ? 21  THR A O     1 
ATOM   188  C CB    A THR A 1 21  ? 0.489   -3.313  -11.370 0.60 15.27 ? 21  THR A CB    1 
ATOM   189  C CB    B THR A 1 21  ? 0.329   -3.282  -11.687 0.40 15.35 ? 21  THR A CB    1 
ATOM   190  O OG1   A THR A 1 21  ? 1.200   -3.464  -10.137 0.60 15.01 ? 21  THR A OG1   1 
ATOM   191  O OG1   B THR A 1 21  ? 1.078   -2.809  -12.812 0.40 14.96 ? 21  THR A OG1   1 
ATOM   192  C CG2   A THR A 1 21  ? -0.681  -2.357  -11.167 0.60 14.85 ? 21  THR A CG2   1 
ATOM   193  C CG2   B THR A 1 21  ? 1.156   -3.141  -10.424 0.40 15.22 ? 21  THR A CG2   1 
ATOM   194  N N     . GLU A 1 22  ? 1.430   -6.481  -11.013 1.00 12.83 ? 22  GLU A N     1 
ATOM   195  C CA    . GLU A 1 22  ? 2.579   -7.384  -11.031 1.00 13.50 ? 22  GLU A CA    1 
ATOM   196  C C     . GLU A 1 22  ? 2.220   -8.767  -11.579 1.00 13.33 ? 22  GLU A C     1 
ATOM   197  O O     . GLU A 1 22  ? 3.074   -9.654  -11.660 1.00 15.24 ? 22  GLU A O     1 
ATOM   198  C CB    . GLU A 1 22  ? 3.179   -7.535  -9.630  1.00 13.74 ? 22  GLU A CB    1 
ATOM   199  C CG    . GLU A 1 22  ? 3.662   -6.241  -9.006  1.00 18.32 ? 22  GLU A CG    1 
ATOM   200  C CD    . GLU A 1 22  ? 4.983   -5.753  -9.581  0.60 20.63 ? 22  GLU A CD    1 
ATOM   201  O OE1   . GLU A 1 22  ? 5.595   -6.473  -10.397 0.60 18.79 ? 22  GLU A OE1   1 
ATOM   202  O OE2   . GLU A 1 22  ? 5.409   -4.642  -9.202  0.60 20.20 ? 22  GLU A OE2   1 
ATOM   203  N N     . GLY A 1 23  ? 0.955   -8.947  -11.950 1.00 12.45 ? 23  GLY A N     1 
ATOM   204  C CA    . GLY A 1 23  ? 0.478   -10.216 -12.475 1.00 12.15 ? 23  GLY A CA    1 
ATOM   205  C C     . GLY A 1 23  ? -0.019  -11.208 -11.435 1.00 12.23 ? 23  GLY A C     1 
ATOM   206  O O     . GLY A 1 23  ? -0.233  -12.376 -11.749 1.00 15.22 ? 23  GLY A O     1 
ATOM   207  N N     . TYR A 1 24  ? -0.213  -10.746 -10.203 1.00 11.67 ? 24  TYR A N     1 
ATOM   208  C CA    . TYR A 1 24  ? -0.672  -11.617 -9.113  1.00 11.35 ? 24  TYR A CA    1 
ATOM   209  C C     . TYR A 1 24  ? -2.181  -11.588 -8.914  1.00 9.24  ? 24  TYR A C     1 
ATOM   210  O O     . TYR A 1 24  ? -2.811  -10.533 -8.974  1.00 11.06 ? 24  TYR A O     1 
ATOM   211  C CB    . TYR A 1 24  ? -0.030  -11.210 -7.791  1.00 11.62 ? 24  TYR A CB    1 
ATOM   212  C CG    . TYR A 1 24  ? 1.475   -11.272 -7.766  1.00 14.58 ? 24  TYR A CG    1 
ATOM   213  C CD1   . TYR A 1 24  ? 2.152   -12.380 -8.251  1.00 18.76 ? 24  TYR A CD1   1 
ATOM   214  C CD2   . TYR A 1 24  ? 2.215   -10.220 -7.251  1.00 16.94 ? 24  TYR A CD2   1 
ATOM   215  C CE1   . TYR A 1 24  ? 3.538   -12.435 -8.223  1.00 23.59 ? 24  TYR A CE1   1 
ATOM   216  C CE2   . TYR A 1 24  ? 3.596   -10.265 -7.219  1.00 22.21 ? 24  TYR A CE2   1 
ATOM   217  C CZ    . TYR A 1 24  ? 4.251   -11.372 -7.706  1.00 28.00 ? 24  TYR A CZ    1 
ATOM   218  O OH    . TYR A 1 24  ? 5.628   -11.417 -7.670  1.00 31.06 ? 24  TYR A OH    1 
ATOM   219  N N     . TYR A 1 25  ? -2.757  -12.751 -8.639  1.00 9.26  ? 25  TYR A N     1 
ATOM   220  C CA    . TYR A 1 25  ? -4.192  -12.832 -8.401  1.00 8.99  ? 25  TYR A CA    1 
ATOM   221  C C     . TYR A 1 25  ? -4.596  -12.035 -7.168  1.00 9.20  ? 25  TYR A C     1 
ATOM   222  O O     . TYR A 1 25  ? -4.017  -12.189 -6.090  1.00 9.68  ? 25  TYR A O     1 
ATOM   223  C CB    . TYR A 1 25  ? -4.638  -14.280 -8.261  1.00 9.05  ? 25  TYR A CB    1 
ATOM   224  C CG    . TYR A 1 25  ? -4.547  -15.050 -9.553  1.00 9.40  ? 25  TYR A CG    1 
ATOM   225  C CD1   . TYR A 1 25  ? -5.331  -14.696 -10.643 1.00 13.77 ? 25  TYR A CD1   1 
ATOM   226  C CD2   . TYR A 1 25  ? -3.692  -16.139 -9.677  1.00 13.98 ? 25  TYR A CD2   1 
ATOM   227  C CE1   . TYR A 1 25  ? -5.260  -15.401 -11.833 1.00 16.38 ? 25  TYR A CE1   1 
ATOM   228  C CE2   . TYR A 1 25  ? -3.615  -16.852 -10.862 1.00 15.45 ? 25  TYR A CE2   1 
ATOM   229  C CZ    . TYR A 1 25  ? -4.401  -16.478 -11.932 1.00 21.62 ? 25  TYR A CZ    1 
ATOM   230  O OH    . TYR A 1 25  ? -4.329  -17.183 -13.113 1.00 26.83 ? 25  TYR A OH    1 
ATOM   231  N N     . THR A 1 26  ? -5.618  -11.212 -7.356  1.00 6.97  ? 26  THR A N     1 
ATOM   232  C CA    . THR A 1 26  ? -6.031  -10.196 -6.402  1.00 8.66  ? 26  THR A CA    1 
ATOM   233  C C     . THR A 1 26  ? -7.544  -10.082 -6.500  1.00 10.85 ? 26  THR A C     1 
ATOM   234  O O     . THR A 1 26  ? -8.143  -10.519 -7.481  1.00 10.73 ? 26  THR A O     1 
ATOM   235  C CB    . THR A 1 26  ? -5.367  -8.844  -6.781  1.00 10.83 ? 26  THR A CB    1 
ATOM   236  O OG1   . THR A 1 26  ? -3.944  -9.006  -6.753  1.00 12.82 ? 26  THR A OG1   1 
ATOM   237  C CG2   . THR A 1 26  ? -5.752  -7.725  -5.815  1.00 11.27 ? 26  THR A CG2   1 
ATOM   238  N N     . ILE A 1 27  ? -8.184  -9.508  -5.491  1.00 8.91  ? 27  ILE A N     1 
ATOM   239  C CA    . ILE A 1 27  ? -9.609  -9.246  -5.596  1.00 8.28  ? 27  ILE A CA    1 
ATOM   240  C C     . ILE A 1 27  ? -9.958  -8.024  -4.768  1.00 8.91  ? 27  ILE A C     1 
ATOM   241  O O     . ILE A 1 27  ? -9.160  -7.589  -3.947  1.00 8.90  ? 27  ILE A O     1 
ATOM   242  C CB    . ILE A 1 27  ? -10.444 -10.466 -5.138  1.00 8.44  ? 27  ILE A CB    1 
ATOM   243  C CG1   . ILE A 1 27  ? -11.899 -10.331 -5.614  1.00 11.28 ? 27  ILE A CG1   1 
ATOM   244  C CG2   . ILE A 1 27  ? -10.326 -10.667 -3.619  1.00 11.89 ? 27  ILE A CG2   1 
ATOM   245  C CD1   . ILE A 1 27  ? -12.664 -11.652 -5.654  1.00 12.59 ? 27  ILE A CD1   1 
ATOM   246  N N     . GLY A 1 28  ? -11.138 -7.459  -4.998  1.00 8.53  ? 28  GLY A N     1 
ATOM   247  C CA    . GLY A 1 28  ? -11.628 -6.374  -4.164  1.00 9.71  ? 28  GLY A CA    1 
ATOM   248  C C     . GLY A 1 28  ? -10.852 -5.086  -4.355  1.00 10.52 ? 28  GLY A C     1 
ATOM   249  O O     . GLY A 1 28  ? -10.632 -4.636  -5.484  1.00 10.70 ? 28  GLY A O     1 
ATOM   250  N N     . ILE A 1 29  ? -10.446 -4.488  -3.239  1.00 8.15  ? 29  ILE A N     1 
ATOM   251  C CA    . ILE A 1 29  ? -9.681  -3.250  -3.262  1.00 8.55  ? 29  ILE A CA    1 
ATOM   252  C C     . ILE A 1 29  ? -8.214  -3.588  -3.003  1.00 7.40  ? 29  ILE A C     1 
ATOM   253  O O     . ILE A 1 29  ? -7.673  -3.349  -1.925  1.00 9.98  ? 29  ILE A O     1 
ATOM   254  C CB    . ILE A 1 29  ? -10.231 -2.248  -2.228  1.00 9.32  ? 29  ILE A CB    1 
ATOM   255  C CG1   . ILE A 1 29  ? -11.743 -2.076  -2.431  1.00 13.45 ? 29  ILE A CG1   1 
ATOM   256  C CG2   . ILE A 1 29  ? -9.497  -0.912  -2.332  1.00 11.37 ? 29  ILE A CG2   1 
ATOM   257  C CD1   . ILE A 1 29  ? -12.431 -1.293  -1.337  1.00 19.36 ? 29  ILE A CD1   1 
ATOM   258  N N     . GLY A 1 30  ? -7.585  -4.197  -4.002  1.00 9.56  ? 30  GLY A N     1 
ATOM   259  C CA    . GLY A 1 30  ? -6.182  -4.544  -3.914  1.00 9.94  ? 30  GLY A CA    1 
ATOM   260  C C     . GLY A 1 30  ? -5.848  -5.604  -2.882  1.00 11.00 ? 30  GLY A C     1 
ATOM   261  O O     . GLY A 1 30  ? -4.760  -5.583  -2.312  1.00 12.10 ? 30  GLY A O     1 
ATOM   262  N N     . HIS A 1 31  ? -6.763  -6.539  -2.636  1.00 9.31  ? 31  HIS A N     1 
ATOM   263  C CA    . HIS A 1 31  ? -6.457  -7.631  -1.724  1.00 9.13  ? 31  HIS A CA    1 
ATOM   264  C C     . HIS A 1 31  ? -5.711  -8.758  -2.436  1.00 9.81  ? 31  HIS A C     1 
ATOM   265  O O     . HIS A 1 31  ? -6.309  -9.524  -3.201  1.00 9.53  ? 31  HIS A O     1 
ATOM   266  C CB    . HIS A 1 31  ? -7.717  -8.201  -1.078  1.00 10.06 ? 31  HIS A CB    1 
ATOM   267  C CG    . HIS A 1 31  ? -7.426  -9.334  -0.148  1.00 10.24 ? 31  HIS A CG    1 
ATOM   268  N ND1   . HIS A 1 31  ? -6.982  -9.138  1.141   1.00 15.89 ? 31  HIS A ND1   1 
ATOM   269  C CD2   . HIS A 1 31  ? -7.445  -10.673 -0.342  1.00 12.88 ? 31  HIS A CD2   1 
ATOM   270  C CE1   . HIS A 1 31  ? -6.770  -10.309 1.713   1.00 16.25 ? 31  HIS A CE1   1 
ATOM   271  N NE2   . HIS A 1 31  ? -7.046  -11.258 0.837   1.00 12.70 ? 31  HIS A NE2   1 
ATOM   272  N N     . LEU A 1 32  ? -4.408  -8.862  -2.184  1.00 8.56  ? 32  LEU A N     1 
ATOM   273  C CA    . LEU A 1 32  ? -3.599  -9.913  -2.803  1.00 8.54  ? 32  LEU A CA    1 
ATOM   274  C C     . LEU A 1 32  ? -4.037  -11.279 -2.306  1.00 9.01  ? 32  LEU A C     1 
ATOM   275  O O     . LEU A 1 32  ? -4.137  -11.510 -1.099  1.00 11.16 ? 32  LEU A O     1 
ATOM   276  C CB    . LEU A 1 32  ? -2.116  -9.704  -2.483  1.00 11.15 ? 32  LEU A CB    1 
ATOM   277  C CG    . LEU A 1 32  ? -1.146  -10.812 -2.906  1.00 14.33 ? 32  LEU A CG    1 
ATOM   278  C CD1   . LEU A 1 32  ? -1.102  -10.915 -4.422  1.00 13.07 ? 32  LEU A CD1   1 
ATOM   279  C CD2   . LEU A 1 32  ? 0.248   -10.539 -2.347  1.00 16.60 ? 32  LEU A CD2   1 
ATOM   280  N N     . LEU A 1 33  ? -4.311  -12.188 -3.235  1.00 9.32  ? 33  LEU A N     1 
ATOM   281  C CA    . LEU A 1 33  ? -4.729  -13.532 -2.849  1.00 10.02 ? 33  LEU A CA    1 
ATOM   282  C C     . LEU A 1 33  ? -3.545  -14.486 -2.772  1.00 12.19 ? 33  LEU A C     1 
ATOM   283  O O     . LEU A 1 33  ? -3.428  -15.263 -1.823  1.00 16.11 ? 33  LEU A O     1 
ATOM   284  C CB    . LEU A 1 33  ? -5.783  -14.064 -3.819  1.00 9.13  ? 33  LEU A CB    1 
ATOM   285  C CG    . LEU A 1 33  ? -7.144  -13.390 -3.669  1.00 10.68 ? 33  LEU A CG    1 
ATOM   286  C CD1   . LEU A 1 33  ? -8.040  -13.730 -4.862  1.00 12.01 ? 33  LEU A CD1   1 
ATOM   287  C CD2   . LEU A 1 33  ? -7.807  -13.801 -2.353  1.00 9.97  ? 33  LEU A CD2   1 
ATOM   288  N N     . THR A 1 34  ? -2.674  -14.427 -3.773  1.00 12.24 ? 34  THR A N     1 
ATOM   289  C CA    . THR A 1 34  ? -1.513  -15.310 -3.832  1.00 14.69 ? 34  THR A CA    1 
ATOM   290  C C     . THR A 1 34  ? -0.558  -14.851 -4.913  1.00 12.26 ? 34  THR A C     1 
ATOM   291  O O     . THR A 1 34  ? -0.958  -14.190 -5.871  1.00 14.75 ? 34  THR A O     1 
ATOM   292  C CB    . THR A 1 34  ? -1.913  -16.787 -4.117  1.00 19.49 ? 34  THR A CB    1 
ATOM   293  O OG1   . THR A 1 34  ? -0.742  -17.615 -4.115  1.00 22.96 ? 34  THR A OG1   1 
ATOM   294  C CG2   . THR A 1 34  ? -2.612  -16.918 -5.468  1.00 15.99 ? 34  THR A CG2   1 
ATOM   295  N N     . LYS A 1 35  ? 0.713   -15.197 -4.760  1.00 14.62 ? 35  LYS A N     1 
ATOM   296  C CA    . LYS A 1 35  ? 1.679   -14.930 -5.814  1.00 16.55 ? 35  LYS A CA    1 
ATOM   297  C C     . LYS A 1 35  ? 1.842   -16.151 -6.714  1.00 16.84 ? 35  LYS A C     1 
ATOM   298  O O     . LYS A 1 35  ? 2.585   -16.116 -7.696  1.00 22.75 ? 35  LYS A O     1 
ATOM   299  C CB    . LYS A 1 35  ? 3.020   -14.480 -5.229  1.00 18.76 ? 35  LYS A CB    1 
ATOM   300  C CG    . LYS A 1 35  ? 2.939   -13.132 -4.530  1.00 19.43 ? 35  LYS A CG    1 
ATOM   301  C CD    . LYS A 1 35  ? 4.304   -12.637 -4.071  1.00 26.16 ? 35  LYS A CD    1 
ATOM   302  C CE    . LYS A 1 35  ? 4.167   -11.318 -3.323  1.00 30.65 ? 35  LYS A CE    1 
ATOM   303  N NZ    . LYS A 1 35  ? 5.481   -10.776 -2.873  1.00 32.48 ? 35  LYS A NZ    1 
ATOM   304  N N     . SER A 1 36  ? 1.131   -17.223 -6.380  1.00 18.55 ? 36  SER A N     1 
ATOM   305  C CA    . SER A 1 36  ? 1.132   -18.431 -7.204  1.00 21.37 ? 36  SER A CA    1 
ATOM   306  C C     . SER A 1 36  ? 0.443   -18.209 -8.547  1.00 21.68 ? 36  SER A C     1 
ATOM   307  O O     . SER A 1 36  ? -0.585  -17.535 -8.621  1.00 18.86 ? 36  SER A O     1 
ATOM   308  C CB    . SER A 1 36  ? 0.450   -19.580 -6.464  1.00 23.14 ? 36  SER A CB    1 
ATOM   309  O OG    . SER A 1 36  ? 0.159   -20.638 -7.357  1.00 24.79 ? 36  SER A OG    1 
ATOM   310  N N     . PRO A 1 37  ? 1.003   -18.787 -9.619  1.00 20.95 ? 37  PRO A N     1 
ATOM   311  C CA    . PRO A 1 37  ? 0.391   -18.663 -10.947 1.00 21.70 ? 37  PRO A CA    1 
ATOM   312  C C     . PRO A 1 37  ? -0.903  -19.464 -11.092 1.00 22.15 ? 37  PRO A C     1 
ATOM   313  O O     . PRO A 1 37  ? -1.566  -19.377 -12.126 1.00 23.14 ? 37  PRO A O     1 
ATOM   314  C CB    . PRO A 1 37  ? 1.470   -19.223 -11.880 1.00 29.51 ? 37  PRO A CB    1 
ATOM   315  C CG    . PRO A 1 37  ? 2.259   -20.151 -11.025 1.00 27.26 ? 37  PRO A CG    1 
ATOM   316  C CD    . PRO A 1 37  ? 2.271   -19.536 -9.656  1.00 21.54 ? 37  PRO A CD    1 
ATOM   317  N N     . SER A 1 38  ? -1.269  -20.215 -10.059 1.00 20.18 ? 38  SER A N     1 
ATOM   318  C CA    . SER A 1 38  ? -2.445  -21.082 -10.124 1.00 20.40 ? 38  SER A CA    1 
ATOM   319  C C     . SER A 1 38  ? -3.733  -20.372 -9.717  1.00 18.51 ? 38  SER A C     1 
ATOM   320  O O     . SER A 1 38  ? -3.880  -19.951 -8.569  1.00 17.07 ? 38  SER A O     1 
ATOM   321  C CB    . SER A 1 38  ? -2.239  -22.309 -9.232  1.00 23.12 ? 38  SER A CB    1 
ATOM   322  O OG    . SER A 1 38  ? -3.466  -22.988 -9.025  1.00 25.46 ? 38  SER A OG    1 
ATOM   323  N N     . LEU A 1 39  ? -4.674  -20.253 -10.649 1.00 17.41 ? 39  LEU A N     1 
ATOM   324  C CA    . LEU A 1 39  ? -5.966  -19.652 -10.335 1.00 17.32 ? 39  LEU A CA    1 
ATOM   325  C C     . LEU A 1 39  ? -6.681  -20.469 -9.263  1.00 17.24 ? 39  LEU A C     1 
ATOM   326  O O     . LEU A 1 39  ? -7.396  -19.923 -8.416  1.00 15.14 ? 39  LEU A O     1 
ATOM   327  C CB    . LEU A 1 39  ? -6.840  -19.543 -11.587 1.00 18.74 ? 39  LEU A CB    1 
ATOM   328  C CG    . LEU A 1 39  ? -8.273  -19.050 -11.368 1.00 20.05 ? 39  LEU A CG    1 
ATOM   329  C CD1   . LEU A 1 39  ? -8.304  -17.630 -10.813 1.00 16.37 ? 39  LEU A CD1   1 
ATOM   330  C CD2   . LEU A 1 39  ? -9.081  -19.137 -12.657 1.00 30.74 ? 39  LEU A CD2   1 
ATOM   331  N N     . ASN A 1 40  ? -6.495  -21.783 -9.298  1.00 17.25 ? 40  ASN A N     1 
ATOM   332  C CA    . ASN A 1 40  ? -7.114  -22.628 -8.285  1.00 14.48 ? 40  ASN A CA    1 
ATOM   333  C C     . ASN A 1 40  ? -6.595  -22.308 -6.887  1.00 14.46 ? 40  ASN A C     1 
ATOM   334  O O     . ASN A 1 40  ? -7.363  -22.301 -5.928  1.00 16.10 ? 40  ASN A O     1 
ATOM   335  C CB    . ASN A 1 40  ? -6.926  -24.111 -8.605  1.00 26.01 ? 40  ASN A CB    1 
ATOM   336  C CG    . ASN A 1 40  ? -7.900  -24.601 -9.650  1.00 30.49 ? 40  ASN A CG    1 
ATOM   337  O OD1   . ASN A 1 40  ? -8.918  -23.960 -9.912  1.00 32.23 ? 40  ASN A OD1   1 
ATOM   338  N ND2   . ASN A 1 40  ? -7.600  -25.747 -10.251 1.00 37.04 ? 40  ASN A ND2   1 
ATOM   339  N N     . ALA A 1 41  ? -5.298  -22.040 -6.778  1.00 17.05 ? 41  ALA A N     1 
ATOM   340  C CA    . ALA A 1 41  ? -4.708  -21.643 -5.504  1.00 16.32 ? 41  ALA A CA    1 
ATOM   341  C C     . ALA A 1 41  ? -5.322  -20.331 -5.034  1.00 16.89 ? 41  ALA A C     1 
ATOM   342  O O     . ALA A 1 41  ? -5.630  -20.167 -3.855  1.00 13.24 ? 41  ALA A O     1 
ATOM   343  C CB    . ALA A 1 41  ? -3.202  -21.509 -5.628  1.00 16.80 ? 41  ALA A CB    1 
ATOM   344  N N     . ALA A 1 42  ? -5.501  -19.398 -5.961  1.00 11.35 ? 42  ALA A N     1 
ATOM   345  C CA    . ALA A 1 42  ? -6.128  -18.114 -5.635  1.00 12.39 ? 42  ALA A CA    1 
ATOM   346  C C     . ALA A 1 42  ? -7.568  -18.279 -5.166  1.00 13.62 ? 42  ALA A C     1 
ATOM   347  O O     . ALA A 1 42  ? -8.007  -17.611 -4.226  1.00 11.72 ? 42  ALA A O     1 
ATOM   348  C CB    . ALA A 1 42  ? -6.069  -17.174 -6.828  1.00 12.93 ? 42  ALA A CB    1 
ATOM   349  N N     . LYS A 1 43  ? -8.314  -19.156 -5.834  1.00 12.59 ? 43  LYS A N     1 
ATOM   350  C CA    . LYS A 1 43  ? -9.702  -19.398 -5.459  1.00 11.38 ? 43  LYS A CA    1 
ATOM   351  C C     . LYS A 1 43  ? -9.793  -19.996 -4.057  1.00 11.59 ? 43  LYS A C     1 
ATOM   352  O O     . LYS A 1 43  ? -10.685 -19.639 -3.285  1.00 11.84 ? 43  LYS A O     1 
ATOM   353  C CB    . LYS A 1 43  ? -10.397 -20.288 -6.484  1.00 13.72 ? 43  LYS A CB    1 
ATOM   354  C CG    . LYS A 1 43  ? -10.720 -19.551 -7.766  1.00 17.74 ? 43  LYS A CG    1 
ATOM   355  C CD    . LYS A 1 43  ? -11.300 -20.477 -8.810  1.00 19.34 ? 43  LYS A CD    1 
ATOM   356  C CE    . LYS A 1 43  ? -11.769 -19.694 -10.019 1.00 23.66 ? 43  LYS A CE    1 
ATOM   357  N NZ    . LYS A 1 43  ? -12.418 -20.568 -11.037 0.50 30.78 ? 43  LYS A NZ    1 
ATOM   358  N N     . SER A 1 44  ? -8.856  -20.878 -3.723  1.00 11.13 ? 44  SER A N     1 
ATOM   359  C CA    A SER A 1 44  ? -8.801  -21.451 -2.382  0.50 14.98 ? 44  SER A CA    1 
ATOM   360  C CA    B SER A 1 44  ? -8.805  -21.450 -2.385  0.50 14.98 ? 44  SER A CA    1 
ATOM   361  C C     . SER A 1 44  ? -8.546  -20.354 -1.357  1.00 11.86 ? 44  SER A C     1 
ATOM   362  O O     . SER A 1 44  ? -9.228  -20.276 -0.333  1.00 12.21 ? 44  SER A O     1 
ATOM   363  C CB    A SER A 1 44  ? -7.715  -22.525 -2.287  0.50 18.33 ? 44  SER A CB    1 
ATOM   364  C CB    B SER A 1 44  ? -7.719  -22.521 -2.292  0.50 18.33 ? 44  SER A CB    1 
ATOM   365  O OG    A SER A 1 44  ? -8.092  -23.689 -3.004  0.50 17.33 ? 44  SER A OG    1 
ATOM   366  O OG    B SER A 1 44  ? -7.779  -23.176 -1.041  0.50 20.17 ? 44  SER A OG    1 
ATOM   367  N N     . GLU A 1 45  ? -7.566  -19.504 -1.640  1.00 12.80 ? 45  GLU A N     1 
ATOM   368  C CA    . GLU A 1 45  ? -7.242  -18.409 -0.729  1.00 12.01 ? 45  GLU A CA    1 
ATOM   369  C C     . GLU A 1 45  ? -8.432  -17.480 -0.550  1.00 10.64 ? 45  GLU A C     1 
ATOM   370  O O     . GLU A 1 45  ? -8.694  -16.991 0.553   1.00 10.40 ? 45  GLU A O     1 
ATOM   371  C CB    . GLU A 1 45  ? -6.013  -17.630 -1.214  1.00 11.43 ? 45  GLU A CB    1 
ATOM   372  C CG    . GLU A 1 45  ? -4.711  -18.416 -1.098  1.00 13.01 ? 45  GLU A CG    1 
ATOM   373  C CD    . GLU A 1 45  ? -4.366  -18.782 0.340   1.00 20.17 ? 45  GLU A CD    1 
ATOM   374  O OE1   . GLU A 1 45  ? -4.359  -17.881 1.206   1.00 19.15 ? 45  GLU A OE1   1 
ATOM   375  O OE2   . GLU A 1 45  ? -4.107  -19.976 0.607   1.00 22.78 ? 45  GLU A OE2   1 
ATOM   376  N N     . LEU A 1 46  ? -9.160  -17.231 -1.633  1.00 9.63  ? 46  LEU A N     1 
ATOM   377  C CA    . LEU A 1 46  ? -10.338 -16.386 -1.546  1.00 9.84  ? 46  LEU A CA    1 
ATOM   378  C C     . LEU A 1 46  ? -11.405 -17.011 -0.651  1.00 12.38 ? 46  LEU A C     1 
ATOM   379  O O     . LEU A 1 46  ? -11.979 -16.343 0.196   1.00 10.67 ? 46  LEU A O     1 
ATOM   380  C CB    . LEU A 1 46  ? -10.923 -16.121 -2.931  1.00 8.85  ? 46  LEU A CB    1 
ATOM   381  C CG    . LEU A 1 46  ? -12.206 -15.298 -2.919  1.00 8.42  ? 46  LEU A CG    1 
ATOM   382  C CD1   . LEU A 1 46  ? -11.939 -13.914 -2.313  1.00 10.76 ? 46  LEU A CD1   1 
ATOM   383  C CD2   . LEU A 1 46  ? -12.765 -15.159 -4.333  1.00 10.13 ? 46  LEU A CD2   1 
ATOM   384  N N     . ASP A 1 47  ? -11.679 -18.297 -0.842  1.00 9.75  ? 47  ASP A N     1 
ATOM   385  C CA    . ASP A 1 47  ? -12.697 -18.952 -0.034  1.00 10.52 ? 47  ASP A CA    1 
ATOM   386  C C     . ASP A 1 47  ? -12.314 -18.925 1.449   1.00 10.80 ? 47  ASP A C     1 
ATOM   387  O O     . ASP A 1 47  ? -13.176 -18.750 2.319   1.00 13.18 ? 47  ASP A O     1 
ATOM   388  C CB    . ASP A 1 47  ? -12.928 -20.386 -0.519  1.00 13.51 ? 47  ASP A CB    1 
ATOM   389  C CG    . ASP A 1 47  ? -13.583 -20.442 -1.899  0.50 11.42 ? 47  ASP A CG    1 
ATOM   390  O OD1   . ASP A 1 47  ? -14.014 -19.389 -2.412  0.50 9.44  ? 47  ASP A OD1   1 
ATOM   391  O OD2   . ASP A 1 47  ? -13.680 -21.548 -2.470  0.50 12.29 ? 47  ASP A OD2   1 
ATOM   392  N N     . LYS A 1 48  ? -11.023 -19.086 1.720   1.00 10.35 ? 48  LYS A N     1 
ATOM   393  C CA    . LYS A 1 48  ? -10.500 -19.046 3.088   1.00 10.18 ? 48  LYS A CA    1 
ATOM   394  C C     . LYS A 1 48  ? -10.660 -17.646 3.687   1.00 10.78 ? 48  LYS A C     1 
ATOM   395  O O     . LYS A 1 48  ? -11.041 -17.493 4.849   1.00 9.29  ? 48  LYS A O     1 
ATOM   396  C CB    . LYS A 1 48  ? -9.024  -19.464 3.079   1.00 13.55 ? 48  LYS A CB    1 
ATOM   397  C CG    . LYS A 1 48  ? -8.309  -19.335 4.402   1.00 15.66 ? 48  LYS A CG    1 
ATOM   398  C CD    . LYS A 1 48  ? -7.043  -20.192 4.440   1.00 13.97 ? 48  LYS A CD    1 
ATOM   399  C CE    . LYS A 1 48  ? -6.046  -19.816 3.359   1.00 20.06 ? 48  LYS A CE    1 
ATOM   400  N NZ    . LYS A 1 48  ? -5.264  -18.609 3.727   1.00 18.72 ? 48  LYS A NZ    1 
ATOM   401  N N     . ALA A 1 49  ? -10.382 -16.623 2.884   1.00 10.19 ? 49  ALA A N     1 
ATOM   402  C CA    . ALA A 1 49  ? -10.457 -15.239 3.362   1.00 9.86  ? 49  ALA A CA    1 
ATOM   403  C C     . ALA A 1 49  ? -11.884 -14.777 3.647   1.00 11.03 ? 49  ALA A C     1 
ATOM   404  O O     . ALA A 1 49  ? -12.128 -14.009 4.582   1.00 11.89 ? 49  ALA A O     1 
ATOM   405  C CB    . ALA A 1 49  ? -9.786  -14.289 2.366   1.00 9.78  ? 49  ALA A CB    1 
ATOM   406  N N     . ILE A 1 50  ? -12.820 -15.247 2.835   1.00 9.87  ? 50  ILE A N     1 
ATOM   407  C CA    . ILE A 1 50  ? -14.210 -14.823 2.935   1.00 10.81 ? 50  ILE A CA    1 
ATOM   408  C C     . ILE A 1 50  ? -15.035 -15.748 3.823   1.00 10.96 ? 50  ILE A C     1 
ATOM   409  O O     . ILE A 1 50  ? -16.008 -15.322 4.436   1.00 14.27 ? 50  ILE A O     1 
ATOM   410  C CB    . ILE A 1 50  ? -14.857 -14.760 1.537   1.00 11.42 ? 50  ILE A CB    1 
ATOM   411  C CG1   . ILE A 1 50  ? -14.055 -13.816 0.639   1.00 14.79 ? 50  ILE A CG1   1 
ATOM   412  C CG2   . ILE A 1 50  ? -16.300 -14.328 1.631   1.00 12.07 ? 50  ILE A CG2   1 
ATOM   413  C CD1   . ILE A 1 50  ? -14.062 -12.383 1.114   1.00 15.95 ? 50  ILE A CD1   1 
ATOM   414  N N     . GLY A 1 51  ? -14.641 -17.016 3.887   1.00 11.13 ? 51  GLY A N     1 
ATOM   415  C CA    . GLY A 1 51  ? -15.327 -17.978 4.735   1.00 14.13 ? 51  GLY A CA    1 
ATOM   416  C C     . GLY A 1 51  ? -16.519 -18.651 4.079   1.00 18.88 ? 51  GLY A C     1 
ATOM   417  O O     . GLY A 1 51  ? -17.403 -19.155 4.764   1.00 20.64 ? 51  GLY A O     1 
ATOM   418  N N     . ARG A 1 52  ? -16.546 -18.656 2.751   1.00 13.83 ? 52  ARG A N     1 
ATOM   419  C CA    . ARG A 1 52  ? -17.578 -19.371 2.002   1.00 18.17 ? 52  ARG A CA    1 
ATOM   420  C C     . ARG A 1 52  ? -17.022 -19.726 0.631   1.00 16.91 ? 52  ARG A C     1 
ATOM   421  O O     . ARG A 1 52  ? -15.965 -19.222 0.240   1.00 14.78 ? 52  ARG A O     1 
ATOM   422  C CB    . ARG A 1 52  ? -18.840 -18.520 1.849   1.00 19.38 ? 52  ARG A CB    1 
ATOM   423  C CG    . ARG A 1 52  ? -18.644 -17.276 0.997   1.00 15.79 ? 52  ARG A CG    1 
ATOM   424  C CD    . ARG A 1 52  ? -19.932 -16.479 0.826   1.00 15.98 ? 52  ARG A CD    1 
ATOM   425  N NE    . ARG A 1 52  ? -19.697 -15.287 0.014   1.00 17.39 ? 52  ARG A NE    1 
ATOM   426  C CZ    . ARG A 1 52  ? -19.758 -15.271 -1.311  1.00 20.66 ? 52  ARG A CZ    1 
ATOM   427  N NH1   . ARG A 1 52  ? -20.061 -16.384 -1.972  1.00 19.12 ? 52  ARG A NH1   1 
ATOM   428  N NH2   . ARG A 1 52  ? -19.522 -14.147 -1.975  1.00 19.05 ? 52  ARG A NH2   1 
ATOM   429  N N     . ASN A 1 53  ? -17.711 -20.616 -0.101  1.00 15.07 ? 53  ASN A N     1 
ATOM   430  C CA    . ASN A 1 53  ? -17.302 -20.966 -1.458  1.00 17.35 ? 53  ASN A CA    1 
ATOM   431  C C     . ASN A 1 53  ? -17.707 -19.866 -2.440  1.00 14.26 ? 53  ASN A C     1 
ATOM   432  O O     . ASN A 1 53  ? -18.880 -19.738 -2.806  1.00 17.88 ? 53  ASN A O     1 
ATOM   433  C CB    . ASN A 1 53  ? -17.905 -22.312 -1.875  1.00 25.75 ? 53  ASN A CB    1 
ATOM   434  C CG    . ASN A 1 53  ? -17.179 -22.938 -3.052  1.00 31.40 ? 53  ASN A CG    1 
ATOM   435  N N     . CYS A 1 54  ? -16.735 -19.054 -2.849  1.00 14.27 ? 54  CYS A N     1 
ATOM   436  C CA    . CYS A 1 54  ? -17.017 -17.836 -3.607  1.00 14.93 ? 54  CYS A CA    1 
ATOM   437  C C     . CYS A 1 54  ? -17.018 -18.038 -5.112  1.00 12.21 ? 54  CYS A C     1 
ATOM   438  O O     . CYS A 1 54  ? -17.607 -17.240 -5.844  1.00 14.77 ? 54  CYS A O     1 
ATOM   439  C CB    . CYS A 1 54  ? -15.991 -16.751 -3.274  1.00 13.34 ? 54  CYS A CB    1 
ATOM   440  S SG    . CYS A 1 54  ? -16.055 -16.206 -1.574  1.00 18.04 ? 54  CYS A SG    1 
ATOM   441  N N     . ASN A 1 55  ? -16.340 -19.087 -5.561  1.00 15.89 ? 55  ASN A N     1 
ATOM   442  C CA    . ASN A 1 55  ? -16.116 -19.311 -6.984  1.00 22.20 ? 55  ASN A CA    1 
ATOM   443  C C     . ASN A 1 55  ? -15.586 -18.058 -7.681  1.00 16.60 ? 55  ASN A C     1 
ATOM   444  O O     . ASN A 1 55  ? -16.028 -17.707 -8.776  1.00 18.81 ? 55  ASN A O     1 
ATOM   445  C CB    . ASN A 1 55  ? -17.387 -19.807 -7.675  1.00 22.01 ? 55  ASN A CB    1 
ATOM   446  C CG    . ASN A 1 55  ? -17.110 -20.383 -9.053  1.00 24.35 ? 55  ASN A CG    1 
ATOM   447  O OD1   . ASN A 1 55  ? -16.015 -20.892 -9.319  1.00 30.85 ? 55  ASN A OD1   1 
ATOM   448  N ND2   . ASN A 1 55  ? -18.095 -20.297 -9.937  1.00 26.89 ? 55  ASN A ND2   1 
ATOM   449  N N     . GLY A 1 56  ? -14.654 -17.376 -7.023  1.00 14.16 ? 56  GLY A N     1 
ATOM   450  C CA    . GLY A 1 56  ? -13.940 -16.269 -7.639  1.00 13.48 ? 56  GLY A CA    1 
ATOM   451  C C     . GLY A 1 56  ? -14.643 -14.927 -7.686  1.00 16.11 ? 56  GLY A C     1 
ATOM   452  O O     . GLY A 1 56  ? -14.138 -13.997 -8.318  1.00 13.69 ? 56  GLY A O     1 
ATOM   453  N N     . VAL A 1 57  ? -15.793 -14.818 -7.024  1.00 11.92 ? 57  VAL A N     1 
ATOM   454  C CA    . VAL A 1 57  ? -16.550 -13.567 -7.002  1.00 12.21 ? 57  VAL A CA    1 
ATOM   455  C C     . VAL A 1 57  ? -17.009 -13.208 -5.591  1.00 13.98 ? 57  VAL A C     1 
ATOM   456  O O     . VAL A 1 57  ? -17.447 -14.076 -4.837  1.00 15.86 ? 57  VAL A O     1 
ATOM   457  C CB    . VAL A 1 57  ? -17.792 -13.656 -7.912  1.00 19.02 ? 57  VAL A CB    1 
ATOM   458  C CG1   . VAL A 1 57  ? -18.561 -12.342 -7.891  1.00 20.34 ? 57  VAL A CG1   1 
ATOM   459  C CG2   . VAL A 1 57  ? -17.381 -14.018 -9.327  1.00 25.24 ? 57  VAL A CG2   1 
ATOM   460  N N     . ILE A 1 58  ? -16.907 -11.929 -5.235  1.00 12.76 ? 58  ILE A N     1 
ATOM   461  C CA    . ILE A 1 58  ? -17.371 -11.465 -3.930  1.00 10.20 ? 58  ILE A CA    1 
ATOM   462  C C     . ILE A 1 58  ? -18.315 -10.279 -4.073  1.00 11.62 ? 58  ILE A C     1 
ATOM   463  O O     . ILE A 1 58  ? -18.467 -9.718  -5.161  1.00 14.46 ? 58  ILE A O     1 
ATOM   464  C CB    . ILE A 1 58  ? -16.202 -11.079 -2.997  1.00 8.95  ? 58  ILE A CB    1 
ATOM   465  C CG1   . ILE A 1 58  ? -15.374 -9.944  -3.616  1.00 9.07  ? 58  ILE A CG1   1 
ATOM   466  C CG2   . ILE A 1 58  ? -15.335 -12.306 -2.678  1.00 10.62 ? 58  ILE A CG2   1 
ATOM   467  C CD1   . ILE A 1 58  ? -14.277 -9.412  -2.688  1.00 11.87 ? 58  ILE A CD1   1 
ATOM   468  N N     . THR A 1 59  ? -18.962 -9.913  -2.970  1.00 12.88 ? 59  THR A N     1 
ATOM   469  C CA    . THR A 1 59  ? -19.835 -8.749  -2.939  1.00 13.87 ? 59  THR A CA    1 
ATOM   470  C C     . THR A 1 59  ? -19.041 -7.510  -2.563  1.00 15.39 ? 59  THR A C     1 
ATOM   471  O O     . THR A 1 59  ? -17.921 -7.609  -2.058  1.00 13.24 ? 59  THR A O     1 
ATOM   472  C CB    . THR A 1 59  ? -20.948 -8.917  -1.894  1.00 17.69 ? 59  THR A CB    1 
ATOM   473  O OG1   . THR A 1 59  ? -20.366 -8.943  -0.584  1.00 15.66 ? 59  THR A OG1   1 
ATOM   474  C CG2   . THR A 1 59  ? -21.709 -10.210 -2.133  1.00 17.35 ? 59  THR A CG2   1 
ATOM   475  N N     . LYS A 1 60  ? -19.629 -6.342  -2.796  1.00 13.45 ? 60  LYS A N     1 
ATOM   476  C CA    . LYS A 1 60  ? -18.986 -5.094  -2.414  1.00 14.38 ? 60  LYS A CA    1 
ATOM   477  C C     . LYS A 1 60  ? -18.736 -5.049  -0.908  1.00 11.15 ? 60  LYS A C     1 
ATOM   478  O O     . LYS A 1 60  ? -17.672 -4.615  -0.465  1.00 12.44 ? 60  LYS A O     1 
ATOM   479  C CB    . LYS A 1 60  ? -19.821 -3.891  -2.858  1.00 16.14 ? 60  LYS A CB    1 
ATOM   480  C CG    . LYS A 1 60  ? -19.172 -2.553  -2.558  1.00 17.09 ? 60  LYS A CG    1 
ATOM   481  C CD    . LYS A 1 60  ? -19.954 -1.409  -3.184  1.00 26.92 ? 60  LYS A CD    1 
ATOM   482  C CE    . LYS A 1 60  ? -19.326 -0.062  -2.856  0.50 17.67 ? 60  LYS A CE    1 
ATOM   483  N N     . ASP A 1 61  ? -19.618 -5.574  -0.092  1.00 14.64 ? 61  ASP A N     1 
ATOM   484  C CA    . ASP A 1 61  ? -19.428 -5.550  1.335   1.00 15.45 ? 61  ASP A CA    1 
ATOM   485  C C     . ASP A 1 61  ? -18.284 -6.404  1.778   1.00 13.55 ? 61  ASP A C     1 
ATOM   486  O O     . ASP A 1 61  ? -17.620 -6.068  2.678   1.00 13.44 ? 61  ASP A O     1 
ATOM   487  C CB    . ASP A 1 61  ? -20.710 -5.995  2.041   1.00 16.98 ? 61  ASP A CB    1 
ATOM   488  C CG    . ASP A 1 61  ? -21.819 -4.966  1.940   0.50 27.22 ? 61  ASP A CG    1 
ATOM   489  O OD1   . ASP A 1 61  ? -21.524 -3.807  1.582   0.50 29.83 ? 61  ASP A OD1   1 
ATOM   490  O OD2   . ASP A 1 61  ? -23.012 -5.225  2.201   0.50 29.67 ? 61  ASP A OD2   1 
ATOM   491  N N     . GLU A 1 62  ? -18.216 -7.556  1.096   1.00 14.79 ? 62  GLU A N     1 
ATOM   492  C CA    . GLU A 1 62  ? -17.084 -8.436  1.368   1.00 9.66  ? 62  GLU A CA    1 
ATOM   493  C C     . GLU A 1 62  ? -15.756 -7.786  0.986   1.00 11.23 ? 62  GLU A C     1 
ATOM   494  O O     . GLU A 1 62  ? -14.772 -7.894  1.720   1.00 9.47  ? 62  GLU A O     1 
ATOM   495  C CB    . GLU A 1 62  ? -17.267 -9.777  0.652   1.00 10.60 ? 62  GLU A CB    1 
ATOM   496  C CG    . GLU A 1 62  ? -18.343 -10.630 1.317   1.00 14.96 ? 62  GLU A CG    1 
ATOM   497  C CD    . GLU A 1 62  ? -18.779 -11.826 0.492   1.00 20.74 ? 62  GLU A CD    1 
ATOM   498  O OE1   . GLU A 1 62  ? -18.546 -11.837 -0.735  1.00 14.96 ? 62  GLU A OE1   1 
ATOM   499  O OE2   . GLU A 1 62  ? -19.375 -12.760 1.079   1.00 18.25 ? 62  GLU A OE2   1 
ATOM   500  N N     . ALA A 1 63  ? -15.732 -7.111  -0.155  1.00 10.78 ? 63  ALA A N     1 
ATOM   501  C CA    . ALA A 1 63  ? -14.530 -6.383  -0.563  1.00 10.22 ? 63  ALA A CA    1 
ATOM   502  C C     . ALA A 1 63  ? -14.165 -5.321  0.476   1.00 10.29 ? 63  ALA A C     1 
ATOM   503  O O     . ALA A 1 63  ? -12.998 -5.154  0.831   1.00 9.37  ? 63  ALA A O     1 
ATOM   504  C CB    . ALA A 1 63  ? -14.736 -5.752  -1.924  1.00 11.22 ? 63  ALA A CB    1 
ATOM   505  N N     . GLU A 1 64  ? -15.164 -4.600  0.975   1.00 8.72  ? 64  GLU A N     1 
ATOM   506  C CA    . GLU A 1 64  ? -14.876 -3.544  1.939   1.00 9.98  ? 64  GLU A CA    1 
ATOM   507  C C     . GLU A 1 64  ? -14.391 -4.112  3.277   1.00 10.25 ? 64  GLU A C     1 
ATOM   508  O O     . GLU A 1 64  ? -13.572 -3.498  3.957   1.00 9.70  ? 64  GLU A O     1 
ATOM   509  C CB    . GLU A 1 64  ? -16.088 -2.619  2.105   1.00 13.56 ? 64  GLU A CB    1 
ATOM   510  C CG    . GLU A 1 64  ? -16.341 -1.765  0.864   1.00 12.91 ? 64  GLU A CG    1 
ATOM   511  C CD    . GLU A 1 64  ? -17.677 -1.046  0.894   0.50 20.59 ? 64  GLU A CD    1 
ATOM   512  O OE1   . GLU A 1 64  ? -18.554 -1.441  1.695   0.50 21.13 ? 64  GLU A OE1   1 
ATOM   513  O OE2   . GLU A 1 64  ? -17.849 -0.087  0.110   0.50 19.88 ? 64  GLU A OE2   1 
ATOM   514  N N     . LYS A 1 65  ? -14.883 -5.293  3.650   1.00 9.33  ? 65  LYS A N     1 
ATOM   515  C CA    . LYS A 1 65  ? -14.404 -5.944  4.864   1.00 9.84  ? 65  LYS A CA    1 
ATOM   516  C C     . LYS A 1 65  ? -12.932 -6.347  4.755   1.00 7.67  ? 65  LYS A C     1 
ATOM   517  O O     . LYS A 1 65  ? -12.148 -6.111  5.681   1.00 9.71  ? 65  LYS A O     1 
ATOM   518  C CB    . LYS A 1 65  ? -15.258 -7.168  5.204   1.00 9.32  ? 65  LYS A CB    1 
ATOM   519  C CG    . LYS A 1 65  ? -14.904 -7.765  6.553   1.00 14.32 ? 65  LYS A CG    1 
ATOM   520  C CD    . LYS A 1 65  ? -15.956 -8.762  7.004   1.00 16.41 ? 65  LYS A CD    1 
ATOM   521  C CE    . LYS A 1 65  ? -15.677 -9.222  8.425   1.00 20.59 ? 65  LYS A CE    1 
ATOM   522  N NZ    . LYS A 1 65  ? -16.780 -10.084 8.938   1.00 20.39 ? 65  LYS A NZ    1 
ATOM   523  N N     . LEU A 1 66  ? -12.552 -6.955  3.629   1.00 8.53  ? 66  LEU A N     1 
ATOM   524  C CA    . LEU A 1 66  ? -11.146 -7.284  3.403   1.00 10.18 ? 66  LEU A CA    1 
ATOM   525  C C     . LEU A 1 66  ? -10.308 -6.018  3.439   1.00 7.59  ? 66  LEU A C     1 
ATOM   526  O O     . LEU A 1 66  ? -9.201  -6.018  3.970   1.00 8.51  ? 66  LEU A O     1 
ATOM   527  C CB    . LEU A 1 66  ? -10.936 -7.979  2.056   1.00 8.33  ? 66  LEU A CB    1 
ATOM   528  C CG    . LEU A 1 66  ? -11.579 -9.358  1.892   1.00 9.55  ? 66  LEU A CG    1 
ATOM   529  C CD1   . LEU A 1 66  ? -11.269 -9.940  0.511   1.00 14.65 ? 66  LEU A CD1   1 
ATOM   530  C CD2   . LEU A 1 66  ? -11.133 -10.318 3.004   1.00 13.06 ? 66  LEU A CD2   1 
ATOM   531  N N     . PHE A 1 67  ? -10.837 -4.945  2.858   1.00 7.58  ? 67  PHE A N     1 
ATOM   532  C CA    . PHE A 1 67  ? -10.119 -3.671  2.799   1.00 7.25  ? 67  PHE A CA    1 
ATOM   533  C C     . PHE A 1 67  ? -9.861  -3.138  4.215   1.00 8.69  ? 67  PHE A C     1 
ATOM   534  O O     . PHE A 1 67  ? -8.749  -2.714  4.534   1.00 10.50 ? 67  PHE A O     1 
ATOM   535  C CB    . PHE A 1 67  ? -10.940 -2.696  1.948   1.00 8.82  ? 67  PHE A CB    1 
ATOM   536  C CG    . PHE A 1 67  ? -10.257 -1.391  1.642   1.00 9.09  ? 67  PHE A CG    1 
ATOM   537  C CD1   . PHE A 1 67  ? -8.899  -1.334  1.381   1.00 7.39  ? 67  PHE A CD1   1 
ATOM   538  C CD2   . PHE A 1 67  ? -11.009 -0.227  1.557   1.00 10.61 ? 67  PHE A CD2   1 
ATOM   539  C CE1   . PHE A 1 67  ? -8.290  -0.121  1.078   1.00 9.46  ? 67  PHE A CE1   1 
ATOM   540  C CE2   . PHE A 1 67  ? -10.409 0.993   1.248   1.00 12.00 ? 67  PHE A CE2   1 
ATOM   541  C CZ    . PHE A 1 67  ? -9.044  1.040   1.006   1.00 11.16 ? 67  PHE A CZ    1 
ATOM   542  N N     . ASN A 1 68  ? -10.876 -3.175  5.072   1.00 8.83  ? 68  ASN A N     1 
ATOM   543  C CA    A ASN A 1 68  ? -10.715 -2.737  6.458   0.70 10.57 ? 68  ASN A CA    1 
ATOM   544  C CA    B ASN A 1 68  ? -10.707 -2.727  6.449   0.30 10.59 ? 68  ASN A CA    1 
ATOM   545  C C     . ASN A 1 68  ? -9.633  -3.555  7.154   1.00 10.95 ? 68  ASN A C     1 
ATOM   546  O O     . ASN A 1 68  ? -8.761  -3.017  7.841   1.00 10.09 ? 68  ASN A O     1 
ATOM   547  C CB    A ASN A 1 68  ? -12.034 -2.865  7.224   0.70 12.68 ? 68  ASN A CB    1 
ATOM   548  C CB    B ASN A 1 68  ? -12.033 -2.807  7.208   0.30 12.68 ? 68  ASN A CB    1 
ATOM   549  C CG    A ASN A 1 68  ? -13.023 -1.776  6.871   0.70 13.40 ? 68  ASN A CG    1 
ATOM   550  C CG    B ASN A 1 68  ? -12.055 -1.920  8.435   0.30 14.28 ? 68  ASN A CG    1 
ATOM   551  O OD1   A ASN A 1 68  ? -12.651 -0.617  6.703   0.70 19.31 ? 68  ASN A OD1   1 
ATOM   552  O OD1   B ASN A 1 68  ? -11.009 -1.531  8.955   0.30 20.99 ? 68  ASN A OD1   1 
ATOM   553  N ND2   A ASN A 1 68  ? -14.295 -2.142  6.770   0.70 19.47 ? 68  ASN A ND2   1 
ATOM   554  N ND2   B ASN A 1 68  ? -13.252 -1.596  8.908   0.30 18.58 ? 68  ASN A ND2   1 
ATOM   555  N N     . GLN A 1 69  ? -9.693  -4.869  6.973   1.00 7.58  ? 69  GLN A N     1 
ATOM   556  C CA    . GLN A 1 69  ? -8.680  -5.747  7.540   1.00 9.06  ? 69  GLN A CA    1 
ATOM   557  C C     . GLN A 1 69  ? -7.273  -5.432  7.039   1.00 8.21  ? 69  GLN A C     1 
ATOM   558  O O     . GLN A 1 69  ? -6.311  -5.453  7.813   1.00 9.95  ? 69  GLN A O     1 
ATOM   559  C CB    . GLN A 1 69  ? -9.017  -7.203  7.235   1.00 9.10  ? 69  GLN A CB    1 
ATOM   560  C CG    . GLN A 1 69  ? -10.280 -7.657  7.915   1.00 9.33  ? 69  GLN A CG    1 
ATOM   561  C CD    . GLN A 1 69  ? -10.670 -9.069  7.551   1.00 11.18 ? 69  GLN A CD    1 
ATOM   562  O OE1   . GLN A 1 69  ? -10.098 -9.675  6.636   1.00 15.81 ? 69  GLN A OE1   1 
ATOM   563  N NE2   . GLN A 1 69  ? -11.643 -9.607  8.269   1.00 9.59  ? 69  GLN A NE2   1 
ATOM   564  N N     . ASP A 1 70  ? -7.154  -5.161  5.742   1.00 9.76  ? 70  ASP A N     1 
ATOM   565  C CA    . ASP A 1 70  ? -5.858  -4.911  5.126   1.00 8.93  ? 70  ASP A CA    1 
ATOM   566  C C     . ASP A 1 70  ? -5.257  -3.579  5.558   1.00 8.33  ? 70  ASP A C     1 
ATOM   567  O O     . ASP A 1 70  ? -4.051  -3.485  5.797   1.00 10.21 ? 70  ASP A O     1 
ATOM   568  C CB    . ASP A 1 70  ? -5.969  -4.967  3.598   1.00 8.17  ? 70  ASP A CB    1 
ATOM   569  C CG    . ASP A 1 70  ? -6.274  -6.362  3.088   1.00 15.36 ? 70  ASP A CG    1 
ATOM   570  O OD1   . ASP A 1 70  ? -6.048  -7.329  3.846   1.00 15.58 ? 70  ASP A OD1   1 
ATOM   571  O OD2   . ASP A 1 70  ? -6.739  -6.491  1.931   1.00 14.82 ? 70  ASP A OD2   1 
ATOM   572  N N     . VAL A 1 71  ? -6.096  -2.554  5.660   1.00 7.95  ? 71  VAL A N     1 
ATOM   573  C CA    . VAL A 1 71  ? -5.628  -1.255  6.141   1.00 9.54  ? 71  VAL A CA    1 
ATOM   574  C C     . VAL A 1 71  ? -5.158  -1.370  7.585   1.00 11.73 ? 71  VAL A C     1 
ATOM   575  O O     . VAL A 1 71  ? -4.083  -0.883  7.938   1.00 9.80  ? 71  VAL A O     1 
ATOM   576  C CB    . VAL A 1 71  ? -6.707  -0.170  6.023   1.00 9.05  ? 71  VAL A CB    1 
ATOM   577  C CG1   . VAL A 1 71  ? -6.224  1.122   6.690   1.00 11.84 ? 71  VAL A CG1   1 
ATOM   578  C CG2   . VAL A 1 71  ? -7.049  0.082   4.542   1.00 11.37 ? 71  VAL A CG2   1 
ATOM   579  N N     . ASP A 1 72  ? -5.964  -2.032  8.411   1.00 10.04 ? 72  ASP A N     1 
ATOM   580  C CA    A ASP A 1 72  ? -5.607  -2.215  9.809   0.50 14.02 ? 72  ASP A CA    1 
ATOM   581  C CA    B ASP A 1 72  ? -5.644  -2.273  9.816   0.50 14.04 ? 72  ASP A CA    1 
ATOM   582  C C     . ASP A 1 72  ? -4.286  -2.969  9.912   1.00 12.37 ? 72  ASP A C     1 
ATOM   583  O O     . ASP A 1 72  ? -3.398  -2.568  10.668  1.00 14.40 ? 72  ASP A O     1 
ATOM   584  C CB    A ASP A 1 72  ? -6.718  -2.932  10.580  0.50 14.57 ? 72  ASP A CB    1 
ATOM   585  C CB    B ASP A 1 72  ? -6.746  -3.150  10.431  0.50 14.74 ? 72  ASP A CB    1 
ATOM   586  C CG    A ASP A 1 72  ? -6.407  -3.060  12.062  0.50 25.60 ? 72  ASP A CG    1 
ATOM   587  C CG    B ASP A 1 72  ? -6.744  -3.144  11.953  0.50 26.04 ? 72  ASP A CG    1 
ATOM   588  O OD1   A ASP A 1 72  ? -6.749  -2.130  12.826  0.50 24.77 ? 72  ASP A OD1   1 
ATOM   589  O OD1   B ASP A 1 72  ? -5.715  -2.777  12.560  0.50 22.17 ? 72  ASP A OD1   1 
ATOM   590  O OD2   A ASP A 1 72  ? -5.815  -4.086  12.463  0.50 24.40 ? 72  ASP A OD2   1 
ATOM   591  O OD2   B ASP A 1 72  ? -7.784  -3.525  12.542  0.50 17.23 ? 72  ASP A OD2   1 
ATOM   592  N N     . ALA A 1 73  ? -4.134  -4.029  9.127   1.00 12.26 ? 73  ALA A N     1 
ATOM   593  C CA    . ALA A 1 73  ? -2.897  -4.806  9.119   1.00 13.42 ? 73  ALA A CA    1 
ATOM   594  C C     . ALA A 1 73  ? -1.692  -3.973  8.696   1.00 13.52 ? 73  ALA A C     1 
ATOM   595  O O     . ALA A 1 73  ? -0.594  -4.130  9.236   1.00 15.04 ? 73  ALA A O     1 
ATOM   596  C CB    . ALA A 1 73  ? -3.040  -6.021  8.219   1.00 17.81 ? 73  ALA A CB    1 
ATOM   597  N N     . ALA A 1 74  ? -1.893  -3.102  7.716   1.00 10.45 ? 74  ALA A N     1 
ATOM   598  C CA    . ALA A 1 74  ? -0.818  -2.244  7.243   1.00 12.00 ? 74  ALA A CA    1 
ATOM   599  C C     . ALA A 1 74  ? -0.343  -1.314  8.354   1.00 11.58 ? 74  ALA A C     1 
ATOM   600  O O     . ALA A 1 74  ? 0.859   -1.156  8.569   1.00 12.55 ? 74  ALA A O     1 
ATOM   601  C CB    . ALA A 1 74  ? -1.268  -1.444  6.033   1.00 12.77 ? 74  ALA A CB    1 
ATOM   602  N N     . VAL A 1 75  ? -1.292  -0.698  9.050   1.00 9.48  ? 75  VAL A N     1 
ATOM   603  C CA    . VAL A 1 75  ? -0.959  0.255   10.109  1.00 12.98 ? 75  VAL A CA    1 
ATOM   604  C C     . VAL A 1 75  ? -0.298  -0.463  11.282  1.00 14.19 ? 75  VAL A C     1 
ATOM   605  O O     . VAL A 1 75  ? 0.722   -0.013  11.803  1.00 12.86 ? 75  VAL A O     1 
ATOM   606  C CB    . VAL A 1 75  ? -2.209  1.009   10.615  1.00 14.62 ? 75  VAL A CB    1 
ATOM   607  C CG1   . VAL A 1 75  ? -1.822  1.966   11.743  1.00 22.99 ? 75  VAL A CG1   1 
ATOM   608  C CG2   . VAL A 1 75  ? -2.858  1.763   9.480   1.00 15.65 ? 75  VAL A CG2   1 
ATOM   609  N N     . ARG A 1 76  ? -0.881  -1.580  11.704  1.00 14.55 ? 76  ARG A N     1 
ATOM   610  C CA    A ARG A 1 76  ? -0.314  -2.332  12.816  0.50 18.74 ? 76  ARG A CA    1 
ATOM   611  C CA    B ARG A 1 76  ? -0.322  -2.366  12.801  0.50 18.74 ? 76  ARG A CA    1 
ATOM   612  C C     . ARG A 1 76  ? 1.084   -2.836  12.471  1.00 17.02 ? 76  ARG A C     1 
ATOM   613  O O     . ARG A 1 76  ? 1.958   -2.896  13.343  1.00 19.48 ? 76  ARG A O     1 
ATOM   614  C CB    A ARG A 1 76  ? -1.234  -3.483  13.228  0.50 19.63 ? 76  ARG A CB    1 
ATOM   615  C CB    B ARG A 1 76  ? -1.196  -3.582  13.100  0.50 19.59 ? 76  ARG A CB    1 
ATOM   616  C CG    A ARG A 1 76  ? -2.576  -3.022  13.779  0.50 24.55 ? 76  ARG A CG    1 
ATOM   617  C CG    B ARG A 1 76  ? -2.462  -3.278  13.868  0.50 25.15 ? 76  ARG A CG    1 
ATOM   618  C CD    A ARG A 1 76  ? -2.422  -2.231  15.079  0.50 25.57 ? 76  ARG A CD    1 
ATOM   619  C CD    B ARG A 1 76  ? -3.004  -4.554  14.485  0.50 25.80 ? 76  ARG A CD    1 
ATOM   620  N NE    A ARG A 1 76  ? -2.719  -3.039  16.262  0.50 31.05 ? 76  ARG A NE    1 
ATOM   621  N NE    B ARG A 1 76  ? -4.305  -4.375  15.114  0.50 24.89 ? 76  ARG A NE    1 
ATOM   622  C CZ    A ARG A 1 76  ? -1.855  -3.286  17.242  0.50 23.72 ? 76  ARG A CZ    1 
ATOM   623  C CZ    B ARG A 1 76  ? -4.486  -4.126  16.406  0.50 25.17 ? 76  ARG A CZ    1 
ATOM   624  N NH1   A ARG A 1 76  ? -0.629  -2.785  17.192  0.50 24.24 ? 76  ARG A NH1   1 
ATOM   625  N NH1   B ARG A 1 76  ? -3.444  -4.008  17.219  0.50 15.57 ? 76  ARG A NH1   1 
ATOM   626  N NH2   A ARG A 1 76  ? -2.220  -4.029  18.280  0.50 19.99 ? 76  ARG A NH2   1 
ATOM   627  N NH2   B ARG A 1 76  ? -5.713  -3.991  16.884  0.50 23.51 ? 76  ARG A NH2   1 
ATOM   628  N N     . GLY A 1 77  ? 1.295   -3.178  11.204  1.00 13.46 ? 77  GLY A N     1 
ATOM   629  C CA    . GLY A 1 77  ? 2.595   -3.623  10.747  1.00 14.64 ? 77  GLY A CA    1 
ATOM   630  C C     . GLY A 1 77  ? 3.627   -2.527  10.926  1.00 17.95 ? 77  GLY A C     1 
ATOM   631  O O     . GLY A 1 77  ? 4.746   -2.776  11.378  1.00 17.26 ? 77  GLY A O     1 
ATOM   632  N N     . ILE A 1 78  ? 3.248   -1.304  10.574  1.00 10.70 ? 78  ILE A N     1 
ATOM   633  C CA    . ILE A 1 78  ? 4.141   -0.170  10.759  1.00 10.31 ? 78  ILE A CA    1 
ATOM   634  C C     . ILE A 1 78  ? 4.490   0.007   12.237  1.00 11.58 ? 78  ILE A C     1 
ATOM   635  O O     . ILE A 1 78  ? 5.659   0.208   12.584  1.00 13.39 ? 78  ILE A O     1 
ATOM   636  C CB    . ILE A 1 78  ? 3.526   1.127   10.215  1.00 10.84 ? 78  ILE A CB    1 
ATOM   637  C CG1   . ILE A 1 78  ? 3.540   1.107   8.686   1.00 9.12  ? 78  ILE A CG1   1 
ATOM   638  C CG2   . ILE A 1 78  ? 4.304   2.334   10.711  1.00 11.31 ? 78  ILE A CG2   1 
ATOM   639  C CD1   . ILE A 1 78  ? 2.691   2.195   8.063   1.00 12.69 ? 78  ILE A CD1   1 
ATOM   640  N N     . LEU A 1 79  ? 3.479   -0.065  13.101  1.00 12.57 ? 79  LEU A N     1 
ATOM   641  C CA    . LEU A 1 79  ? 3.701   0.186   14.522  1.00 12.14 ? 79  LEU A CA    1 
ATOM   642  C C     . LEU A 1 79  ? 4.564   -0.900  15.159  1.00 19.78 ? 79  LEU A C     1 
ATOM   643  O O     . LEU A 1 79  ? 5.238   -0.653  16.161  1.00 20.85 ? 79  LEU A O     1 
ATOM   644  C CB    . LEU A 1 79  ? 2.379   0.349   15.277  1.00 13.59 ? 79  LEU A CB    1 
ATOM   645  C CG    . LEU A 1 79  ? 1.516   1.541   14.855  1.00 17.37 ? 79  LEU A CG    1 
ATOM   646  C CD1   . LEU A 1 79  ? 0.298   1.658   15.762  1.00 22.76 ? 79  LEU A CD1   1 
ATOM   647  C CD2   . LEU A 1 79  ? 2.328   2.839   14.859  1.00 22.40 ? 79  LEU A CD2   1 
ATOM   648  N N     . ARG A 1 80  ? 4.564   -2.089  14.562  1.00 14.23 ? 80  ARG A N     1 
ATOM   649  C CA    . ARG A 1 80  ? 5.368   -3.200  15.078  1.00 15.03 ? 80  ARG A CA    1 
ATOM   650  C C     . ARG A 1 80  ? 6.778   -3.239  14.499  1.00 21.57 ? 80  ARG A C     1 
ATOM   651  O O     . ARG A 1 80  ? 7.626   -4.010  14.952  1.00 22.94 ? 80  ARG A O     1 
ATOM   652  C CB    . ARG A 1 80  ? 4.655   -4.542  14.840  1.00 16.72 ? 80  ARG A CB    1 
ATOM   653  C CG    . ARG A 1 80  ? 3.306   -4.629  15.541  1.00 31.17 ? 80  ARG A CG    1 
ATOM   654  C CD    . ARG A 1 80  ? 2.717   -6.033  15.514  0.70 31.13 ? 80  ARG A CD    1 
ATOM   655  N NE    . ARG A 1 80  ? 1.363   -6.036  16.066  0.70 38.89 ? 80  ARG A NE    1 
ATOM   656  C CZ    . ARG A 1 80  ? 0.629   -7.127  16.255  0.70 43.57 ? 80  ARG A CZ    1 
ATOM   657  N NH1   . ARG A 1 80  ? 1.113   -8.321  15.941  0.70 51.05 ? 80  ARG A NH1   1 
ATOM   658  N NH2   . ARG A 1 80  ? -0.592  -7.021  16.764  0.70 41.88 ? 80  ARG A NH2   1 
ATOM   659  N N     . ASN A 1 81  ? 7.034   -2.401  13.501  1.00 16.39 ? 81  ASN A N     1 
ATOM   660  C CA    . ASN A 1 81  ? 8.328   -2.380  12.842  1.00 15.05 ? 81  ASN A CA    1 
ATOM   661  C C     . ASN A 1 81  ? 9.231   -1.323  13.469  1.00 15.18 ? 81  ASN A C     1 
ATOM   662  O O     . ASN A 1 81  ? 8.918   -0.132  13.440  1.00 17.61 ? 81  ASN A O     1 
ATOM   663  C CB    . ASN A 1 81  ? 8.147   -2.100  11.349  1.00 17.62 ? 81  ASN A CB    1 
ATOM   664  C CG    . ASN A 1 81  ? 9.411   -2.331  10.556  1.00 19.45 ? 81  ASN A CG    1 
ATOM   665  O OD1   . ASN A 1 81  ? 10.419  -1.651  10.754  1.00 22.19 ? 81  ASN A OD1   1 
ATOM   666  N ND2   . ASN A 1 81  ? 9.363   -3.289  9.635   1.00 23.14 ? 81  ASN A ND2   1 
ATOM   667  N N     . ALA A 1 82  ? 10.353  -1.754  14.037  1.00 16.58 ? 82  ALA A N     1 
ATOM   668  C CA    . ALA A 1 82  ? 11.228  -0.832  14.762  1.00 20.32 ? 82  ALA A CA    1 
ATOM   669  C C     . ALA A 1 82  ? 11.848  0.250   13.877  1.00 15.94 ? 82  ALA A C     1 
ATOM   670  O O     . ALA A 1 82  ? 12.230  1.315   14.368  1.00 20.04 ? 82  ALA A O     1 
ATOM   671  C CB    . ALA A 1 82  ? 12.316  -1.600  15.511  1.00 22.45 ? 82  ALA A CB    1 
ATOM   672  N N     . LYS A 1 83  ? 11.965  -0.022  12.582  1.00 16.18 ? 83  LYS A N     1 
ATOM   673  C CA    . LYS A 1 83  ? 12.477  0.974   11.649  1.00 18.84 ? 83  LYS A CA    1 
ATOM   674  C C     . LYS A 1 83  ? 11.390  1.963   11.232  1.00 14.97 ? 83  LYS A C     1 
ATOM   675  O O     . LYS A 1 83  ? 11.649  3.159   11.076  1.00 19.27 ? 83  LYS A O     1 
ATOM   676  C CB    . LYS A 1 83  ? 13.078  0.301   10.411  1.00 19.33 ? 83  LYS A CB    1 
ATOM   677  C CG    . LYS A 1 83  ? 14.345  -0.495  10.694  0.80 27.49 ? 83  LYS A CG    1 
ATOM   678  N N     . LEU A 1 84  ? 10.170  1.466   11.063  1.00 11.22 ? 84  LEU A N     1 
ATOM   679  C CA    . LEU A 1 84  ? 9.093   2.295   10.532  1.00 9.37  ? 84  LEU A CA    1 
ATOM   680  C C     . LEU A 1 84  ? 8.374   3.128   11.588  1.00 9.91  ? 84  LEU A C     1 
ATOM   681  O O     . LEU A 1 84  ? 8.004   4.275   11.328  1.00 11.58 ? 84  LEU A O     1 
ATOM   682  C CB    . LEU A 1 84  ? 8.072   1.434   9.780   1.00 9.92  ? 84  LEU A CB    1 
ATOM   683  C CG    . LEU A 1 84  ? 8.628   0.658   8.586   1.00 10.07 ? 84  LEU A CG    1 
ATOM   684  C CD1   . LEU A 1 84  ? 7.494   -0.110  7.913   1.00 11.82 ? 84  LEU A CD1   1 
ATOM   685  C CD2   . LEU A 1 84  ? 9.294   1.604   7.600   1.00 13.62 ? 84  LEU A CD2   1 
ATOM   686  N N     . LYS A 1 85  ? 8.161   2.551   12.766  1.00 9.61  ? 85  LYS A N     1 
ATOM   687  C CA    . LYS A 1 85  ? 7.376   3.222   13.798  1.00 10.41 ? 85  LYS A CA    1 
ATOM   688  C C     . LYS A 1 85  ? 7.851   4.630   14.147  1.00 10.40 ? 85  LYS A C     1 
ATOM   689  O O     . LYS A 1 85  ? 7.042   5.550   14.209  1.00 11.74 ? 85  LYS A O     1 
ATOM   690  C CB    . LYS A 1 85  ? 7.276   2.376   15.069  1.00 10.98 ? 85  LYS A CB    1 
ATOM   691  C CG    . LYS A 1 85  ? 6.352   3.004   16.110  1.00 13.91 ? 85  LYS A CG    1 
ATOM   692  C CD    . LYS A 1 85  ? 6.300   2.173   17.376  1.00 20.06 ? 85  LYS A CD    1 
ATOM   693  C CE    . LYS A 1 85  ? 5.166   2.619   18.286  1.00 28.92 ? 85  LYS A CE    1 
ATOM   694  N NZ    . LYS A 1 85  ? 5.283   4.048   18.675  1.00 31.84 ? 85  LYS A NZ    1 
ATOM   695  N N     . PRO A 1 86  ? 9.157   4.808   14.398  1.00 11.08 ? 86  PRO A N     1 
ATOM   696  C CA    . PRO A 1 86  ? 9.583   6.165   14.767  1.00 13.79 ? 86  PRO A CA    1 
ATOM   697  C C     . PRO A 1 86  ? 9.348   7.191   13.660  1.00 13.27 ? 86  PRO A C     1 
ATOM   698  O O     . PRO A 1 86  ? 8.996   8.335   13.955  1.00 12.14 ? 86  PRO A O     1 
ATOM   699  C CB    . PRO A 1 86  ? 11.083  6.009   15.058  1.00 15.81 ? 86  PRO A CB    1 
ATOM   700  C CG    . PRO A 1 86  ? 11.472  4.704   14.444  1.00 21.05 ? 86  PRO A CG    1 
ATOM   701  C CD    . PRO A 1 86  ? 10.256  3.835   14.490  1.00 14.19 ? 86  PRO A CD    1 
ATOM   702  N N     . VAL A 1 87  ? 9.526   6.797   12.404  1.00 9.21  ? 87  VAL A N     1 
ATOM   703  C CA    . VAL A 1 87  ? 9.296   7.729   11.306  1.00 9.45  ? 87  VAL A CA    1 
ATOM   704  C C     . VAL A 1 87  ? 7.797   8.045   11.219  1.00 8.73  ? 87  VAL A C     1 
ATOM   705  O O     . VAL A 1 87  ? 7.393   9.203   11.119  1.00 9.55  ? 87  VAL A O     1 
ATOM   706  C CB    . VAL A 1 87  ? 9.821   7.175   9.970   1.00 12.86 ? 87  VAL A CB    1 
ATOM   707  C CG1   . VAL A 1 87  ? 9.643   8.208   8.861   1.00 11.75 ? 87  VAL A CG1   1 
ATOM   708  C CG2   . VAL A 1 87  ? 11.293  6.773   10.098  1.00 15.23 ? 87  VAL A CG2   1 
ATOM   709  N N     . TYR A 1 88  ? 6.977   7.004   11.290  1.00 7.57  ? 88  TYR A N     1 
ATOM   710  C CA    . TYR A 1 88  ? 5.533   7.166   11.245  1.00 8.78  ? 88  TYR A CA    1 
ATOM   711  C C     . TYR A 1 88  ? 5.052   8.100   12.351  1.00 10.08 ? 88  TYR A C     1 
ATOM   712  O O     . TYR A 1 88  ? 4.301   9.044   12.094  1.00 9.78  ? 88  TYR A O     1 
ATOM   713  C CB    . TYR A 1 88  ? 4.861   5.799   11.362  1.00 7.68  ? 88  TYR A CB    1 
ATOM   714  C CG    . TYR A 1 88  ? 3.362   5.832   11.225  1.00 9.63  ? 88  TYR A CG    1 
ATOM   715  C CD1   . TYR A 1 88  ? 2.759   5.832   9.969   1.00 10.34 ? 88  TYR A CD1   1 
ATOM   716  C CD2   . TYR A 1 88  ? 2.547   5.850   12.345  1.00 12.71 ? 88  TYR A CD2   1 
ATOM   717  C CE1   . TYR A 1 88  ? 1.387   5.855   9.834   1.00 12.03 ? 88  TYR A CE1   1 
ATOM   718  C CE2   . TYR A 1 88  ? 1.176   5.875   12.222  1.00 14.47 ? 88  TYR A CE2   1 
ATOM   719  C CZ    . TYR A 1 88  ? 0.600   5.877   10.961  1.00 16.68 ? 88  TYR A CZ    1 
ATOM   720  O OH    . TYR A 1 88  ? -0.772  5.899   10.838  1.00 17.63 ? 88  TYR A OH    1 
ATOM   721  N N     . ASP A 1 89  ? 5.512   7.861   13.575  1.00 8.92  ? 89  ASP A N     1 
ATOM   722  C CA    . ASP A 1 89  ? 5.112   8.714   14.698  1.00 10.41 ? 89  ASP A CA    1 
ATOM   723  C C     . ASP A 1 89  ? 5.538   10.163  14.519  1.00 9.83  ? 89  ASP A C     1 
ATOM   724  O O     . ASP A 1 89  ? 4.893   11.070  15.038  1.00 12.94 ? 89  ASP A O     1 
ATOM   725  C CB    . ASP A 1 89  ? 5.649   8.172   16.016  1.00 12.48 ? 89  ASP A CB    1 
ATOM   726  C CG    . ASP A 1 89  ? 4.871   6.966   16.502  1.00 23.25 ? 89  ASP A CG    1 
ATOM   727  O OD1   . ASP A 1 89  ? 3.766   6.724   15.966  1.00 21.12 ? 89  ASP A OD1   1 
ATOM   728  O OD2   . ASP A 1 89  ? 5.358   6.270   17.414  1.00 24.11 ? 89  ASP A OD2   1 
ATOM   729  N N     . SER A 1 90  ? 6.622   10.383  13.782  1.00 7.85  ? 90  SER A N     1 
ATOM   730  C CA    . SER A 1 90  ? 7.109   11.734  13.551  1.00 7.53  ? 90  SER A CA    1 
ATOM   731  C C     . SER A 1 90  ? 6.276   12.518  12.538  1.00 10.35 ? 90  SER A C     1 
ATOM   732  O O     . SER A 1 90  ? 6.365   13.740  12.477  1.00 10.13 ? 90  SER A O     1 
ATOM   733  C CB    . SER A 1 90  ? 8.570   11.693  13.091  1.00 12.80 ? 90  SER A CB    1 
ATOM   734  O OG    . SER A 1 90  ? 8.658   11.389  11.706  1.00 12.44 ? 90  SER A OG    1 
ATOM   735  N N     . LEU A 1 91  ? 5.473   11.813  11.744  1.00 9.80  ? 91  LEU A N     1 
ATOM   736  C CA    . LEU A 1 91  ? 4.730   12.434  10.648  1.00 9.84  ? 91  LEU A CA    1 
ATOM   737  C C     . LEU A 1 91  ? 3.384   13.016  11.073  1.00 11.01 ? 91  LEU A C     1 
ATOM   738  O O     . LEU A 1 91  ? 2.794   12.590  12.065  1.00 11.81 ? 91  LEU A O     1 
ATOM   739  C CB    . LEU A 1 91  ? 4.478   11.406  9.543   1.00 9.50  ? 91  LEU A CB    1 
ATOM   740  C CG    . LEU A 1 91  ? 5.697   10.829  8.827   1.00 8.30  ? 91  LEU A CG    1 
ATOM   741  C CD1   . LEU A 1 91  ? 5.239   9.713   7.910   1.00 11.72 ? 91  LEU A CD1   1 
ATOM   742  C CD2   . LEU A 1 91  ? 6.410   11.918  8.048   1.00 10.62 ? 91  LEU A CD2   1 
ATOM   743  N N     . ASP A 1 92  ? 2.913   13.991  10.301  1.00 9.89  ? 92  ASP A N     1 
ATOM   744  C CA    . ASP A 1 92  ? 1.553   14.517  10.422  1.00 8.46  ? 92  ASP A CA    1 
ATOM   745  C C     . ASP A 1 92  ? 0.534   13.545  9.813   1.00 11.11 ? 92  ASP A C     1 
ATOM   746  O O     . ASP A 1 92  ? 0.905   12.585  9.134   1.00 11.13 ? 92  ASP A O     1 
ATOM   747  C CB    . ASP A 1 92  ? 1.473   15.840  9.674   1.00 12.12 ? 92  ASP A CB    1 
ATOM   748  C CG    . ASP A 1 92  ? 1.839   15.687  8.224   0.50 6.87  ? 92  ASP A CG    1 
ATOM   749  O OD1   . ASP A 1 92  ? 3.054   15.737  7.923   0.50 4.14  ? 92  ASP A OD1   1 
ATOM   750  O OD2   . ASP A 1 92  ? 0.920   15.481  7.398   0.50 5.45  ? 92  ASP A OD2   1 
ATOM   751  N N     . ALA A 1 93  ? -0.751  13.814  10.038  1.00 11.43 ? 93  ALA A N     1 
ATOM   752  C CA    . ALA A 1 93  ? -1.815  12.892  9.628   1.00 13.37 ? 93  ALA A CA    1 
ATOM   753  C C     . ALA A 1 93  ? -1.838  12.595  8.131   1.00 11.90 ? 93  ALA A C     1 
ATOM   754  O O     . ALA A 1 93  ? -2.010  11.441  7.729   1.00 12.10 ? 93  ALA A O     1 
ATOM   755  C CB    . ALA A 1 93  ? -3.179  13.406  10.088  1.00 14.17 ? 93  ALA A CB    1 
ATOM   756  N N     . VAL A 1 94  ? -1.673  13.619  7.302   1.00 10.58 ? 94  VAL A N     1 
ATOM   757  C CA    . VAL A 1 94  ? -1.736  13.397  5.856   1.00 9.17  ? 94  VAL A CA    1 
ATOM   758  C C     . VAL A 1 94  ? -0.559  12.540  5.396   1.00 9.98  ? 94  VAL A C     1 
ATOM   759  O O     . VAL A 1 94  ? -0.724  11.579  4.638   1.00 7.50  ? 94  VAL A O     1 
ATOM   760  C CB    . VAL A 1 94  ? -1.785  14.719  5.075   1.00 11.39 ? 94  VAL A CB    1 
ATOM   761  C CG1   . VAL A 1 94  ? -1.752  14.445  3.575   1.00 11.16 ? 94  VAL A CG1   1 
ATOM   762  C CG2   . VAL A 1 94  ? -3.039  15.490  5.447   1.00 14.32 ? 94  VAL A CG2   1 
ATOM   763  N N     . ARG A 1 95  ? 0.636   12.866  5.872   1.00 7.71  ? 95  ARG A N     1 
ATOM   764  C CA    . ARG A 1 95  ? 1.805   12.076  5.504   1.00 6.64  ? 95  ARG A CA    1 
ATOM   765  C C     . ARG A 1 95  ? 1.743   10.636  6.043   1.00 8.44  ? 95  ARG A C     1 
ATOM   766  O O     . ARG A 1 95  ? 2.235   9.708   5.405   1.00 8.43  ? 95  ARG A O     1 
ATOM   767  C CB    . ARG A 1 95  ? 3.085   12.797  5.920   1.00 7.74  ? 95  ARG A CB    1 
ATOM   768  C CG    . ARG A 1 95  ? 3.313   14.054  5.105   1.00 7.98  ? 95  ARG A CG    1 
ATOM   769  C CD    . ARG A 1 95  ? 4.650   14.688  5.455   1.00 7.64  ? 95  ARG A CD    1 
ATOM   770  N NE    . ARG A 1 95  ? 4.976   15.783  4.545   1.00 8.61  ? 95  ARG A NE    1 
ATOM   771  C CZ    . ARG A 1 95  ? 4.724   17.067  4.792   1.00 12.13 ? 95  ARG A CZ    1 
ATOM   772  N NH1   . ARG A 1 95  ? 4.122   17.427  5.918   1.00 12.15 ? 95  ARG A NH1   1 
ATOM   773  N NH2   . ARG A 1 95  ? 5.075   17.996  3.906   1.00 10.27 ? 95  ARG A NH2   1 
ATOM   774  N N     . ARG A 1 96  ? 1.116   10.438  7.197   1.00 6.92  ? 96  ARG A N     1 
ATOM   775  C CA    . ARG A 1 96  ? 0.905   9.076   7.682   1.00 7.12  ? 96  ARG A CA    1 
ATOM   776  C C     . ARG A 1 96  ? 0.096   8.255   6.680   1.00 9.54  ? 96  ARG A C     1 
ATOM   777  O O     . ARG A 1 96  ? 0.343   7.061   6.514   1.00 8.32  ? 96  ARG A O     1 
ATOM   778  C CB    . ARG A 1 96  ? 0.231   9.068   9.055   1.00 8.27  ? 96  ARG A CB    1 
ATOM   779  C CG    . ARG A 1 96  ? 1.181   9.470   10.165  1.00 9.14  ? 96  ARG A CG    1 
ATOM   780  C CD    . ARG A 1 96  ? 0.492   9.436   11.517  1.00 13.04 ? 96  ARG A CD    1 
ATOM   781  N NE    . ARG A 1 96  ? 1.396   9.921   12.556  1.00 12.93 ? 96  ARG A NE    1 
ATOM   782  C CZ    . ARG A 1 96  ? 1.017   10.216  13.792  1.00 18.51 ? 96  ARG A CZ    1 
ATOM   783  N NH1   . ARG A 1 96  ? -0.252  10.068  14.142  1.00 18.89 ? 96  ARG A NH1   1 
ATOM   784  N NH2   . ARG A 1 96  ? 1.908   10.657  14.676  1.00 15.78 ? 96  ARG A NH2   1 
ATOM   785  N N     . CYS A 1 97  ? -0.857  8.896   6.003   1.00 9.21  ? 97  CYS A N     1 
ATOM   786  C CA    . CYS A 1 97  ? -1.629  8.204   4.968   1.00 9.51  ? 97  CYS A CA    1 
ATOM   787  C C     . CYS A 1 97  ? -0.751  7.753   3.810   1.00 7.88  ? 97  CYS A C     1 
ATOM   788  O O     . CYS A 1 97  ? -0.890  6.630   3.318   1.00 8.10  ? 97  CYS A O     1 
ATOM   789  C CB    . CYS A 1 97  ? -2.766  9.076   4.448   1.00 7.84  ? 97  CYS A CB    1 
ATOM   790  S SG    . CYS A 1 97  ? -4.058  9.316   5.668   1.00 13.45 ? 97  CYS A SG    1 
ATOM   791  N N     . ALA A 1 98  ? 0.168   8.616   3.389   1.00 7.18  ? 98  ALA A N     1 
ATOM   792  C CA    . ALA A 1 98  ? 1.125   8.240   2.351   1.00 6.57  ? 98  ALA A CA    1 
ATOM   793  C C     . ALA A 1 98  ? 1.958   7.029   2.773   1.00 7.13  ? 98  ALA A C     1 
ATOM   794  O O     . ALA A 1 98  ? 2.219   6.137   1.964   1.00 8.38  ? 98  ALA A O     1 
ATOM   795  C CB    . ALA A 1 98  ? 2.027   9.417   1.996   1.00 7.15  ? 98  ALA A CB    1 
ATOM   796  N N     . ALA A 1 99  ? 2.365   7.002   4.040   1.00 7.54  ? 99  ALA A N     1 
ATOM   797  C CA    . ALA A 1 99  ? 3.140   5.884   4.584   1.00 6.21  ? 99  ALA A CA    1 
ATOM   798  C C     . ALA A 1 99  ? 2.353   4.579   4.544   1.00 7.64  ? 99  ALA A C     1 
ATOM   799  O O     . ALA A 1 99  ? 2.873   3.536   4.147   1.00 7.90  ? 99  ALA A O     1 
ATOM   800  C CB    . ALA A 1 99  ? 3.572   6.186   6.013   1.00 7.63  ? 99  ALA A CB    1 
ATOM   801  N N     . ILE A 1 100 ? 1.094   4.645   4.962   1.00 8.01  ? 100 ILE A N     1 
ATOM   802  C CA    . ILE A 1 100 ? 0.243   3.464   4.980   1.00 7.70  ? 100 ILE A CA    1 
ATOM   803  C C     . ILE A 1 100 ? 0.019   2.969   3.556   1.00 7.38  ? 100 ILE A C     1 
ATOM   804  O O     . ILE A 1 100 ? 0.040   1.760   3.291   1.00 8.60  ? 100 ILE A O     1 
ATOM   805  C CB    . ILE A 1 100 ? -1.102  3.750   5.677   1.00 7.95  ? 100 ILE A CB    1 
ATOM   806  C CG1   . ILE A 1 100 ? -0.863  4.080   7.151   1.00 7.83  ? 100 ILE A CG1   1 
ATOM   807  C CG2   . ILE A 1 100 ? -2.048  2.546   5.543   1.00 8.26  ? 100 ILE A CG2   1 
ATOM   808  C CD1   . ILE A 1 100 ? -2.041  4.758   7.836   1.00 11.18 ? 100 ILE A CD1   1 
ATOM   809  N N     . ASN A 1 101 ? -0.169  3.911   2.640   1.00 8.52  ? 101 ASN A N     1 
ATOM   810  C CA    . ASN A 1 101 ? -0.367  3.581   1.234   1.00 8.48  ? 101 ASN A CA    1 
ATOM   811  C C     . ASN A 1 101 ? 0.800   2.739   0.705   1.00 8.05  ? 101 ASN A C     1 
ATOM   812  O O     . ASN A 1 101 ? 0.594   1.690   0.088   1.00 9.38  ? 101 ASN A O     1 
ATOM   813  C CB    . ASN A 1 101 ? -0.534  4.876   0.425   1.00 6.46  ? 101 ASN A CB    1 
ATOM   814  C CG    . ASN A 1 101 ? -1.048  4.633   -0.980  1.00 8.34  ? 101 ASN A CG    1 
ATOM   815  O OD1   . ASN A 1 101 ? -0.496  3.828   -1.732  1.00 10.01 ? 101 ASN A OD1   1 
ATOM   816  N ND2   . ASN A 1 101 ? -2.115  5.335   -1.343  1.00 8.64  ? 101 ASN A ND2   1 
ATOM   817  N N     . MET A 1 102 ? 2.025   3.186   0.966   1.00 8.47  ? 102 MET A N     1 
ATOM   818  C CA    . MET A 1 102 ? 3.199   2.449   0.502   1.00 6.49  ? 102 MET A CA    1 
ATOM   819  C C     . MET A 1 102 ? 3.300   1.048   1.101   1.00 9.26  ? 102 MET A C     1 
ATOM   820  O O     . MET A 1 102 ? 3.602   0.087   0.392   1.00 9.29  ? 102 MET A O     1 
ATOM   821  C CB    . MET A 1 102 ? 4.487   3.235   0.771   1.00 8.11  ? 102 MET A CB    1 
ATOM   822  C CG    . MET A 1 102 ? 4.601   4.498   -0.048  1.00 7.34  ? 102 MET A CG    1 
ATOM   823  S SD    . MET A 1 102 ? 6.225   5.241   0.128   1.00 10.68 ? 102 MET A SD    1 
ATOM   824  C CE    . MET A 1 102 ? 7.248   4.144   -0.857  1.00 11.34 ? 102 MET A CE    1 
ATOM   825  N N     . VAL A 1 103 ? 3.056   0.922   2.400   1.00 8.97  ? 103 VAL A N     1 
ATOM   826  C CA    A VAL A 1 103 ? 3.115   -0.374  3.075   0.50 8.95  ? 103 VAL A CA    1 
ATOM   827  C CA    B VAL A 1 103 ? 3.152   -0.394  3.021   0.50 8.95  ? 103 VAL A CA    1 
ATOM   828  C C     . VAL A 1 103 ? 1.994   -1.287  2.582   1.00 10.04 ? 103 VAL A C     1 
ATOM   829  O O     . VAL A 1 103 ? 2.160   -2.505  2.469   1.00 11.26 ? 103 VAL A O     1 
ATOM   830  C CB    A VAL A 1 103 ? 3.035   -0.199  4.606   0.50 10.25 ? 103 VAL A CB    1 
ATOM   831  C CB    B VAL A 1 103 ? 3.269   -0.317  4.552   0.50 10.70 ? 103 VAL A CB    1 
ATOM   832  C CG1   A VAL A 1 103 ? 2.960   -1.552  5.305   0.50 8.84  ? 103 VAL A CG1   1 
ATOM   833  C CG1   B VAL A 1 103 ? 4.613   0.301   4.945   0.50 10.56 ? 103 VAL A CG1   1 
ATOM   834  C CG2   A VAL A 1 103 ? 4.234   0.601   5.104   0.50 11.53 ? 103 VAL A CG2   1 
ATOM   835  C CG2   B VAL A 1 103 ? 2.114   0.463   5.131   0.50 11.97 ? 103 VAL A CG2   1 
ATOM   836  N N     . PHE A 1 104 ? 0.841   -0.691  2.294   1.00 8.66  ? 104 PHE A N     1 
ATOM   837  C CA    . PHE A 1 104 ? -0.282  -1.457  1.750   1.00 9.69  ? 104 PHE A CA    1 
ATOM   838  C C     . PHE A 1 104 ? 0.118   -2.046  0.396   1.00 9.27  ? 104 PHE A C     1 
ATOM   839  O O     . PHE A 1 104 ? -0.134  -3.223  0.114   1.00 10.73 ? 104 PHE A O     1 
ATOM   840  C CB    . PHE A 1 104 ? -1.519  -0.564  1.629   1.00 9.50  ? 104 PHE A CB    1 
ATOM   841  C CG    . PHE A 1 104 ? -2.769  -1.279  1.189   1.00 8.37  ? 104 PHE A CG    1 
ATOM   842  C CD1   . PHE A 1 104 ? -3.006  -1.524  -0.147  1.00 11.56 ? 104 PHE A CD1   1 
ATOM   843  C CD2   . PHE A 1 104 ? -3.733  -1.650  2.117   1.00 13.01 ? 104 PHE A CD2   1 
ATOM   844  C CE1   . PHE A 1 104 ? -4.170  -2.154  -0.552  1.00 12.31 ? 104 PHE A CE1   1 
ATOM   845  C CE2   . PHE A 1 104 ? -4.903  -2.275  1.715   1.00 13.41 ? 104 PHE A CE2   1 
ATOM   846  C CZ    . PHE A 1 104 ? -5.115  -2.531  0.384   1.00 10.48 ? 104 PHE A CZ    1 
ATOM   847  N N     . GLN A 1 105 ? 0.778   -1.244  -0.433  1.00 7.70  ? 105 GLN A N     1 
ATOM   848  C CA    . GLN A 1 105 ? 1.146   -1.701  -1.766  1.00 8.41  ? 105 GLN A CA    1 
ATOM   849  C C     . GLN A 1 105 ? 2.301   -2.710  -1.768  1.00 15.47 ? 105 GLN A C     1 
ATOM   850  O O     . GLN A 1 105 ? 2.260   -3.712  -2.484  1.00 14.15 ? 105 GLN A O     1 
ATOM   851  C CB    . GLN A 1 105 ? 1.513   -0.501  -2.663  1.00 9.48  ? 105 GLN A CB    1 
ATOM   852  C CG    . GLN A 1 105 ? 1.800   -0.903  -4.114  1.00 11.00 ? 105 GLN A CG    1 
ATOM   853  C CD    . GLN A 1 105 ? 2.218   0.263   -4.992  1.00 12.12 ? 105 GLN A CD    1 
ATOM   854  O OE1   . GLN A 1 105 ? 2.274   1.406   -4.547  1.00 11.55 ? 105 GLN A OE1   1 
ATOM   855  N NE2   . GLN A 1 105 ? 2.520   -0.028  -6.251  1.00 15.05 ? 105 GLN A NE2   1 
ATOM   856  N N     . MET A 1 106 ? 3.330   -2.456  -0.970  1.00 10.56 ? 106 MET A N     1 
ATOM   857  C CA    A MET A 1 106 ? 4.550   -3.249  -1.111  0.50 13.11 ? 106 MET A CA    1 
ATOM   858  C CA    B MET A 1 106 ? 4.592   -3.187  -1.082  0.50 13.09 ? 106 MET A CA    1 
ATOM   859  C C     . MET A 1 106 ? 4.931   -4.073  0.112   1.00 16.13 ? 106 MET A C     1 
ATOM   860  O O     . MET A 1 106 ? 5.884   -4.856  0.058   1.00 16.44 ? 106 MET A O     1 
ATOM   861  C CB    A MET A 1 106 ? 5.722   -2.373  -1.580  0.50 15.62 ? 106 MET A CB    1 
ATOM   862  C CB    B MET A 1 106 ? 5.739   -2.201  -1.327  0.50 14.29 ? 106 MET A CB    1 
ATOM   863  C CG    A MET A 1 106 ? 6.047   -1.211  -0.675  0.50 12.24 ? 106 MET A CG    1 
ATOM   864  C CG    B MET A 1 106 ? 5.679   -1.514  -2.682  0.50 14.15 ? 106 MET A CG    1 
ATOM   865  S SD    A MET A 1 106 ? 7.097   0.027   -1.467  0.50 27.90 ? 106 MET A SD    1 
ATOM   866  S SD    B MET A 1 106 ? 7.126   -0.493  -2.989  0.50 16.84 ? 106 MET A SD    1 
ATOM   867  C CE    A MET A 1 106 ? 5.859   1.034   -2.283  0.50 13.59 ? 106 MET A CE    1 
ATOM   868  C CE    B MET A 1 106 ? 6.735   0.974   -2.044  0.50 16.07 ? 106 MET A CE    1 
ATOM   869  N N     . GLY A 1 107 ? 4.170   -3.930  1.192   1.00 11.66 ? 107 GLY A N     1 
ATOM   870  C CA    . GLY A 1 107 ? 4.461   -4.639  2.424   1.00 14.60 ? 107 GLY A CA    1 
ATOM   871  C C     . GLY A 1 107 ? 5.722   -4.079  3.059   1.00 17.81 ? 107 GLY A C     1 
ATOM   872  O O     . GLY A 1 107 ? 6.265   -3.071  2.608   1.00 18.40 ? 107 GLY A O     1 
ATOM   873  N N     . GLU A 1 108 ? 6.168   -4.699  4.114   1.00 26.10 ? 108 GLU A N     1 
ATOM   874  C CA    . GLU A 1 108 ? 7.385   -4.245  4.794   1.00 25.53 ? 108 GLU A CA    1 
ATOM   875  C C     . GLU A 1 108 ? 8.668   -4.744  4.204   1.00 27.22 ? 108 GLU A C     1 
ATOM   876  O O     . GLU A 1 108 ? 9.649   -4.129  4.358   1.00 32.79 ? 108 GLU A O     1 
ATOM   877  C CB    . GLU A 1 108 ? 7.309   -4.582  6.251   1.00 30.83 ? 108 GLU A CB    1 
ATOM   878  C CG    . GLU A 1 108 ? 6.146   -3.945  6.849   1.00 31.18 ? 108 GLU A CG    1 
ATOM   879  C CD    . GLU A 1 108 ? 5.913   -4.308  8.250   1.00 37.09 ? 108 GLU A CD    1 
ATOM   880  O OE1   . GLU A 1 108 ? 6.798   -4.812  8.957   1.00 33.48 ? 108 GLU A OE1   1 
ATOM   881  O OE2   . GLU A 1 108 ? 4.802   -4.028  8.668   1.00 43.91 ? 108 GLU A OE2   1 
ATOM   882  N N     A THR A 1 109 ? 8.660   -5.844  3.503   0.60 25.20 ? 109 THR A N     1 
ATOM   883  N N     B THR A 1 109 ? 8.734   -5.840  3.580   0.30 25.24 ? 109 THR A N     1 
ATOM   884  N N     C THR A 1 109 ? 8.682   -5.830  3.476   0.10 25.24 ? 109 THR A N     1 
ATOM   885  C CA    A THR A 1 109 ? 9.877   -6.258  2.900   0.60 25.95 ? 109 THR A CA    1 
ATOM   886  C CA    B THR A 1 109 ? 9.983   -6.530  3.238   0.30 26.48 ? 109 THR A CA    1 
ATOM   887  C CA    C THR A 1 109 ? 9.943   -6.272  2.937   0.10 25.96 ? 109 THR A CA    1 
ATOM   888  C C     A THR A 1 109 ? 10.102  -5.323  1.724   0.60 26.55 ? 109 THR A C     1 
ATOM   889  C C     B THR A 1 109 ? 11.062  -5.678  2.558   0.30 26.45 ? 109 THR A C     1 
ATOM   890  C C     C THR A 1 109 ? 10.429  -5.272  1.876   0.10 25.14 ? 109 THR A C     1 
ATOM   891  O O     A THR A 1 109 ? 11.195  -4.923  1.477   0.60 23.45 ? 109 THR A O     1 
ATOM   892  O O     B THR A 1 109 ? 12.217  -6.099  2.460   0.30 22.84 ? 109 THR A O     1 
ATOM   893  O O     C THR A 1 109 ? 11.520  -5.095  1.608   0.10 23.84 ? 109 THR A O     1 
ATOM   894  C CB    A THR A 1 109 ? 9.857   -7.725  2.455   0.60 29.20 ? 109 THR A CB    1 
ATOM   895  C CB    B THR A 1 109 ? 9.719   -7.784  2.374   0.30 29.10 ? 109 THR A CB    1 
ATOM   896  C CB    C THR A 1 109 ? 9.882   -7.731  2.439   0.10 28.98 ? 109 THR A CB    1 
ATOM   897  O OG1   A THR A 1 109 ? 8.804   -7.921  1.524   0.60 34.63 ? 109 THR A OG1   1 
ATOM   898  O OG1   B THR A 1 109 ? 9.711   -7.422  0.986   0.30 26.30 ? 109 THR A OG1   1 
ATOM   899  O OG1   C THR A 1 109 ? 9.561   -7.755  1.055   0.10 26.85 ? 109 THR A OG1   1 
ATOM   900  C CG2   A THR A 1 109 ? 9.606   -8.580  3.605   0.60 27.58 ? 109 THR A CG2   1 
ATOM   901  C CG2   B THR A 1 109 ? 8.384   -8.410  2.741   0.30 26.23 ? 109 THR A CG2   1 
ATOM   902  C CG2   C THR A 1 109 ? 8.823   -8.432  3.156   0.10 26.24 ? 109 THR A CG2   1 
ATOM   903  N N     A GLY A 1 110 ? 9.000   -4.946  1.070   0.60 22.03 ? 110 GLY A N     1 
ATOM   904  N N     B GLY A 1 110 ? 10.693  -4.488  2.095   0.30 24.35 ? 110 GLY A N     1 
ATOM   905  N N     C GLY A 1 110 ? 9.515   -4.559  1.334   0.10 23.86 ? 110 GLY A N     1 
ATOM   906  C CA    A GLY A 1 110 ? 9.034   -4.146  -0.121  0.60 22.03 ? 110 GLY A CA    1 
ATOM   907  C CA    B GLY A 1 110 ? 11.623  -3.641  1.371   0.30 22.10 ? 110 GLY A CA    1 
ATOM   908  C CA    C GLY A 1 110 ? 9.850   -3.567  0.331   0.10 22.35 ? 110 GLY A CA    1 
ATOM   909  C C     A GLY A 1 110 ? 9.538   -2.746  0.085   0.60 21.88 ? 110 GLY A C     1 
ATOM   910  C C     B GLY A 1 110 ? 12.082  -2.418  2.140   0.30 20.76 ? 110 GLY A C     1 
ATOM   911  C C     C GLY A 1 110 ? 10.099  -2.196  0.927   0.10 21.18 ? 110 GLY A C     1 
ATOM   912  O O     A GLY A 1 110 ? 9.984   -2.131  -0.862  0.60 19.41 ? 110 GLY A O     1 
ATOM   913  O O     B GLY A 1 110 ? 12.626  -1.480  1.553   0.30 19.90 ? 110 GLY A O     1 
ATOM   914  O O     C GLY A 1 110 ? 10.931  -1.437  0.428   0.10 21.02 ? 110 GLY A O     1 
ATOM   915  N N     A VAL A 1 111 ? 9.446   -2.256  1.315   0.60 20.80 ? 111 VAL A N     1 
ATOM   916  N N     B VAL A 1 111 ? 11.861  -2.390  3.408   0.30 20.03 ? 111 VAL A N     1 
ATOM   917  N N     C VAL A 1 111 ? 9.378   -1.874  1.997   0.10 20.25 ? 111 VAL A N     1 
ATOM   918  C CA    A VAL A 1 111 ? 9.973   -0.931  1.628   0.60 18.46 ? 111 VAL A CA    1 
ATOM   919  C CA    B VAL A 1 111 ? 12.271  -1.254  4.206   0.30 18.07 ? 111 VAL A CA    1 
ATOM   920  C CA    C VAL A 1 111 ? 9.523   -0.581  2.655   0.10 19.59 ? 111 VAL A CA    1 
ATOM   921  C C     A VAL A 1 111 ? 11.334  -1.010  2.316   0.60 19.89 ? 111 VAL A C     1 
ATOM   922  C C     B VAL A 1 111 ? 13.738  -0.944  4.127   0.30 19.24 ? 111 VAL A C     1 
ATOM   923  C C     C VAL A 1 111 ? 10.669  -0.601  3.666   0.10 18.82 ? 111 VAL A C     1 
ATOM   924  O O     A VAL A 1 111 ? 11.858  -0.003  2.786   0.60 17.53 ? 111 VAL A O     1 
ATOM   925  O O     B VAL A 1 111 ? 14.121  0.192   3.913   0.30 18.33 ? 111 VAL A O     1 
ATOM   926  O O     C VAL A 1 111 ? 11.262  0.437   3.963   0.10 19.37 ? 111 VAL A O     1 
ATOM   927  C CB    A VAL A 1 111 ? 9.011   -0.117  2.523   0.60 16.87 ? 111 VAL A CB    1 
ATOM   928  C CB    B VAL A 1 111 ? 11.850  -1.331  5.651   0.30 21.26 ? 111 VAL A CB    1 
ATOM   929  C CB    C VAL A 1 111 ? 8.218   -0.143  3.349   0.10 17.63 ? 111 VAL A CB    1 
ATOM   930  C CG1   A VAL A 1 111 ? 7.722   0.183   1.786   0.60 16.59 ? 111 VAL A CG1   1 
ATOM   931  C CG1   B VAL A 1 111 ? 11.817  -0.027  6.153   0.30 17.73 ? 111 VAL A CG1   1 
ATOM   932  C CG1   C VAL A 1 111 ? 8.403   1.203   4.037   0.10 17.18 ? 111 VAL A CG1   1 
ATOM   933  C CG2   A VAL A 1 111 ? 8.733   -0.859  3.821   0.60 21.21 ? 111 VAL A CG2   1 
ATOM   934  C CG2   B VAL A 1 111 ? 10.508  -1.992  5.824   0.30 19.03 ? 111 VAL A CG2   1 
ATOM   935  C CG2   C VAL A 1 111 ? 7.082   -0.072  2.342   0.10 17.07 ? 111 VAL A CG2   1 
ATOM   936  N N     A ALA A 1 112 ? 11.904  -2.210  2.362   0.60 20.51 ? 112 ALA A N     1 
ATOM   937  N N     B ALA A 1 112 ? 14.565  -1.933  4.366   0.30 21.57 ? 112 ALA A N     1 
ATOM   938  N N     C ALA A 1 112 ? 10.978  -1.786  4.188   0.10 20.95 ? 112 ALA A N     1 
ATOM   939  C CA    A ALA A 1 112 ? 13.161  -2.442  3.071   0.60 20.95 ? 112 ALA A CA    1 
ATOM   940  C CA    B ALA A 1 112 ? 16.004  -1.709  4.270   0.30 19.59 ? 112 ALA A CA    1 
ATOM   941  C CA    C ALA A 1 112 ? 12.096  -1.943  5.113   0.10 20.51 ? 112 ALA A CA    1 
ATOM   942  C C     A ALA A 1 112 ? 14.327  -1.576  2.582   0.60 21.75 ? 112 ALA A C     1 
ATOM   943  C C     B ALA A 1 112 ? 16.312  -0.913  3.009   0.30 20.48 ? 112 ALA A C     1 
ATOM   944  C C     C ALA A 1 112 ? 13.378  -1.409  4.485   0.10 19.70 ? 112 ALA A C     1 
ATOM   945  O O     A ALA A 1 112 ? 15.171  -1.159  3.381   0.60 19.10 ? 112 ALA A O     1 
ATOM   946  O O     B ALA A 1 112 ? 17.213  -0.075  2.990   0.30 17.69 ? 112 ALA A O     1 
ATOM   947  O O     C ALA A 1 112 ? 14.273  -0.939  5.188   0.10 19.90 ? 112 ALA A O     1 
ATOM   948  C CB    A ALA A 1 112 ? 13.534  -3.922  3.018   0.60 22.69 ? 112 ALA A CB    1 
ATOM   949  C CB    B ALA A 1 112 ? 16.751  -3.033  4.264   0.30 22.54 ? 112 ALA A CB    1 
ATOM   950  C CB    C ALA A 1 112 ? 12.268  -3.399  5.514   0.10 20.93 ? 112 ALA A CB    1 
ATOM   951  N N     A GLY A 1 113 ? 14.374  -1.308  1.277   0.60 18.42 ? 113 GLY A N     1 
ATOM   952  N N     B GLY A 1 113 ? 15.547  -1.183  1.958   0.30 17.83 ? 113 GLY A N     1 
ATOM   953  N N     C GLY A 1 113 ? 13.462  -1.496  3.161   0.10 20.08 ? 113 GLY A N     1 
ATOM   954  C CA    A GLY A 1 113 ? 15.475  -0.558  0.689   0.60 19.18 ? 113 GLY A CA    1 
ATOM   955  C CA    B GLY A 1 113 ? 15.671  -0.462  0.708   0.30 18.94 ? 113 GLY A CA    1 
ATOM   956  C CA    C GLY A 1 113 ? 14.534  -0.855  2.423   0.10 19.70 ? 113 GLY A CA    1 
ATOM   957  C C     A GLY A 1 113 ? 15.311  0.950   0.761   0.60 17.76 ? 113 GLY A C     1 
ATOM   958  C C     B GLY A 1 113 ? 15.413  1.024   0.861   0.30 17.69 ? 113 GLY A C     1 
ATOM   959  C C     C GLY A 1 113 ? 14.403  0.639   2.616   0.10 18.81 ? 113 GLY A C     1 
ATOM   960  O O     A GLY A 1 113 ? 16.068  1.704   0.151   0.60 16.21 ? 113 GLY A O     1 
ATOM   961  O O     B GLY A 1 113 ? 16.203  1.841   0.387   0.30 15.91 ? 113 GLY A O     1 
ATOM   962  O O     C GLY A 1 113 ? 14.378  1.113   3.751   0.10 18.14 ? 113 GLY A O     1 
ATOM   963  N N     . PHE A 1 114 ? 14.317  1.391   1.522   1.00 19.01 ? 114 PHE A N     1 
ATOM   964  C CA    . PHE A 1 114 ? 13.990  2.807   1.622   1.00 14.20 ? 114 PHE A CA    1 
ATOM   965  C C     . PHE A 1 114 ? 14.614  3.501   2.842   1.00 15.66 ? 114 PHE A C     1 
ATOM   966  O O     . PHE A 1 114 ? 14.148  4.553   3.260   1.00 13.67 ? 114 PHE A O     1 
ATOM   967  C CB    . PHE A 1 114 ? 12.468  2.997   1.600   1.00 14.25 ? 114 PHE A CB    1 
ATOM   968  C CG    . PHE A 1 114 ? 11.843  2.797   0.234   1.00 13.16 ? 114 PHE A CG    1 
ATOM   969  C CD1   . PHE A 1 114 ? 11.522  3.885   -0.566  1.00 16.07 ? 114 PHE A CD1   1 
ATOM   970  C CD2   . PHE A 1 114 ? 11.588  1.521   -0.249  1.00 21.88 ? 114 PHE A CD2   1 
ATOM   971  C CE1   . PHE A 1 114 ? 10.947  3.706   -1.822  1.00 16.57 ? 114 PHE A CE1   1 
ATOM   972  C CE2   . PHE A 1 114 ? 11.016  1.336   -1.501  1.00 18.82 ? 114 PHE A CE2   1 
ATOM   973  C CZ    . PHE A 1 114 ? 10.696  2.428   -2.287  1.00 16.47 ? 114 PHE A CZ    1 
ATOM   974  N N     . THR A 1 115 ? 15.686  2.926   3.386   1.00 15.23 ? 115 THR A N     1 
ATOM   975  C CA    . THR A 1 115 ? 16.374  3.495   4.549   1.00 16.95 ? 115 THR A CA    1 
ATOM   976  C C     . THR A 1 115 ? 16.699  4.978   4.411   1.00 16.65 ? 115 THR A C     1 
ATOM   977  O O     . THR A 1 115 ? 16.478  5.764   5.337   1.00 14.31 ? 115 THR A O     1 
ATOM   978  C CB    . THR A 1 115 ? 17.690  2.751   4.844   1.00 22.23 ? 115 THR A CB    1 
ATOM   979  O OG1   . THR A 1 115 ? 17.408  1.375   5.120   1.00 22.56 ? 115 THR A OG1   1 
ATOM   980  C CG2   . THR A 1 115 ? 18.398  3.372   6.041   1.00 23.18 ? 115 THR A CG2   1 
ATOM   981  N N     . ASN A 1 116 ? 17.230  5.365   3.256   1.00 12.66 ? 116 ASN A N     1 
ATOM   982  C CA    . ASN A 1 116 ? 17.602  6.755   3.045   1.00 13.43 ? 116 ASN A CA    1 
ATOM   983  C C     . ASN A 1 116 ? 16.379  7.675   2.986   1.00 13.10 ? 116 ASN A C     1 
ATOM   984  O O     . ASN A 1 116 ? 16.389  8.754   3.567   1.00 12.11 ? 116 ASN A O     1 
ATOM   985  C CB    . ASN A 1 116 ? 18.495  6.886   1.801   1.00 13.96 ? 116 ASN A CB    1 
ATOM   986  C CG    . ASN A 1 116 ? 19.776  6.077   1.932   1.00 25.70 ? 116 ASN A CG    1 
ATOM   987  O OD1   . ASN A 1 116 ? 20.402  6.068   2.993   1.00 23.32 ? 116 ASN A OD1   1 
ATOM   988  N ND2   . ASN A 1 116 ? 20.155  5.368   0.870   1.00 21.92 ? 116 ASN A ND2   1 
ATOM   989  N N     . SER A 1 117 ? 15.324  7.231   2.307   1.00 10.29 ? 117 SER A N     1 
ATOM   990  C CA    . SER A 1 117 ? 14.078  7.992   2.236   1.00 9.67  ? 117 SER A CA    1 
ATOM   991  C C     . SER A 1 117 ? 13.453  8.158   3.611   1.00 10.50 ? 117 SER A C     1 
ATOM   992  O O     . SER A 1 117 ? 12.941  9.227   3.946   1.00 11.17 ? 117 SER A O     1 
ATOM   993  C CB    . SER A 1 117 ? 13.073  7.303   1.310   1.00 11.70 ? 117 SER A CB    1 
ATOM   994  O OG    . SER A 1 117 ? 13.415  7.505   -0.050  1.00 22.96 ? 117 SER A OG    1 
ATOM   995  N N     . LEU A 1 118 ? 13.494  7.091   4.402   1.00 9.38  ? 118 LEU A N     1 
ATOM   996  C CA    . LEU A 1 118 ? 12.955  7.127   5.760   1.00 10.75 ? 118 LEU A CA    1 
ATOM   997  C C     . LEU A 1 118 ? 13.660  8.183   6.602   1.00 11.97 ? 118 LEU A C     1 
ATOM   998  O O     . LEU A 1 118 ? 13.019  8.933   7.346   1.00 11.67 ? 118 LEU A O     1 
ATOM   999  C CB    . LEU A 1 118 ? 13.084  5.757   6.420   1.00 10.85 ? 118 LEU A CB    1 
ATOM   1000 C CG    . LEU A 1 118 ? 12.053  4.727   5.968   1.00 12.59 ? 118 LEU A CG    1 
ATOM   1001 C CD1   . LEU A 1 118 ? 12.493  3.327   6.357   1.00 14.72 ? 118 LEU A CD1   1 
ATOM   1002 C CD2   . LEU A 1 118 ? 10.693  5.055   6.578   1.00 14.88 ? 118 LEU A CD2   1 
ATOM   1003 N N     . ARG A 1 119 ? 14.981  8.242   6.474   1.00 11.56 ? 119 ARG A N     1 
ATOM   1004 C CA    A ARG A 1 119 ? 15.782  9.216   7.202   0.50 14.92 ? 119 ARG A CA    1 
ATOM   1005 C CA    B ARG A 1 119 ? 15.783  9.215   7.202   0.50 14.93 ? 119 ARG A CA    1 
ATOM   1006 C C     . ARG A 1 119 ? 15.370  10.633  6.821   1.00 13.58 ? 119 ARG A C     1 
ATOM   1007 O O     . ARG A 1 119 ? 15.189  11.485  7.691   1.00 11.03 ? 119 ARG A O     1 
ATOM   1008 C CB    A ARG A 1 119 ? 17.271  9.005   6.922   0.50 15.01 ? 119 ARG A CB    1 
ATOM   1009 C CB    B ARG A 1 119 ? 17.271  9.005   6.919   0.50 15.01 ? 119 ARG A CB    1 
ATOM   1010 C CG    A ARG A 1 119 ? 18.188  9.531   8.014   0.50 21.09 ? 119 ARG A CG    1 
ATOM   1011 C CG    B ARG A 1 119 ? 18.186  9.961   7.669   0.50 19.27 ? 119 ARG A CG    1 
ATOM   1012 C CD    A ARG A 1 119 ? 19.629  9.606   7.536   0.50 21.74 ? 119 ARG A CD    1 
ATOM   1013 C CD    B ARG A 1 119 ? 19.646  9.701   7.337   0.50 21.71 ? 119 ARG A CD    1 
ATOM   1014 N NE    A ARG A 1 119 ? 19.722  10.044  6.146   0.50 23.54 ? 119 ARG A NE    1 
ATOM   1015 N NE    B ARG A 1 119 ? 20.041  8.328   7.641   0.50 28.39 ? 119 ARG A NE    1 
ATOM   1016 C CZ    A ARG A 1 119 ? 20.046  9.248   5.133   0.50 26.37 ? 119 ARG A CZ    1 
ATOM   1017 C CZ    B ARG A 1 119 ? 20.379  7.427   6.724   0.50 27.28 ? 119 ARG A CZ    1 
ATOM   1018 N NH1   A ARG A 1 119 ? 20.308  7.967   5.351   0.50 28.16 ? 119 ARG A NH1   1 
ATOM   1019 N NH1   B ARG A 1 119 ? 20.373  7.752   5.439   0.50 27.56 ? 119 ARG A NH1   1 
ATOM   1020 N NH2   A ARG A 1 119 ? 20.107  9.732   3.899   0.50 28.80 ? 119 ARG A NH2   1 
ATOM   1021 N NH2   B ARG A 1 119 ? 20.724  6.201   7.091   0.50 27.55 ? 119 ARG A NH2   1 
ATOM   1022 N N     . MET A 1 120 ? 15.224  10.881  5.523   1.00 9.83  ? 120 MET A N     1 
ATOM   1023 C CA    . MET A 1 120 ? 14.827  12.201  5.047   1.00 8.88  ? 120 MET A CA    1 
ATOM   1024 C C     . MET A 1 120 ? 13.430  12.585  5.511   1.00 10.22 ? 120 MET A C     1 
ATOM   1025 O O     . MET A 1 120 ? 13.189  13.738  5.866   1.00 9.01  ? 120 MET A O     1 
ATOM   1026 C CB    . MET A 1 120 ? 14.926  12.275  3.526   1.00 9.06  ? 120 MET A CB    1 
ATOM   1027 C CG    . MET A 1 120 ? 16.352  12.098  3.042   1.00 15.15 ? 120 MET A CG    1 
ATOM   1028 S SD    . MET A 1 120 ? 16.384  11.969  1.257   1.00 18.37 ? 120 MET A SD    1 
ATOM   1029 C CE    . MET A 1 120 ? 18.096  11.552  0.943   1.00 19.75 ? 120 MET A CE    1 
ATOM   1030 N N     . LEU A 1 121 ? 12.508  11.626  5.495   1.00 8.87  ? 121 LEU A N     1 
ATOM   1031 C CA    . LEU A 1 121 ? 11.165  11.874  6.011   1.00 7.40  ? 121 LEU A CA    1 
ATOM   1032 C C     . LEU A 1 121 ? 11.202  12.203  7.502   1.00 9.66  ? 121 LEU A C     1 
ATOM   1033 O O     . LEU A 1 121 ? 10.516  13.118  7.958   1.00 10.92 ? 121 LEU A O     1 
ATOM   1034 C CB    . LEU A 1 121 ? 10.254  10.668  5.772   1.00 7.03  ? 121 LEU A CB    1 
ATOM   1035 C CG    . LEU A 1 121 ? 9.893   10.388  4.314   1.00 8.84  ? 121 LEU A CG    1 
ATOM   1036 C CD1   . LEU A 1 121 ? 9.165   9.047   4.200   1.00 9.61  ? 121 LEU A CD1   1 
ATOM   1037 C CD2   . LEU A 1 121 ? 9.047   11.507  3.726   1.00 9.98  ? 121 LEU A CD2   1 
ATOM   1038 N N     . GLN A 1 122 ? 11.996  11.459  8.261   1.00 7.75  ? 122 GLN A N     1 
ATOM   1039 C CA    . GLN A 1 122 ? 12.095  11.724  9.700   1.00 10.52 ? 122 GLN A CA    1 
ATOM   1040 C C     . GLN A 1 122 ? 12.673  13.119  9.960   1.00 12.95 ? 122 GLN A C     1 
ATOM   1041 O O     . GLN A 1 122 ? 12.284  13.796  10.916  1.00 14.33 ? 122 GLN A O     1 
ATOM   1042 C CB    . GLN A 1 122 ? 12.923  10.640  10.399  1.00 13.69 ? 122 GLN A CB    1 
ATOM   1043 C CG    . GLN A 1 122 ? 12.894  10.729  11.924  1.00 20.97 ? 122 GLN A CG    1 
ATOM   1044 C CD    . GLN A 1 122 ? 13.128  9.382   12.590  1.00 27.59 ? 122 GLN A CD    1 
ATOM   1045 N N     . GLN A 1 123 ? 13.581  13.547  9.087   1.00 10.75 ? 123 GLN A N     1 
ATOM   1046 C CA    . GLN A 1 123 ? 14.202  14.865  9.192   1.00 11.06 ? 123 GLN A CA    1 
ATOM   1047 C C     . GLN A 1 123 ? 13.339  15.989  8.608   1.00 11.87 ? 123 GLN A C     1 
ATOM   1048 O O     . GLN A 1 123 ? 13.739  17.158  8.636   1.00 11.77 ? 123 GLN A O     1 
ATOM   1049 C CB    . GLN A 1 123 ? 15.548  14.861  8.468   1.00 11.49 ? 123 GLN A CB    1 
ATOM   1050 C CG    . GLN A 1 123 ? 16.611  13.988  9.099   1.00 19.48 ? 123 GLN A CG    1 
ATOM   1051 C CD    . GLN A 1 123 ? 17.880  13.944  8.263   1.00 20.86 ? 123 GLN A CD    1 
ATOM   1052 O OE1   . GLN A 1 123 ? 17.828  13.847  7.034   1.00 26.40 ? 123 GLN A OE1   1 
ATOM   1053 N NE2   . GLN A 1 123 ? 19.025  14.011  8.924   1.00 34.39 ? 123 GLN A NE2   1 
ATOM   1054 N N     . LYS A 1 124 ? 12.180  15.631  8.058   1.00 9.47  ? 124 LYS A N     1 
ATOM   1055 C CA    . LYS A 1 124 ? 11.277  16.580  7.400   1.00 8.08  ? 124 LYS A CA    1 
ATOM   1056 C C     . LYS A 1 124 ? 11.922  17.335  6.231   1.00 9.54  ? 124 LYS A C     1 
ATOM   1057 O O     . LYS A 1 124 ? 11.608  18.495  5.964   1.00 11.12 ? 124 LYS A O     1 
ATOM   1058 C CB    . LYS A 1 124 ? 10.648  17.542  8.422   1.00 8.30  ? 124 LYS A CB    1 
ATOM   1059 C CG    . LYS A 1 124 ? 9.925   16.797  9.556   1.00 13.66 ? 124 LYS A CG    1 
ATOM   1060 C CD    . LYS A 1 124 ? 8.980   17.719  10.328  1.00 14.76 ? 124 LYS A CD    1 
ATOM   1061 C CE    . LYS A 1 124 ? 8.202   16.948  11.388  1.00 12.19 ? 124 LYS A CE    1 
ATOM   1062 N NZ    . LYS A 1 124 ? 7.447   15.793  10.802  1.00 12.62 ? 124 LYS A NZ    1 
ATOM   1063 N N     . ARG A 1 125 ? 12.828  16.656  5.540   1.00 9.87  ? 125 ARG A N     1 
ATOM   1064 C CA    . ARG A 1 125 ? 13.443  17.192  4.339   1.00 8.84  ? 125 ARG A CA    1 
ATOM   1065 C C     . ARG A 1 125 ? 12.602  16.702  3.171   1.00 9.43  ? 125 ARG A C     1 
ATOM   1066 O O     . ARG A 1 125 ? 12.959  15.739  2.492   1.00 11.33 ? 125 ARG A O     1 
ATOM   1067 C CB    . ARG A 1 125 ? 14.889  16.711  4.242   1.00 9.80  ? 125 ARG A CB    1 
ATOM   1068 C CG    . ARG A 1 125 ? 15.764  17.226  5.386   1.00 12.65 ? 125 ARG A CG    1 
ATOM   1069 C CD    . ARG A 1 125 ? 17.207  16.752  5.256   1.00 21.50 ? 125 ARG A CD    1 
ATOM   1070 N NE    . ARG A 1 125 ? 18.066  17.318  6.297   1.00 29.39 ? 125 ARG A NE    1 
ATOM   1071 N N     . TRP A 1 126 ? 11.478  17.378  2.948   1.00 9.66  ? 126 TRP A N     1 
ATOM   1072 C CA    . TRP A 1 126 ? 10.421  16.841  2.096   1.00 9.74  ? 126 TRP A CA    1 
ATOM   1073 C C     . TRP A 1 126 ? 10.796  16.767  0.619   1.00 12.04 ? 126 TRP A C     1 
ATOM   1074 O O     . TRP A 1 126 ? 10.508  15.778  -0.039  1.00 11.30 ? 126 TRP A O     1 
ATOM   1075 C CB    . TRP A 1 126 ? 9.123   17.638  2.256   1.00 9.22  ? 126 TRP A CB    1 
ATOM   1076 C CG    . TRP A 1 126 ? 8.646   17.798  3.675   1.00 9.16  ? 126 TRP A CG    1 
ATOM   1077 C CD1   . TRP A 1 126 ? 8.355   18.975  4.309   1.00 8.76  ? 126 TRP A CD1   1 
ATOM   1078 C CD2   . TRP A 1 126 ? 8.386   16.755  4.631   1.00 8.30  ? 126 TRP A CD2   1 
ATOM   1079 N NE1   . TRP A 1 126 ? 7.939   18.730  5.595   1.00 10.05 ? 126 TRP A NE1   1 
ATOM   1080 C CE2   . TRP A 1 126 ? 7.944   17.376  5.816   1.00 8.86  ? 126 TRP A CE2   1 
ATOM   1081 C CE3   . TRP A 1 126 ? 8.494   15.360  4.601   1.00 10.03 ? 126 TRP A CE3   1 
ATOM   1082 C CZ2   . TRP A 1 126 ? 7.602   16.650  6.959   1.00 11.39 ? 126 TRP A CZ2   1 
ATOM   1083 C CZ3   . TRP A 1 126 ? 8.151   14.637  5.743   1.00 9.62  ? 126 TRP A CZ3   1 
ATOM   1084 C CH2   . TRP A 1 126 ? 7.712   15.286  6.903   1.00 10.45 ? 126 TRP A CH2   1 
ATOM   1085 N N     . ASP A 1 127 ? 11.415  17.820  0.090   1.00 11.81 ? 127 ASP A N     1 
ATOM   1086 C CA    . ASP A 1 127 ? 11.806  17.808  -1.316  1.00 12.01 ? 127 ASP A CA    1 
ATOM   1087 C C     . ASP A 1 127 ? 12.868  16.741  -1.560  1.00 10.21 ? 127 ASP A C     1 
ATOM   1088 O O     . ASP A 1 127 ? 12.821  16.022  -2.564  1.00 12.75 ? 127 ASP A O     1 
ATOM   1089 C CB    . ASP A 1 127 ? 12.320  19.183  -1.755  1.00 13.98 ? 127 ASP A CB    1 
ATOM   1090 C CG    . ASP A 1 127 ? 11.195  20.162  -2.064  1.00 26.06 ? 127 ASP A CG    1 
ATOM   1091 O OD1   . ASP A 1 127 ? 10.074  19.975  -1.550  1.00 28.22 ? 127 ASP A OD1   1 
ATOM   1092 O OD2   . ASP A 1 127 ? 11.434  21.136  -2.819  1.00 24.13 ? 127 ASP A OD2   1 
ATOM   1093 N N     . GLU A 1 128 ? 13.815  16.627  -0.634  1.00 11.03 ? 128 GLU A N     1 
ATOM   1094 C CA    A GLU A 1 128 ? 14.868  15.630  -0.738  0.60 11.32 ? 128 GLU A CA    1 
ATOM   1095 C CA    B GLU A 1 128 ? 14.870  15.622  -0.736  0.40 11.37 ? 128 GLU A CA    1 
ATOM   1096 C C     . GLU A 1 128 ? 14.293  14.215  -0.690  1.00 11.09 ? 128 GLU A C     1 
ATOM   1097 O O     . GLU A 1 128 ? 14.683  13.347  -1.480  1.00 11.83 ? 128 GLU A O     1 
ATOM   1098 C CB    A GLU A 1 128 ? 15.892  15.832  0.383   0.60 14.89 ? 128 GLU A CB    1 
ATOM   1099 C CB    B GLU A 1 128 ? 15.893  15.782  0.391   0.40 14.86 ? 128 GLU A CB    1 
ATOM   1100 C CG    A GLU A 1 128 ? 16.663  17.149  0.284   0.60 20.04 ? 128 GLU A CG    1 
ATOM   1101 C CG    B GLU A 1 128 ? 16.652  17.096  0.376   0.40 20.00 ? 128 GLU A CG    1 
ATOM   1102 C CD    A GLU A 1 128 ? 16.033  18.304  1.064   0.60 20.77 ? 128 GLU A CD    1 
ATOM   1103 C CD    B GLU A 1 128 ? 17.800  17.107  1.368   0.40 22.23 ? 128 GLU A CD    1 
ATOM   1104 O OE1   A GLU A 1 128 ? 14.800  18.317  1.288   0.60 13.52 ? 128 GLU A OE1   1 
ATOM   1105 O OE1   B GLU A 1 128 ? 17.788  17.951  2.287   0.40 19.69 ? 128 GLU A OE1   1 
ATOM   1106 O OE2   A GLU A 1 128 ? 16.792  19.217  1.459   0.60 28.88 ? 128 GLU A OE2   1 
ATOM   1107 O OE2   B GLU A 1 128 ? 18.716  16.270  1.227   0.40 29.12 ? 128 GLU A OE2   1 
ATOM   1108 N N     . ALA A 1 129 ? 13.373  13.989  0.244   1.00 9.08  ? 129 ALA A N     1 
ATOM   1109 C CA    . ALA A 1 129 ? 12.713  12.691  0.360   1.00 10.16 ? 129 ALA A CA    1 
ATOM   1110 C C     . ALA A 1 129 ? 11.985  12.349  -0.933  1.00 9.38  ? 129 ALA A C     1 
ATOM   1111 O O     . ALA A 1 129 ? 12.048  11.216  -1.413  1.00 10.28 ? 129 ALA A O     1 
ATOM   1112 C CB    . ALA A 1 129 ? 11.737  12.681  1.532   1.00 12.30 ? 129 ALA A CB    1 
ATOM   1113 N N     . ALA A 1 130 ? 11.298  13.341  -1.498  1.00 9.33  ? 130 ALA A N     1 
ATOM   1114 C CA    . ALA A 1 130 ? 10.528  13.135  -2.720  1.00 10.50 ? 130 ALA A CA    1 
ATOM   1115 C C     . ALA A 1 130 ? 11.428  12.699  -3.866  1.00 10.35 ? 130 ALA A C     1 
ATOM   1116 O O     . ALA A 1 130 ? 11.087  11.789  -4.626  1.00 11.40 ? 130 ALA A O     1 
ATOM   1117 C CB    . ALA A 1 130 ? 9.764   14.400  -3.089  1.00 11.69 ? 130 ALA A CB    1 
ATOM   1118 N N     . VAL A 1 131 ? 12.577  13.352  -3.988  1.00 9.30  ? 131 VAL A N     1 
ATOM   1119 C CA    . VAL A 1 131 ? 13.536  12.981  -5.019  1.00 10.38 ? 131 VAL A CA    1 
ATOM   1120 C C     . VAL A 1 131 ? 14.059  11.571  -4.773  1.00 11.36 ? 131 VAL A C     1 
ATOM   1121 O O     . VAL A 1 131 ? 14.165  10.767  -5.693  1.00 11.45 ? 131 VAL A O     1 
ATOM   1122 C CB    . VAL A 1 131 ? 14.709  13.976  -5.089  1.00 11.53 ? 131 VAL A CB    1 
ATOM   1123 C CG1   . VAL A 1 131 ? 15.810  13.434  -5.986  1.00 15.82 ? 131 VAL A CG1   1 
ATOM   1124 C CG2   . VAL A 1 131 ? 14.214  15.320  -5.595  1.00 15.69 ? 131 VAL A CG2   1 
ATOM   1125 N N     . ASN A 1 132 ? 14.382  11.263  -3.524  1.00 8.61  ? 132 ASN A N     1 
ATOM   1126 C CA    . ASN A 1 132 ? 14.904  9.942   -3.212  1.00 11.64 ? 132 ASN A CA    1 
ATOM   1127 C C     . ASN A 1 132 ? 13.874  8.840   -3.468  1.00 10.84 ? 132 ASN A C     1 
ATOM   1128 O O     . ASN A 1 132 ? 14.213  7.761   -3.961  1.00 11.64 ? 132 ASN A O     1 
ATOM   1129 C CB    . ASN A 1 132 ? 15.389  9.880   -1.765  1.00 11.25 ? 132 ASN A CB    1 
ATOM   1130 C CG    . ASN A 1 132 ? 16.160  8.615   -1.469  1.00 17.03 ? 132 ASN A CG    1 
ATOM   1131 O OD1   . ASN A 1 132 ? 15.607  7.628   -0.968  1.00 16.78 ? 132 ASN A OD1   1 
ATOM   1132 N ND2   . ASN A 1 132 ? 17.443  8.627   -1.793  1.00 17.32 ? 132 ASN A ND2   1 
ATOM   1133 N N     . LEU A 1 133 ? 12.617  9.113   -3.134  1.00 9.67  ? 133 LEU A N     1 
ATOM   1134 C CA    . LEU A 1 133 ? 11.570  8.105   -3.279  1.00 10.58 ? 133 LEU A CA    1 
ATOM   1135 C C     . LEU A 1 133 ? 11.363  7.698   -4.737  1.00 11.82 ? 133 LEU A C     1 
ATOM   1136 O O     . LEU A 1 133 ? 10.975  6.562   -5.022  1.00 12.11 ? 133 LEU A O     1 
ATOM   1137 C CB    . LEU A 1 133 ? 10.247  8.600   -2.684  1.00 9.69  ? 133 LEU A CB    1 
ATOM   1138 C CG    . LEU A 1 133 ? 10.146  8.576   -1.159  1.00 9.71  ? 133 LEU A CG    1 
ATOM   1139 C CD1   . LEU A 1 133 ? 9.002   9.465   -0.708  1.00 9.59  ? 133 LEU A CD1   1 
ATOM   1140 C CD2   . LEU A 1 133 ? 9.946   7.151   -0.658  1.00 13.22 ? 133 LEU A CD2   1 
ATOM   1141 N N     . ALA A 1 134 ? 11.610  8.628   -5.654  1.00 10.19 ? 134 ALA A N     1 
ATOM   1142 C CA    . ALA A 1 134 ? 11.398  8.367   -7.074  1.00 11.57 ? 134 ALA A CA    1 
ATOM   1143 C C     . ALA A 1 134 ? 12.516  7.522   -7.690  1.00 11.15 ? 134 ALA A C     1 
ATOM   1144 O O     . ALA A 1 134 ? 12.359  6.994   -8.797  1.00 14.05 ? 134 ALA A O     1 
ATOM   1145 C CB    . ALA A 1 134 ? 11.215  9.674   -7.839  1.00 12.30 ? 134 ALA A CB    1 
ATOM   1146 N N     . LYS A 1 135 ? 13.633  7.390   -6.975  1.00 10.31 ? 135 LYS A N     1 
ATOM   1147 C CA    . LYS A 1 135 ? 14.740  6.539   -7.424  1.00 11.57 ? 135 LYS A CA    1 
ATOM   1148 C C     . LYS A 1 135 ? 14.496  5.103   -6.989  1.00 10.52 ? 135 LYS A C     1 
ATOM   1149 O O     . LYS A 1 135 ? 15.229  4.547   -6.177  1.00 14.31 ? 135 LYS A O     1 
ATOM   1150 C CB    . LYS A 1 135 ? 16.072  7.038   -6.869  1.00 11.11 ? 135 LYS A CB    1 
ATOM   1151 C CG    . LYS A 1 135 ? 16.403  8.451   -7.299  1.00 13.63 ? 135 LYS A CG    1 
ATOM   1152 C CD    . LYS A 1 135 ? 17.661  8.964   -6.618  1.00 21.06 ? 135 LYS A CD    1 
ATOM   1153 C CE    . LYS A 1 135 ? 17.901  10.426  -6.968  0.60 18.60 ? 135 LYS A CE    1 
ATOM   1154 N NZ    . LYS A 1 135 ? 19.091  10.981  -6.265  0.60 21.64 ? 135 LYS A NZ    1 
ATOM   1155 N N     . SER A 1 136 ? 13.451  4.502   -7.530  1.00 9.08  ? 136 SER A N     1 
ATOM   1156 C CA    . SER A 1 136 ? 12.995  3.222   -7.019  1.00 8.83  ? 136 SER A CA    1 
ATOM   1157 C C     . SER A 1 136 ? 12.291  2.434   -8.096  1.00 9.31  ? 136 SER A C     1 
ATOM   1158 O O     . SER A 1 136 ? 11.721  3.007   -9.022  1.00 7.95  ? 136 SER A O     1 
ATOM   1159 C CB    . SER A 1 136 ? 12.024  3.429   -5.853  1.00 10.83 ? 136 SER A CB    1 
ATOM   1160 O OG    . SER A 1 136 ? 10.878  4.158   -6.275  1.00 10.01 ? 136 SER A OG    1 
ATOM   1161 N N     . ARG A 1 137 ? 12.317  1.114   -7.963  1.00 8.12  ? 137 ARG A N     1 
ATOM   1162 C CA    . ARG A 1 137 ? 11.554  0.276   -8.872  1.00 7.96  ? 137 ARG A CA    1 
ATOM   1163 C C     . ARG A 1 137 ? 10.090  0.656   -8.738  1.00 11.78 ? 137 ARG A C     1 
ATOM   1164 O O     . ARG A 1 137 ? 9.361   0.725   -9.722  1.00 10.84 ? 137 ARG A O     1 
ATOM   1165 C CB    . ARG A 1 137 ? 11.748  -1.210  -8.559  1.00 8.82  ? 137 ARG A CB    1 
ATOM   1166 C CG    . ARG A 1 137 ? 10.893  -2.107  -9.449  1.00 11.79 ? 137 ARG A CG    1 
ATOM   1167 C CD    . ARG A 1 137 ? 11.015  -3.574  -9.098  1.00 15.24 ? 137 ARG A CD    1 
ATOM   1168 N NE    . ARG A 1 137 ? 10.285  -4.391  -10.065 1.00 16.15 ? 137 ARG A NE    1 
ATOM   1169 C CZ    . ARG A 1 137 ? 8.983   -4.648  -10.002 1.00 22.23 ? 137 ARG A CZ    1 
ATOM   1170 N NH1   . ARG A 1 137 ? 8.248   -4.157  -9.010  1.00 19.60 ? 137 ARG A NH1   1 
ATOM   1171 N NH2   . ARG A 1 137 ? 8.412   -5.396  -10.939 1.00 20.78 ? 137 ARG A NH2   1 
ATOM   1172 N N     . TRP A 1 138 ? 9.676   0.932   -7.505  1.00 7.80  ? 138 TRP A N     1 
ATOM   1173 C CA    . TRP A 1 138 ? 8.304   1.341   -7.214  1.00 8.64  ? 138 TRP A CA    1 
ATOM   1174 C C     . TRP A 1 138 ? 7.833   2.460   -8.129  1.00 9.20  ? 138 TRP A C     1 
ATOM   1175 O O     . TRP A 1 138 ? 6.793   2.351   -8.788  1.00 10.24 ? 138 TRP A O     1 
ATOM   1176 C CB    . TRP A 1 138 ? 8.235   1.793   -5.760  1.00 9.20  ? 138 TRP A CB    1 
ATOM   1177 C CG    . TRP A 1 138 ? 6.946   2.417   -5.346  1.00 11.64 ? 138 TRP A CG    1 
ATOM   1178 C CD1   . TRP A 1 138 ? 5.701   1.856   -5.393  1.00 12.76 ? 138 TRP A CD1   1 
ATOM   1179 C CD2   . TRP A 1 138 ? 6.783   3.718   -4.778  1.00 8.68  ? 138 TRP A CD2   1 
ATOM   1180 N NE1   . TRP A 1 138 ? 4.764   2.742   -4.898  1.00 11.60 ? 138 TRP A NE1   1 
ATOM   1181 C CE2   . TRP A 1 138 ? 5.407   3.889   -4.508  1.00 8.51  ? 138 TRP A CE2   1 
ATOM   1182 C CE3   . TRP A 1 138 ? 7.666   4.759   -4.473  1.00 8.73  ? 138 TRP A CE3   1 
ATOM   1183 C CZ2   . TRP A 1 138 ? 4.893   5.057   -3.943  1.00 9.95  ? 138 TRP A CZ2   1 
ATOM   1184 C CZ3   . TRP A 1 138 ? 7.160   5.915   -3.914  1.00 10.53 ? 138 TRP A CZ3   1 
ATOM   1185 C CH2   . TRP A 1 138 ? 5.781   6.056   -3.652  1.00 10.36 ? 138 TRP A CH2   1 
ATOM   1186 N N     . TYR A 1 139 ? 8.602   3.539   -8.173  1.00 8.75  ? 139 TYR A N     1 
ATOM   1187 C CA    . TYR A 1 139 ? 8.265   4.695   -8.993  1.00 9.20  ? 139 TYR A CA    1 
ATOM   1188 C C     . TYR A 1 139 ? 8.229   4.321   -10.465 1.00 10.69 ? 139 TYR A C     1 
ATOM   1189 O O     . TYR A 1 139 ? 7.315   4.705   -11.195 1.00 12.03 ? 139 TYR A O     1 
ATOM   1190 C CB    . TYR A 1 139 ? 9.280   5.810   -8.759  1.00 10.72 ? 139 TYR A CB    1 
ATOM   1191 C CG    . TYR A 1 139 ? 9.051   7.044   -9.596  1.00 11.38 ? 139 TYR A CG    1 
ATOM   1192 C CD1   . TYR A 1 139 ? 8.191   8.043   -9.167  1.00 15.20 ? 139 TYR A CD1   1 
ATOM   1193 C CD2   . TYR A 1 139 ? 9.713   7.220   -10.808 1.00 18.43 ? 139 TYR A CD2   1 
ATOM   1194 C CE1   . TYR A 1 139 ? 7.984   9.182   -9.926  1.00 20.57 ? 139 TYR A CE1   1 
ATOM   1195 C CE2   . TYR A 1 139 ? 9.514   8.358   -11.574 1.00 24.68 ? 139 TYR A CE2   1 
ATOM   1196 C CZ    . TYR A 1 139 ? 8.645   9.334   -11.126 1.00 29.88 ? 139 TYR A CZ    1 
ATOM   1197 O OH    . TYR A 1 139 ? 8.431   10.469  -11.872 1.00 38.99 ? 139 TYR A OH    1 
ATOM   1198 N N     . ASN A 1 140 ? 9.222   3.555   -10.906 1.00 8.23  ? 140 ASN A N     1 
ATOM   1199 C CA    . ASN A 1 140 ? 9.310   3.228   -12.322 1.00 8.53  ? 140 ASN A CA    1 
ATOM   1200 C C     . ASN A 1 140 ? 8.216   2.285   -12.800 1.00 9.70  ? 140 ASN A C     1 
ATOM   1201 O O     . ASN A 1 140 ? 7.758   2.391   -13.939 1.00 12.85 ? 140 ASN A O     1 
ATOM   1202 C CB    . ASN A 1 140 ? 10.691  2.679   -12.664 1.00 12.12 ? 140 ASN A CB    1 
ATOM   1203 C CG    . ASN A 1 140 ? 11.721  3.777   -12.773 1.00 15.79 ? 140 ASN A CG    1 
ATOM   1204 O OD1   . ASN A 1 140 ? 11.779  4.478   -13.785 1.00 19.27 ? 140 ASN A OD1   1 
ATOM   1205 N ND2   . ASN A 1 140 ? 12.526  3.951   -11.731 1.00 12.14 ? 140 ASN A ND2   1 
ATOM   1206 N N     . GLN A 1 141 ? 7.782   1.375   -11.935 1.00 8.05  ? 141 GLN A N     1 
ATOM   1207 C CA    . GLN A 1 141 ? 6.756   0.415   -12.330 1.00 9.07  ? 141 GLN A CA    1 
ATOM   1208 C C     . GLN A 1 141 ? 5.321   0.943   -12.192 1.00 12.97 ? 141 GLN A C     1 
ATOM   1209 O O     . GLN A 1 141 ? 4.443   0.555   -12.961 1.00 13.76 ? 141 GLN A O     1 
ATOM   1210 C CB    . GLN A 1 141 ? 6.917   -0.900  -11.563 1.00 11.07 ? 141 GLN A CB    1 
ATOM   1211 C CG    . GLN A 1 141 ? 8.257   -1.581  -11.781 1.00 16.68 ? 141 GLN A CG    1 
ATOM   1212 C CD    . GLN A 1 141 ? 8.491   -1.963  -13.227 1.00 17.79 ? 141 GLN A CD    1 
ATOM   1213 O OE1   . GLN A 1 141 ? 7.614   -2.543  -13.884 1.00 19.61 ? 141 GLN A OE1   1 
ATOM   1214 N NE2   . GLN A 1 141 ? 9.669   -1.630  -13.740 1.00 15.56 ? 141 GLN A NE2   1 
ATOM   1215 N N     . THR A 1 142 ? 5.078   1.817   -11.219 1.00 10.47 ? 142 THR A N     1 
ATOM   1216 C CA    . THR A 1 142 ? 3.752   2.425   -11.061 1.00 9.43  ? 142 THR A CA    1 
ATOM   1217 C C     . THR A 1 142 ? 3.916   3.928   -10.886 1.00 10.32 ? 142 THR A C     1 
ATOM   1218 O O     . THR A 1 142 ? 3.676   4.468   -9.805  1.00 10.74 ? 142 THR A O     1 
ATOM   1219 C CB    . THR A 1 142 ? 2.957   1.827   -9.860  1.00 11.49 ? 142 THR A CB    1 
ATOM   1220 O OG1   . THR A 1 142 ? 3.770   1.835   -8.679  1.00 14.99 ? 142 THR A OG1   1 
ATOM   1221 C CG2   . THR A 1 142 ? 2.538   0.385   -10.144 1.00 11.73 ? 142 THR A CG2   1 
ATOM   1222 N N     . PRO A 1 143 ? 4.335   4.617   -11.956 1.00 9.48  ? 143 PRO A N     1 
ATOM   1223 C CA    . PRO A 1 143 ? 4.706   6.026   -11.800 1.00 9.52  ? 143 PRO A CA    1 
ATOM   1224 C C     . PRO A 1 143 ? 3.530   6.923   -11.445 1.00 10.44 ? 143 PRO A C     1 
ATOM   1225 O O     . PRO A 1 143 ? 3.710   7.835   -10.652 1.00 10.27 ? 143 PRO A O     1 
ATOM   1226 C CB    . PRO A 1 143 ? 5.285   6.399   -13.175 1.00 13.40 ? 143 PRO A CB    1 
ATOM   1227 C CG    . PRO A 1 143 ? 4.779   5.345   -14.111 1.00 12.30 ? 143 PRO A CG    1 
ATOM   1228 C CD    . PRO A 1 143 ? 4.662   4.098   -13.296 1.00 12.09 ? 143 PRO A CD    1 
ATOM   1229 N N     . ASN A 1 144 ? 2.350   6.691   -12.009 1.00 8.57  ? 144 ASN A N     1 
ATOM   1230 C CA    . ASN A 1 144 ? 1.236   7.586   -11.693 1.00 10.09 ? 144 ASN A CA    1 
ATOM   1231 C C     . ASN A 1 144 ? 0.870   7.537   -10.212 1.00 8.88  ? 144 ASN A C     1 
ATOM   1232 O O     . ASN A 1 144 ? 0.697   8.578   -9.570  1.00 8.96  ? 144 ASN A O     1 
ATOM   1233 C CB    . ASN A 1 144 ? 0.022   7.310   -12.575 1.00 9.50  ? 144 ASN A CB    1 
ATOM   1234 C CG    . ASN A 1 144 ? 0.215   7.828   -13.996 1.00 15.52 ? 144 ASN A CG    1 
ATOM   1235 O OD1   . ASN A 1 144 ? 1.262   8.386   -14.322 1.00 23.03 ? 144 ASN A OD1   1 
ATOM   1236 N ND2   . ASN A 1 144 ? -0.793  7.643   -14.841 1.00 24.23 ? 144 ASN A ND2   1 
ATOM   1237 N N     . ARG A 1 145 ? 0.773   6.328   -9.673  1.00 7.91  ? 145 ARG A N     1 
ATOM   1238 C CA    . ARG A 1 145 ? 0.455   6.175   -8.266  1.00 8.54  ? 145 ARG A CA    1 
ATOM   1239 C C     . ARG A 1 145 ? 1.593   6.682   -7.393  1.00 8.25  ? 145 ARG A C     1 
ATOM   1240 O O     . ARG A 1 145 ? 1.359   7.362   -6.399  1.00 8.43  ? 145 ARG A O     1 
ATOM   1241 C CB    . ARG A 1 145 ? 0.163   4.723   -7.927  1.00 8.14  ? 145 ARG A CB    1 
ATOM   1242 C CG    . ARG A 1 145 ? -0.167  4.552   -6.461  1.00 13.86 ? 145 ARG A CG    1 
ATOM   1243 C CD    . ARG A 1 145 ? -0.293  3.118   -6.143  1.00 17.83 ? 145 ARG A CD    1 
ATOM   1244 N NE    . ARG A 1 145 ? -0.658  2.871   -4.756  1.00 9.47  ? 145 ARG A NE    1 
ATOM   1245 C CZ    . ARG A 1 145 ? -1.206  1.727   -4.381  1.00 10.67 ? 145 ARG A CZ    1 
ATOM   1246 N NH1   . ARG A 1 145 ? -1.423  0.796   -5.302  1.00 15.18 ? 145 ARG A NH1   1 
ATOM   1247 N NH2   . ARG A 1 145 ? -1.523  1.510   -3.115  1.00 9.51  ? 145 ARG A NH2   1 
ATOM   1248 N N     . ALA A 1 146 ? 2.830   6.350   -7.754  1.00 7.66  ? 146 ALA A N     1 
ATOM   1249 C CA    . ALA A 1 146 ? 3.971   6.806   -6.958  1.00 8.02  ? 146 ALA A CA    1 
ATOM   1250 C C     . ALA A 1 146 ? 4.039   8.326   -6.923  1.00 8.95  ? 146 ALA A C     1 
ATOM   1251 O O     . ALA A 1 146 ? 4.336   8.915   -5.885  1.00 9.10  ? 146 ALA A O     1 
ATOM   1252 C CB    . ALA A 1 146 ? 5.277   6.214   -7.480  1.00 8.72  ? 146 ALA A CB    1 
ATOM   1253 N N     . LYS A 1 147 ? 3.769   8.967   -8.059  1.00 8.68  ? 147 LYS A N     1 
ATOM   1254 C CA    . LYS A 1 147 ? 3.779   10.423  -8.101  1.00 9.60  ? 147 LYS A CA    1 
ATOM   1255 C C     . LYS A 1 147 ? 2.742   11.005  -7.152  1.00 9.28  ? 147 LYS A C     1 
ATOM   1256 O O     . LYS A 1 147 ? 3.002   12.012  -6.496  1.00 10.09 ? 147 LYS A O     1 
ATOM   1257 C CB    . LYS A 1 147 ? 3.558   10.946  -9.522  1.00 9.38  ? 147 LYS A CB    1 
ATOM   1258 C CG    . LYS A 1 147 ? 4.736   10.713  -10.455 1.00 11.87 ? 147 LYS A CG    1 
ATOM   1259 C CD    . LYS A 1 147 ? 4.385   11.164  -11.881 1.00 17.57 ? 147 LYS A CD    1 
ATOM   1260 C CE    . LYS A 1 147 ? 5.443   10.724  -12.882 1.00 32.78 ? 147 LYS A CE    1 
ATOM   1261 N N     . ARG A 1 148 ? 1.570   10.378  -7.074  1.00 8.81  ? 148 ARG A N     1 
ATOM   1262 C CA    . ARG A 1 148 ? 0.533   10.850  -6.143  1.00 7.87  ? 148 ARG A CA    1 
ATOM   1263 C C     . ARG A 1 148 ? 0.987   10.709  -4.698  1.00 7.77  ? 148 ARG A C     1 
ATOM   1264 O O     . ARG A 1 148 ? 0.833   11.630  -3.900  1.00 8.05  ? 148 ARG A O     1 
ATOM   1265 C CB    . ARG A 1 148 ? -0.790  10.102  -6.339  1.00 8.06  ? 148 ARG A CB    1 
ATOM   1266 C CG    . ARG A 1 148 ? -1.552  10.512  -7.587  1.00 10.58 ? 148 ARG A CG    1 
ATOM   1267 C CD    . ARG A 1 148 ? -2.993  9.992   -7.554  1.00 8.44  ? 148 ARG A CD    1 
ATOM   1268 N NE    . ARG A 1 148 ? -3.074  8.529   -7.620  1.00 10.10 ? 148 ARG A NE    1 
ATOM   1269 C CZ    . ARG A 1 148 ? -3.085  7.819   -8.750  1.00 14.84 ? 148 ARG A CZ    1 
ATOM   1270 N NH1   . ARG A 1 148 ? -3.008  8.429   -9.932  1.00 11.76 ? 148 ARG A NH1   1 
ATOM   1271 N NH2   . ARG A 1 148 ? -3.169  6.495   -8.696  1.00 11.75 ? 148 ARG A NH2   1 
ATOM   1272 N N     . VAL A 1 149 ? 1.553   9.553   -4.372  1.00 7.02  ? 149 VAL A N     1 
ATOM   1273 C CA    . VAL A 1 149 ? 1.997   9.282   -3.008  1.00 6.91  ? 149 VAL A CA    1 
ATOM   1274 C C     . VAL A 1 149 ? 3.160   10.211  -2.654  1.00 7.76  ? 149 VAL A C     1 
ATOM   1275 O O     . VAL A 1 149 ? 3.201   10.808  -1.573  1.00 8.91  ? 149 VAL A O     1 
ATOM   1276 C CB    . VAL A 1 149 ? 2.406   7.814   -2.851  1.00 7.31  ? 149 VAL A CB    1 
ATOM   1277 C CG1   . VAL A 1 149 ? 3.051   7.582   -1.478  1.00 9.33  ? 149 VAL A CG1   1 
ATOM   1278 C CG2   . VAL A 1 149 ? 1.182   6.918   -3.042  1.00 7.24  ? 149 VAL A CG2   1 
ATOM   1279 N N     . ILE A 1 150 ? 4.099   10.361  -3.580  1.00 8.20  ? 150 ILE A N     1 
ATOM   1280 C CA    . ILE A 1 150 ? 5.234   11.242  -3.343  1.00 7.96  ? 150 ILE A CA    1 
ATOM   1281 C C     . ILE A 1 150 ? 4.803   12.695  -3.153  1.00 9.54  ? 150 ILE A C     1 
ATOM   1282 O O     . ILE A 1 150 ? 5.322   13.386  -2.278  1.00 9.49  ? 150 ILE A O     1 
ATOM   1283 C CB    . ILE A 1 150 ? 6.281   11.125  -4.471  1.00 7.31  ? 150 ILE A CB    1 
ATOM   1284 C CG1   . ILE A 1 150 ? 6.929   9.740   -4.414  1.00 9.02  ? 150 ILE A CG1   1 
ATOM   1285 C CG2   . ILE A 1 150 ? 7.328   12.229  -4.354  1.00 11.03 ? 150 ILE A CG2   1 
ATOM   1286 C CD1   . ILE A 1 150 ? 7.835   9.405   -5.596  1.00 9.94  ? 150 ILE A CD1   1 
ATOM   1287 N N     . THR A 1 151 ? 3.853   13.159  -3.964  1.00 7.13  ? 151 THR A N     1 
ATOM   1288 C CA    . THR A 1 151 ? 3.332   14.513  -3.802  1.00 11.25 ? 151 THR A CA    1 
ATOM   1289 C C     . THR A 1 151 ? 2.713   14.702  -2.426  1.00 9.50  ? 151 THR A C     1 
ATOM   1290 O O     . THR A 1 151 ? 2.816   15.773  -1.825  1.00 10.22 ? 151 THR A O     1 
ATOM   1291 C CB    . THR A 1 151 ? 2.302   14.844  -4.888  1.00 12.06 ? 151 THR A CB    1 
ATOM   1292 O OG1   . THR A 1 151 ? 2.995   15.046  -6.123  1.00 14.81 ? 151 THR A OG1   1 
ATOM   1293 C CG2   . THR A 1 151 ? 1.551   16.120  -4.543  1.00 14.46 ? 151 THR A CG2   1 
ATOM   1294 N N     . THR A 1 152 ? 2.069   13.654  -1.933  1.00 7.60  ? 152 THR A N     1 
ATOM   1295 C CA    . THR A 1 152 ? 1.465   13.694  -0.614  1.00 8.26  ? 152 THR A CA    1 
ATOM   1296 C C     . THR A 1 152 ? 2.553   13.835  0.460   1.00 11.19 ? 152 THR A C     1 
ATOM   1297 O O     . THR A 1 152 ? 2.424   14.661  1.362   1.00 9.49  ? 152 THR A O     1 
ATOM   1298 C CB    . THR A 1 152 ? 0.571   12.462  -0.379  1.00 6.95  ? 152 THR A CB    1 
ATOM   1299 O OG1   . THR A 1 152 ? -0.358  12.358  -1.471  1.00 8.83  ? 152 THR A OG1   1 
ATOM   1300 C CG2   . THR A 1 152 ? -0.198  12.605  0.919   1.00 8.56  ? 152 THR A CG2   1 
ATOM   1301 N N     . PHE A 1 153 ? 3.626   13.052  0.351   1.00 9.19  ? 153 PHE A N     1 
ATOM   1302 C CA    . PHE A 1 153 ? 4.776   13.205  1.251   1.00 10.60 ? 153 PHE A CA    1 
ATOM   1303 C C     . PHE A 1 153 ? 5.436   14.581  1.120   1.00 13.64 ? 153 PHE A C     1 
ATOM   1304 O O     . PHE A 1 153 ? 5.865   15.186  2.110   1.00 12.23 ? 153 PHE A O     1 
ATOM   1305 C CB    . PHE A 1 153 ? 5.841   12.134  0.965   1.00 9.29  ? 153 PHE A CB    1 
ATOM   1306 C CG    . PHE A 1 153 ? 5.626   10.828  1.681   1.00 7.81  ? 153 PHE A CG    1 
ATOM   1307 C CD1   . PHE A 1 153 ? 5.443   10.787  3.062   1.00 8.82  ? 153 PHE A CD1   1 
ATOM   1308 C CD2   . PHE A 1 153 ? 5.638   9.633   0.979   1.00 10.55 ? 153 PHE A CD2   1 
ATOM   1309 C CE1   . PHE A 1 153 ? 5.270   9.576   3.729   1.00 11.35 ? 153 PHE A CE1   1 
ATOM   1310 C CE2   . PHE A 1 153 ? 5.459   8.416   1.638   1.00 11.40 ? 153 PHE A CE2   1 
ATOM   1311 C CZ    . PHE A 1 153 ? 5.272   8.390   3.014   1.00 9.44  ? 153 PHE A CZ    1 
ATOM   1312 N N     . ARG A 1 154 ? 5.554   15.070  -0.104  1.00 9.48  ? 154 ARG A N     1 
ATOM   1313 C CA    A ARG A 1 154 ? 6.250   16.329  -0.344  0.70 11.12 ? 154 ARG A CA    1 
ATOM   1314 C CA    B ARG A 1 154 ? 6.256   16.326  -0.330  0.30 11.15 ? 154 ARG A CA    1 
ATOM   1315 C C     . ARG A 1 154 ? 5.500   17.514  0.262   1.00 12.76 ? 154 ARG A C     1 
ATOM   1316 O O     . ARG A 1 154 ? 6.107   18.405  0.850   1.00 13.45 ? 154 ARG A O     1 
ATOM   1317 C CB    A ARG A 1 154 ? 6.459   16.550  -1.841  0.70 10.75 ? 154 ARG A CB    1 
ATOM   1318 C CB    B ARG A 1 154 ? 6.510   16.552  -1.820  0.30 10.86 ? 154 ARG A CB    1 
ATOM   1319 C CG    A ARG A 1 154 ? 7.274   17.796  -2.173  0.70 15.67 ? 154 ARG A CG    1 
ATOM   1320 C CG    B ARG A 1 154 ? 7.738   17.407  -2.103  0.30 14.20 ? 154 ARG A CG    1 
ATOM   1321 C CD    A ARG A 1 154 ? 7.545   17.911  -3.674  0.70 14.72 ? 154 ARG A CD    1 
ATOM   1322 C CD    B ARG A 1 154 ? 7.705   17.999  -3.503  0.30 14.95 ? 154 ARG A CD    1 
ATOM   1323 N NE    A ARG A 1 154 ? 6.318   17.911  -4.470  0.70 13.82 ? 154 ARG A NE    1 
ATOM   1324 N NE    B ARG A 1 154 ? 6.614   18.959  -3.660  0.30 14.86 ? 154 ARG A NE    1 
ATOM   1325 C CZ    A ARG A 1 154 ? 5.558   18.982  -4.687  0.70 18.89 ? 154 ARG A CZ    1 
ATOM   1326 C CZ    B ARG A 1 154 ? 6.683   20.238  -3.300  0.30 17.22 ? 154 ARG A CZ    1 
ATOM   1327 N NH1   A ARG A 1 154 ? 5.886   20.156  -4.165  0.70 19.27 ? 154 ARG A NH1   1 
ATOM   1328 N NH1   B ARG A 1 154 ? 7.793   20.722  -2.761  0.30 21.80 ? 154 ARG A NH1   1 
ATOM   1329 N NH2   A ARG A 1 154 ? 4.461   18.880  -5.426  0.70 18.98 ? 154 ARG A NH2   1 
ATOM   1330 N NH2   B ARG A 1 154 ? 5.640   21.035  -3.480  0.30 18.86 ? 154 ARG A NH2   1 
ATOM   1331 N N     . THR A 1 155 ? 4.177   17.513  0.113   1.00 10.31 ? 155 THR A N     1 
ATOM   1332 C CA    . THR A 1 155 ? 3.358   18.677  0.480   1.00 12.39 ? 155 THR A CA    1 
ATOM   1333 C C     . THR A 1 155 ? 2.556   18.565  1.768   1.00 12.75 ? 155 THR A C     1 
ATOM   1334 O O     . THR A 1 155 ? 2.174   19.583  2.345   1.00 13.28 ? 155 THR A O     1 
ATOM   1335 C CB    . THR A 1 155 ? 2.352   19.028  -0.639  1.00 12.57 ? 155 THR A CB    1 
ATOM   1336 O OG1   . THR A 1 155 ? 1.359   17.992  -0.726  1.00 12.59 ? 155 THR A OG1   1 
ATOM   1337 C CG2   . THR A 1 155 ? 3.065   19.171  -1.985  1.00 13.99 ? 155 THR A CG2   1 
ATOM   1338 N N     . GLY A 1 156 ? 2.259   17.342  2.199   1.00 9.93  ? 156 GLY A N     1 
ATOM   1339 C CA    . GLY A 1 156 ? 1.422   17.138  3.364   1.00 12.93 ? 156 GLY A CA    1 
ATOM   1340 C C     . GLY A 1 156 ? -0.013  17.565  3.104   1.00 11.84 ? 156 GLY A C     1 
ATOM   1341 O O     . GLY A 1 156 ? -0.761  17.865  4.042   1.00 12.04 ? 156 GLY A O     1 
ATOM   1342 N N     . THR A 1 157 ? -0.387  17.607  1.824   1.00 10.62 ? 157 THR A N     1 
ATOM   1343 C CA    . THR A 1 157 ? -1.744  17.944  1.413   1.00 9.72  ? 157 THR A CA    1 
ATOM   1344 C C     . THR A 1 157 ? -2.293  16.859  0.503   1.00 8.86  ? 157 THR A C     1 
ATOM   1345 O O     . THR A 1 157 ? -1.554  16.005  0.026   1.00 10.24 ? 157 THR A O     1 
ATOM   1346 C CB    . THR A 1 157 ? -1.805  19.248  0.602   1.00 12.60 ? 157 THR A CB    1 
ATOM   1347 O OG1   . THR A 1 157 ? -1.306  19.017  -0.725  1.00 16.50 ? 157 THR A OG1   1 
ATOM   1348 C CG2   . THR A 1 157 ? -1.003  20.358  1.277   1.00 14.37 ? 157 THR A CG2   1 
ATOM   1349 N N     . TRP A 1 158 ? -3.593  16.925  0.246   1.00 9.70  ? 158 TRP A N     1 
ATOM   1350 C CA    . TRP A 1 158 ? -4.251  15.964  -0.625  1.00 10.07 ? 158 TRP A CA    1 
ATOM   1351 C C     . TRP A 1 158 ? -4.339  16.427  -2.078  1.00 10.93 ? 158 TRP A C     1 
ATOM   1352 O O     . TRP A 1 158 ? -5.145  15.904  -2.844  1.00 11.96 ? 158 TRP A O     1 
ATOM   1353 C CB    . TRP A 1 158 ? -5.661  15.693  -0.110  1.00 9.24  ? 158 TRP A CB    1 
ATOM   1354 C CG    . TRP A 1 158 ? -5.693  14.955  1.180   1.00 10.09 ? 158 TRP A CG    1 
ATOM   1355 C CD1   . TRP A 1 158 ? -6.077  15.436  2.400   1.00 11.45 ? 158 TRP A CD1   1 
ATOM   1356 C CD2   . TRP A 1 158 ? -5.328  13.587  1.381   1.00 12.55 ? 158 TRP A CD2   1 
ATOM   1357 N NE1   . TRP A 1 158 ? -5.981  14.443  3.351   1.00 12.07 ? 158 TRP A NE1   1 
ATOM   1358 C CE2   . TRP A 1 158 ? -5.524  13.299  2.750   1.00 10.70 ? 158 TRP A CE2   1 
ATOM   1359 C CE3   . TRP A 1 158 ? -4.856  12.576  0.535   1.00 12.81 ? 158 TRP A CE3   1 
ATOM   1360 C CZ2   . TRP A 1 158 ? -5.260  12.041  3.292   1.00 13.21 ? 158 TRP A CZ2   1 
ATOM   1361 C CZ3   . TRP A 1 158 ? -4.598  11.325  1.075   1.00 13.07 ? 158 TRP A CZ3   1 
ATOM   1362 C CH2   . TRP A 1 158 ? -4.802  11.069  2.441   1.00 12.47 ? 158 TRP A CH2   1 
ATOM   1363 N N     . ASP A 1 159 ? -3.504  17.386  -2.464  1.00 12.62 ? 159 ASP A N     1 
ATOM   1364 C CA    . ASP A 1 159 ? -3.594  17.963  -3.808  1.00 13.17 ? 159 ASP A CA    1 
ATOM   1365 C C     . ASP A 1 159 ? -3.552  16.939  -4.949  1.00 13.84 ? 159 ASP A C     1 
ATOM   1366 O O     . ASP A 1 159 ? -4.223  17.116  -5.970  1.00 15.25 ? 159 ASP A O     1 
ATOM   1367 C CB    . ASP A 1 159 ? -2.521  19.030  -4.022  1.00 17.55 ? 159 ASP A CB    1 
ATOM   1368 C CG    . ASP A 1 159 ? -2.762  20.278  -3.190  1.00 30.10 ? 159 ASP A CG    1 
ATOM   1369 O OD1   . ASP A 1 159 ? -3.838  20.383  -2.562  1.00 30.75 ? 159 ASP A OD1   1 
ATOM   1370 O OD2   . ASP A 1 159 ? -1.875  21.157  -3.172  1.00 34.89 ? 159 ASP A OD2   1 
ATOM   1371 N N     . ALA A 1 160 ? -2.769  15.877  -4.781  1.00 10.55 ? 160 ALA A N     1 
ATOM   1372 C CA    . ALA A 1 160 ? -2.635  14.870  -5.834  1.00 11.70 ? 160 ALA A CA    1 
ATOM   1373 C C     . ALA A 1 160 ? -3.881  14.005  -6.006  1.00 12.05 ? 160 ALA A C     1 
ATOM   1374 O O     . ALA A 1 160 ? -4.025  13.332  -7.025  1.00 17.80 ? 160 ALA A O     1 
ATOM   1375 C CB    . ALA A 1 160 ? -1.421  13.985  -5.574  1.00 13.89 ? 160 ALA A CB    1 
ATOM   1376 N N     . TYR A 1 161 ? -4.751  13.993  -5.002  1.00 11.17 ? 161 TYR A N     1 
ATOM   1377 C CA    . TYR A 1 161 ? -5.916  13.113  -5.020  1.00 11.67 ? 161 TYR A CA    1 
ATOM   1378 C C     . TYR A 1 161 ? -7.209  13.865  -5.312  1.00 23.14 ? 161 TYR A C     1 
ATOM   1379 O O     . TYR A 1 161 ? -8.223  13.262  -5.662  1.00 24.57 ? 161 TYR A O     1 
ATOM   1380 C CB    . TYR A 1 161 ? -5.997  12.322  -3.697  1.00 13.05 ? 161 TYR A CB    1 
ATOM   1381 C CG    . TYR A 1 161 ? -5.009  11.209  -3.625  1.00 11.75 ? 161 TYR A CG    1 
ATOM   1382 C CD1   . TYR A 1 161 ? -3.766  11.411  -3.147  1.00 10.31 ? 161 TYR A CD1   1 
ATOM   1383 C CD2   . TYR A 1 161 ? -5.295  9.962   -4.125  1.00 10.79 ? 161 TYR A CD2   1 
ATOM   1384 C CE1   . TYR A 1 161 ? -2.855  10.444  -3.134  1.00 10.15 ? 161 TYR A CE1   1 
ATOM   1385 C CE2   . TYR A 1 161 ? -4.403  8.988   -4.075  1.00 8.54  ? 161 TYR A CE2   1 
ATOM   1386 C CZ    . TYR A 1 161 ? -3.160  9.230   -3.577  1.00 10.63 ? 161 TYR A CZ    1 
ATOM   1387 O OH    . TYR A 1 161 ? -2.257  8.278   -3.567  1.00 10.16 ? 161 TYR A OH    1 
ATOM   1388 N N     . LYS A 1 162 ? -7.167  15.184  -5.165  0.70 18.76 ? 162 LYS A N     1 
ATOM   1389 C CA    . LYS A 1 162 ? -8.351  16.020  -5.398  0.70 28.68 ? 162 LYS A CA    1 
ATOM   1390 C C     . LYS A 1 162 ? -9.027  15.982  -6.791  0.70 32.19 ? 162 LYS A C     1 
ATOM   1391 O O     . LYS A 1 162 ? -10.202 16.001  -6.918  0.70 43.29 ? 162 LYS A O     1 
ATOM   1392 C CB    . LYS A 1 162 ? -8.135  17.411  -4.840  0.70 27.64 ? 162 LYS A CB    1 
ATOM   1393 C CG    . LYS A 1 162 ? -8.090  17.327  -3.332  0.70 23.24 ? 162 LYS A CG    1 
ATOM   1394 N N     . ASN A 1 163 ? -8.295  15.764  -7.821  0.70 32.54 ? 163 ASN A N     1 
ATOM   1395 C CA    . ASN A 1 163 ? -8.851  15.432  -9.126  0.70 45.43 ? 163 ASN A CA    1 
ATOM   1396 C C     . ASN A 1 163 ? -8.852  13.930  -9.386  0.70 46.04 ? 163 ASN A C     1 
ATOM   1397 O O     . ASN A 1 163 ? -8.750  13.487  -10.530 0.70 44.29 ? 163 ASN A O     1 
ATOM   1398 C CB    . ASN A 1 163 ? -8.086  16.157  -10.234 0.70 36.60 ? 163 ASN A CB    1 
ATOM   1399 N N     . LEU A 1 164 ? -8.969  13.149  -8.317  0.70 48.07 ? 164 LEU A N     1 
ATOM   1400 C CA    . LEU A 1 164 ? -8.983  11.695  -8.426  0.70 35.76 ? 164 LEU A CA    1 
ATOM   1401 C C     . LEU A 1 164 ? -7.921  11.206  -9.405  0.70 44.07 ? 164 LEU A C     1 
ATOM   1402 O O     . LEU A 1 164 ? -6.757  11.039  -9.041  0.70 41.08 ? 164 LEU A O     1 
ATOM   1403 C CB    . LEU A 1 164 ? -10.366 11.205  -8.861  0.70 43.67 ? 164 LEU A CB    1 
ATOM   1404 C CG    . LEU A 1 164 ? -11.356 10.885  -7.739  0.70 27.58 ? 164 LEU A CG    1 
ATOM   1405 C CD1   . LEU A 1 164 ? -11.950 12.163  -7.166  0.70 45.06 ? 164 LEU A CD1   1 
ATOM   1406 C CD2   . LEU A 1 164 ? -12.452 9.957   -8.238  0.70 44.44 ? 164 LEU A CD2   1 
HETATM 1407 C C1    A N4B B 2 .   ? 6.842   4.675   5.175   0.60 8.84  ? 200 N4B A C1    1 
HETATM 1408 C C1    B N4B B 2 .   ? 6.433   4.565   5.544   0.30 9.39  ? 200 N4B A C1    1 
HETATM 1409 C C2    A N4B B 2 .   ? 6.436   3.913   6.263   0.60 9.79  ? 200 N4B A C2    1 
HETATM 1410 C C2    B N4B B 2 .   ? 6.078   3.488   6.344   0.30 10.33 ? 200 N4B A C2    1 
HETATM 1411 C C3    A N4B B 2 .   ? 6.478   4.450   7.545   0.60 6.76  ? 200 N4B A C3    1 
HETATM 1412 C C3    B N4B B 2 .   ? 6.186   3.583   7.725   0.30 10.78 ? 200 N4B A C3    1 
HETATM 1413 C C4    A N4B B 2 .   ? 6.919   5.749   7.745   0.60 8.86  ? 200 N4B A C4    1 
HETATM 1414 C C4    B N4B B 2 .   ? 6.648   4.758   8.305   0.30 8.17  ? 200 N4B A C4    1 
HETATM 1415 C C5    A N4B B 2 .   ? 7.327   6.513   6.657   0.60 6.49  ? 200 N4B A C5    1 
HETATM 1416 C C5    B N4B B 2 .   ? 6.998   5.838   7.508   0.30 8.99  ? 200 N4B A C5    1 
HETATM 1417 C C6    A N4B B 2 .   ? 7.283   5.975   5.370   0.60 7.26  ? 200 N4B A C6    1 
HETATM 1418 C C6    B N4B B 2 .   ? 6.889   5.742   6.127   0.30 8.74  ? 200 N4B A C6    1 
HETATM 1419 C "C1'" A N4B B 2 .   ? 6.793   4.081   3.765   0.60 13.08 ? 200 N4B A "C1'" 1 
HETATM 1420 C "C1'" B N4B B 2 .   ? 6.305   4.461   4.023   0.30 11.70 ? 200 N4B A "C1'" 1 
HETATM 1421 C "C2'" A N4B B 2 .   ? 8.047   3.263   3.453   0.60 12.84 ? 200 N4B A "C2'" 1 
HETATM 1422 C "C2'" B N4B B 2 .   ? 7.203   5.474   3.305   0.30 12.74 ? 200 N4B A "C2'" 1 
HETATM 1423 C "C3'" A N4B B 2 .   ? 9.333   4.093   3.510   0.60 18.39 ? 200 N4B A "C3'" 1 
HETATM 1424 C "C3'" B N4B B 2 .   ? 8.679   5.253   3.636   0.30 14.82 ? 200 N4B A "C3'" 1 
HETATM 1425 C "C4'" A N4B B 2 .   ? 9.330   5.240   2.492   0.60 11.89 ? 200 N4B A "C4'" 1 
HETATM 1426 C "C4'" B N4B B 2 .   ? 9.119   3.852   3.212   0.30 16.82 ? 200 N4B A "C4'" 1 
HETATM 1427 N N1    . EPE C 3 .   ? 1.022   -7.262  0.951   1.00 29.70 ? 201 EPE A N1    1 
HETATM 1428 C C2    . EPE C 3 .   ? 0.860   -6.967  -0.479  1.00 24.51 ? 201 EPE A C2    1 
HETATM 1429 C C3    . EPE C 3 .   ? -0.602  -6.586  -0.736  1.00 23.47 ? 201 EPE A C3    1 
HETATM 1430 N N4    . EPE C 3 .   ? -1.214  -5.744  0.289   1.00 21.42 ? 201 EPE A N4    1 
HETATM 1431 C C5    . EPE C 3 .   ? -0.755  -5.856  1.660   1.00 22.83 ? 201 EPE A C5    1 
HETATM 1432 C C6    . EPE C 3 .   ? 0.752   -6.044  1.718   1.00 25.46 ? 201 EPE A C6    1 
HETATM 1433 C C7    . EPE C 3 .   ? -2.599  -5.340  0.095   1.00 20.68 ? 201 EPE A C7    1 
HETATM 1434 C C8    . EPE C 3 .   ? -3.600  -6.287  0.750   1.00 20.60 ? 201 EPE A C8    1 
HETATM 1435 O O8    . EPE C 3 .   ? -3.336  -7.621  0.364   1.00 14.62 ? 201 EPE A O8    1 
HETATM 1436 C C9    . EPE C 3 .   ? 2.324   -7.840  1.321   1.00 32.39 ? 201 EPE A C9    1 
HETATM 1437 C C10   . EPE C 3 .   ? 3.135   -8.260  0.105   1.00 38.69 ? 201 EPE A C10   1 
HETATM 1438 S S     . EPE C 3 .   ? 4.571   -9.240  0.616   1.00 52.97 ? 201 EPE A S     1 
HETATM 1439 O O1S   . EPE C 3 .   ? 4.402   -9.682  1.998   1.00 43.47 ? 201 EPE A O1S   1 
HETATM 1440 O O2S   . EPE C 3 .   ? 4.689   -10.408 -0.253  1.00 50.28 ? 201 EPE A O2S   1 
HETATM 1441 O O3S   . EPE C 3 .   ? 5.775   -8.419  0.517   1.00 55.38 ? 201 EPE A O3S   1 
HETATM 1442 O O     B HOH D 4 .   ? 3.384   -2.277  -12.678 0.50 16.85 ? 301 HOH A O     1 
HETATM 1443 O O     . HOH D 4 .   ? -19.453 -2.305  3.828   1.00 29.71 ? 302 HOH A O     1 
HETATM 1444 O O     . HOH D 4 .   ? -15.152 -21.552 -4.481  1.00 31.41 ? 303 HOH A O     1 
HETATM 1445 O O     B HOH D 4 .   ? 3.644   8.925   -14.920 0.50 16.88 ? 304 HOH A O     1 
HETATM 1446 O O     . HOH D 4 .   ? -15.694 12.048  1.932   0.50 23.66 ? 305 HOH A O     1 
HETATM 1447 O O     . HOH D 4 .   ? -16.319 -3.651  6.454   1.00 28.71 ? 306 HOH A O     1 
HETATM 1448 O O     . HOH D 4 .   ? 8.102   12.716  -10.689 1.00 31.51 ? 307 HOH A O     1 
HETATM 1449 O O     . HOH D 4 .   ? -13.033 -11.778 8.235   1.00 15.18 ? 308 HOH A O     1 
HETATM 1450 O O     . HOH D 4 .   ? -4.075  -15.098 0.675   1.00 29.21 ? 309 HOH A O     1 
HETATM 1451 O O     A HOH D 4 .   ? 8.082   21.470  -2.271  0.70 23.36 ? 310 HOH A O     1 
HETATM 1452 O O     . HOH D 4 .   ? -18.171 -4.636  4.782   1.00 22.36 ? 311 HOH A O     1 
HETATM 1453 O O     . HOH D 4 .   ? -18.595 -15.571 4.631   1.00 30.13 ? 312 HOH A O     1 
HETATM 1454 O O     . HOH D 4 .   ? -0.132  17.794  6.801   1.00 17.22 ? 313 HOH A O     1 
HETATM 1455 O O     . HOH D 4 .   ? 5.867   -6.973  -12.945 1.00 32.34 ? 314 HOH A O     1 
HETATM 1456 O O     . HOH D 4 .   ? 10.537  -2.014  -3.457  1.00 28.89 ? 315 HOH A O     1 
HETATM 1457 O O     . HOH D 4 .   ? 17.023  4.382   0.519   1.00 24.16 ? 316 HOH A O     1 
HETATM 1458 O O     . HOH D 4 .   ? 9.576   9.556   16.264  1.00 27.27 ? 317 HOH A O     1 
HETATM 1459 O O     . HOH D 4 .   ? -12.799 -9.090  10.656  1.00 18.73 ? 318 HOH A O     1 
HETATM 1460 O O     . HOH D 4 .   ? -14.657 8.317   3.683   1.00 17.55 ? 319 HOH A O     1 
HETATM 1461 O O     . HOH D 4 .   ? 6.546   20.959  1.633   1.00 18.50 ? 320 HOH A O     1 
HETATM 1462 O O     . HOH D 4 .   ? -9.437  -24.055 -5.904  1.00 32.65 ? 321 HOH A O     1 
HETATM 1463 O O     . HOH D 4 .   ? 3.391   -7.116  -14.648 1.00 17.08 ? 322 HOH A O     1 
HETATM 1464 O O     B HOH D 4 .   ? -3.452  -12.746 1.232   0.40 21.07 ? 323 HOH A O     1 
HETATM 1465 O O     . HOH D 4 .   ? 5.792   -9.437  -11.741 1.00 32.21 ? 324 HOH A O     1 
HETATM 1466 O O     . HOH D 4 .   ? -10.986 -1.950  11.650  1.00 32.12 ? 325 HOH A O     1 
HETATM 1467 O O     . HOH D 4 .   ? 13.059  -1.788  -1.244  1.00 28.41 ? 326 HOH A O     1 
HETATM 1468 O O     . HOH D 4 .   ? -6.228  -13.340 2.399   1.00 32.17 ? 327 HOH A O     1 
HETATM 1469 O O     . HOH D 4 .   ? 3.966   -0.607  -15.384 1.00 16.99 ? 328 HOH A O     1 
HETATM 1470 O O     . HOH D 4 .   ? -17.939 -18.427 7.353   1.00 30.33 ? 329 HOH A O     1 
HETATM 1471 O O     B HOH D 4 .   ? -6.347  -0.989  14.542  1.00 30.13 ? 330 HOH A O     1 
HETATM 1472 O O     . HOH D 4 .   ? 17.899  4.004   -5.812  1.00 22.60 ? 331 HOH A O     1 
HETATM 1473 O O     A HOH D 4 .   ? -13.479 -0.721  4.061   0.50 10.57 ? 332 HOH A O     1 
HETATM 1474 O O     . HOH D 4 .   ? 14.010  21.929  -3.475  0.50 27.93 ? 333 HOH A O     1 
HETATM 1475 O O     . HOH D 4 .   ? 8.018   4.525   -15.692 1.00 13.88 ? 334 HOH A O     1 
HETATM 1476 O O     . HOH D 4 .   ? -2.952  19.234  5.062   1.00 18.39 ? 335 HOH A O     1 
HETATM 1477 O O     . HOH D 4 .   ? 13.099  20.801  6.467   1.00 21.05 ? 336 HOH A O     1 
HETATM 1478 O O     . HOH D 4 .   ? 10.636  14.582  13.040  1.00 18.63 ? 337 HOH A O     1 
HETATM 1479 O O     . HOH D 4 .   ? 12.894  7.041   -14.074 1.00 35.18 ? 338 HOH A O     1 
HETATM 1480 O O     . HOH D 4 .   ? -12.443 1.074   9.277   1.00 16.75 ? 339 HOH A O     1 
HETATM 1481 O O     . HOH D 4 .   ? -11.212 -10.243 -13.707 1.00 31.15 ? 340 HOH A O     1 
HETATM 1482 O O     . HOH D 4 .   ? -6.277  -7.210  -14.437 1.00 28.06 ? 341 HOH A O     1 
HETATM 1483 O O     . HOH D 4 .   ? -12.706 14.213  0.852   0.60 33.88 ? 342 HOH A O     1 
HETATM 1484 O O     . HOH D 4 .   ? -10.118 -12.636 6.048   1.00 11.44 ? 343 HOH A O     1 
HETATM 1485 O O     . HOH D 4 .   ? 14.332  6.036   -11.024 1.00 28.92 ? 344 HOH A O     1 
HETATM 1486 O O     . HOH D 4 .   ? -13.997 -12.229 5.787   1.00 22.75 ? 345 HOH A O     1 
HETATM 1487 O O     . HOH D 4 .   ? -21.163 -19.051 -1.241  1.00 25.60 ? 346 HOH A O     1 
HETATM 1488 O O     . HOH D 4 .   ? -7.695  -9.355  5.001   1.00 19.10 ? 347 HOH A O     1 
HETATM 1489 O O     . HOH D 4 .   ? 0.719   -13.508 -14.199 1.00 31.13 ? 348 HOH A O     1 
HETATM 1490 O O     . HOH D 4 .   ? -2.522  -7.232  -14.795 1.00 17.43 ? 349 HOH A O     1 
HETATM 1491 O O     . HOH D 4 .   ? -13.111 12.749  3.255   1.00 32.87 ? 350 HOH A O     1 
HETATM 1492 O O     B HOH D 4 .   ? -12.867 11.747  5.857   0.50 10.81 ? 351 HOH A O     1 
HETATM 1493 O O     . HOH D 4 .   ? -11.705 -18.958 7.250   1.00 11.89 ? 352 HOH A O     1 
HETATM 1494 O O     . HOH D 4 .   ? 21.966  4.558   4.906   0.80 27.54 ? 353 HOH A O     1 
HETATM 1495 O O     . HOH D 4 .   ? 2.554   22.290  1.382   1.00 27.29 ? 354 HOH A O     1 
HETATM 1496 O O     . HOH D 4 .   ? -14.481 -21.257 2.973   1.00 30.99 ? 355 HOH A O     1 
HETATM 1497 O O     A HOH D 4 .   ? 5.056   -3.902  -13.671 1.00 27.75 ? 356 HOH A O     1 
HETATM 1498 O O     A HOH D 4 .   ? 3.583   11.253  17.631  0.50 23.59 ? 357 HOH A O     1 
HETATM 1499 O O     . HOH D 4 .   ? 1.062   21.009  4.631   1.00 29.33 ? 358 HOH A O     1 
HETATM 1500 O O     . HOH D 4 .   ? -11.587 -23.359 -3.433  1.00 33.94 ? 359 HOH A O     1 
HETATM 1501 O O     . HOH D 4 .   ? -5.219  18.974  1.571   1.00 15.78 ? 360 HOH A O     1 
HETATM 1502 O O     . HOH D 4 .   ? 9.445   -6.124  -13.594 1.00 32.36 ? 361 HOH A O     1 
HETATM 1503 O O     . HOH D 4 .   ? 8.205   15.185  14.265  1.00 12.78 ? 362 HOH A O     1 
HETATM 1504 O O     . HOH D 4 .   ? 0.593   3.890   -11.321 1.00 13.15 ? 363 HOH A O     1 
HETATM 1505 O O     . HOH D 4 .   ? 18.362  11.196  -3.400  1.00 24.42 ? 364 HOH A O     1 
HETATM 1506 O O     . HOH D 4 .   ? 1.759   -16.367 -2.239  1.00 33.30 ? 365 HOH A O     1 
HETATM 1507 O O     . HOH D 4 .   ? 12.569  -4.428  -11.968 1.00 32.34 ? 366 HOH A O     1 
HETATM 1508 O O     . HOH D 4 .   ? 15.636  21.802  0.537   0.50 19.41 ? 367 HOH A O     1 
HETATM 1509 O O     . HOH D 4 .   ? 9.252   21.273  1.009   1.00 19.89 ? 368 HOH A O     1 
HETATM 1510 O O     B HOH D 4 .   ? 7.844   9.277   -14.647 0.50 27.45 ? 369 HOH A O     1 
HETATM 1511 O O     . HOH D 4 .   ? 8.829   -2.721  -6.332  1.00 32.71 ? 370 HOH A O     1 
HETATM 1512 O O     B HOH D 4 .   ? -4.675  -5.876  12.254  0.50 19.98 ? 371 HOH A O     1 
HETATM 1513 O O     . HOH D 4 .   ? -5.423  -8.730  6.735   1.00 31.55 ? 372 HOH A O     1 
HETATM 1514 O O     . HOH D 4 .   ? -13.302 4.674   0.429   1.00 21.78 ? 373 HOH A O     1 
HETATM 1515 O O     . HOH D 4 .   ? 12.864  18.905  11.418  1.00 39.22 ? 374 HOH A O     1 
HETATM 1516 O O     . HOH D 4 .   ? 0.518   13.174  16.599  1.00 34.67 ? 375 HOH A O     1 
HETATM 1517 O O     . HOH D 4 .   ? -9.649  3.897   -8.925  0.70 25.89 ? 376 HOH A O     1 
HETATM 1518 O O     . HOH D 4 .   ? -3.008  3.330   -8.950  1.00 19.50 ? 377 HOH A O     1 
HETATM 1519 O O     . HOH D 4 .   ? -0.845  0.533   -7.993  1.00 28.14 ? 378 HOH A O     1 
HETATM 1520 O O     . HOH D 4 .   ? 2.218   3.334   -2.606  1.00 10.06 ? 379 HOH A O     1 
HETATM 1521 O O     . HOH D 4 .   ? -9.473  -3.224  -7.845  1.00 20.87 ? 380 HOH A O     1 
HETATM 1522 O O     A HOH D 4 .   ? -5.756  -3.153  -7.299  0.50 9.30  ? 381 HOH A O     1 
HETATM 1523 O O     B HOH D 4 .   ? -2.926  -3.581  -8.993  0.80 27.80 ? 382 HOH A O     1 
HETATM 1524 O O     . HOH D 4 .   ? -22.024 -6.300  -4.409  1.00 23.20 ? 383 HOH A O     1 
HETATM 1525 O O     . HOH D 4 .   ? -12.239 -13.565 -12.618 1.00 26.90 ? 384 HOH A O     1 
HETATM 1526 O O     . HOH D 4 .   ? -2.227  -7.327  -5.347  1.00 16.91 ? 385 HOH A O     1 
HETATM 1527 O O     . HOH D 4 .   ? -0.798  -14.902 -8.438  1.00 16.07 ? 386 HOH A O     1 
HETATM 1528 O O     . HOH D 4 .   ? -10.708 -5.730  -0.727  1.00 9.81  ? 387 HOH A O     1 
HETATM 1529 O O     . HOH D 4 .   ? -8.294  -4.887  0.431   1.00 10.34 ? 388 HOH A O     1 
HETATM 1530 O O     . HOH D 4 .   ? -2.558  -5.124  -3.612  1.00 29.32 ? 389 HOH A O     1 
HETATM 1531 O O     . HOH D 4 .   ? -13.208 -18.795 -4.867  1.00 16.68 ? 390 HOH A O     1 
HETATM 1532 O O     . HOH D 4 .   ? -19.668 -12.925 3.657   1.00 26.36 ? 391 HOH A O     1 
HETATM 1533 O O     . HOH D 4 .   ? -19.896 -15.812 -4.908  1.00 19.24 ? 392 HOH A O     1 
HETATM 1534 O O     . HOH D 4 .   ? -20.898 -13.340 -4.743  1.00 26.01 ? 393 HOH A O     1 
HETATM 1535 O O     . HOH D 4 .   ? -23.160 -13.460 -2.551  1.00 37.71 ? 394 HOH A O     1 
HETATM 1536 O O     . HOH D 4 .   ? -22.549 -5.786  -0.812  1.00 22.87 ? 395 HOH A O     1 
HETATM 1537 O O     . HOH D 4 .   ? -2.185  -4.989  4.403   1.00 20.50 ? 396 HOH A O     1 
HETATM 1538 O O     . HOH D 4 .   ? 0.003   -6.498  10.469  1.00 29.60 ? 397 HOH A O     1 
HETATM 1539 O O     . HOH D 4 .   ? 0.912   -4.192  4.283   1.00 24.47 ? 398 HOH A O     1 
HETATM 1540 O O     . HOH D 4 .   ? 5.851   -5.231  11.430  1.00 26.57 ? 399 HOH A O     1 
HETATM 1541 O O     . HOH D 4 .   ? 11.206  -4.512  13.873  1.00 32.46 ? 400 HOH A O     1 
HETATM 1542 O O     . HOH D 4 .   ? 14.026  4.334   10.936  1.00 23.19 ? 401 HOH A O     1 
HETATM 1543 O O     . HOH D 4 .   ? 8.767   13.544  10.022  1.00 13.29 ? 402 HOH A O     1 
HETATM 1544 O O     . HOH D 4 .   ? 5.372   -0.584  -8.309  1.00 19.07 ? 403 HOH A O     1 
HETATM 1545 O O     . HOH D 4 .   ? 4.093   -2.767  -9.281  1.00 25.35 ? 404 HOH A O     1 
HETATM 1546 O O     . HOH D 4 .   ? 11.104  17.222  -4.713  1.00 23.65 ? 405 HOH A O     1 
HETATM 1547 O O     . HOH D 4 .   ? 17.290  13.365  -2.339  1.00 17.94 ? 406 HOH A O     1 
HETATM 1548 O O     . HOH D 4 .   ? 10.020  13.079  -6.960  1.00 14.90 ? 407 HOH A O     1 
HETATM 1549 O O     . HOH D 4 .   ? 14.321  11.471  -8.452  1.00 17.09 ? 408 HOH A O     1 
HETATM 1550 O O     . HOH D 4 .   ? 0.171   11.008  -10.808 1.00 14.92 ? 409 HOH A O     1 
HETATM 1551 O O     . HOH D 4 .   ? -2.713  11.181  -10.750 1.00 13.85 ? 410 HOH A O     1 
HETATM 1552 O O     . HOH D 4 .   ? 5.358   13.717  -7.379  1.00 16.29 ? 411 HOH A O     1 
HETATM 1553 O O     . HOH D 4 .   ? 6.396   15.692  -5.684  1.00 25.29 ? 412 HOH A O     1 
HETATM 1554 O O     . HOH D 4 .   ? -2.924  13.599  -9.460  1.00 20.94 ? 413 HOH A O     1 
HETATM 1555 O O     . HOH D 4 .   ? -1.456  14.740  -2.392  1.00 13.69 ? 414 HOH A O     1 
HETATM 1556 O O     . HOH D 4 .   ? -12.126 7.146   -3.110  1.00 21.40 ? 415 HOH A O     1 
HETATM 1557 O O     A HOH D 4 .   ? -11.959 -0.160  -10.343 0.70 25.21 ? 416 HOH A O     1 
HETATM 1558 O O     B HOH D 4 .   ? -12.980 1.388   -9.838  1.00 38.58 ? 417 HOH A O     1 
HETATM 1559 O O     . HOH D 4 .   ? 0.074   -4.579  -3.900  1.00 34.32 ? 418 HOH A O     1 
HETATM 1560 O O     . HOH D 4 .   ? -12.387 -8.316  -12.011 1.00 29.95 ? 419 HOH A O     1 
HETATM 1561 O O     . HOH D 4 .   ? -5.349  -23.338 -11.752 1.00 31.41 ? 420 HOH A O     1 
HETATM 1562 O O     . HOH D 4 .   ? -22.106 -9.689  1.452   1.00 30.64 ? 421 HOH A O     1 
HETATM 1563 O O     . HOH D 4 .   ? 1.513   15.094  -8.290  1.00 27.18 ? 422 HOH A O     1 
HETATM 1564 O O     . HOH D 4 .   ? 3.930   22.448  -4.251  1.00 41.88 ? 423 HOH A O     1 
HETATM 1565 O O     . HOH D 4 .   ? -13.477 -14.996 -10.995 1.00 31.62 ? 424 HOH A O     1 
HETATM 1566 O O     . HOH D 4 .   ? 11.891  1.832   17.350  1.00 32.94 ? 425 HOH A O     1 
HETATM 1567 O O     . HOH D 4 .   ? 4.514   -7.523  -2.658  1.00 44.92 ? 426 HOH A O     1 
HETATM 1568 O O     . HOH D 4 .   ? 3.661   -12.642 -12.080 1.00 36.12 ? 427 HOH A O     1 
HETATM 1569 O O     . HOH D 4 .   ? -4.016  -21.350 -13.296 1.00 34.75 ? 428 HOH A O     1 
HETATM 1570 O O     . HOH D 4 .   ? -10.314 -22.571 -11.752 1.00 42.78 ? 429 HOH A O     1 
HETATM 1571 O O     . HOH D 4 .   ? -12.786 -18.577 -13.003 1.00 41.98 ? 430 HOH A O     1 
HETATM 1572 O O     . HOH D 4 .   ? -20.039 -21.833 1.341   1.00 36.92 ? 431 HOH A O     1 
HETATM 1573 O O     . HOH D 4 .   ? -22.137 -12.807 0.590   1.00 29.18 ? 432 HOH A O     1 
HETATM 1574 O O     . HOH D 4 .   ? 8.458   -6.283  12.452  1.00 38.19 ? 433 HOH A O     1 
HETATM 1575 O O     . HOH D 4 .   ? 8.157   -0.971  17.058  1.00 32.12 ? 434 HOH A O     1 
HETATM 1576 O O     . HOH D 4 .   ? 6.616   -1.582  -6.095  1.00 29.20 ? 435 HOH A O     1 
HETATM 1577 O O     . HOH D 4 .   ? 5.845   -7.671  4.066   1.00 34.75 ? 436 HOH A O     1 
HETATM 1578 O O     . HOH D 4 .   ? 16.595  5.487   8.070   1.00 19.41 ? 437 HOH A O     1 
HETATM 1579 O O     . HOH D 4 .   ? 0.750   11.592  -13.275 1.00 30.76 ? 438 HOH A O     1 
HETATM 1580 O O     . HOH D 4 .   ? -20.576 -9.619  -6.883  1.00 29.25 ? 439 HOH A O     1 
HETATM 1581 O O     A HOH D 4 .   ? -0.282  -15.019 -11.355 0.80 20.62 ? 440 HOH A O     1 
HETATM 1582 O O     B HOH D 4 .   ? 1.890   -15.202 -10.521 0.70 26.70 ? 441 HOH A O     1 
HETATM 1583 O O     . HOH D 4 .   ? 1.463   -6.775  12.910  1.00 37.37 ? 442 HOH A O     1 
HETATM 1584 O O     . HOH D 4 .   ? 15.341  0.549   7.034   1.00 37.50 ? 443 HOH A O     1 
HETATM 1585 O O     A HOH D 4 .   ? 2.377   -2.917  -7.057  0.50 19.14 ? 444 HOH A O     1 
HETATM 1586 O O     B HOH D 4 .   ? 0.896   -2.019  -7.528  0.50 20.73 ? 445 HOH A O     1 
HETATM 1587 O O     . HOH D 4 .   ? 4.918   -3.760  -6.075  1.00 31.84 ? 446 HOH A O     1 
HETATM 1588 O O     . HOH D 4 .   ? -16.404 2.163   -3.657  0.50 20.78 ? 447 HOH A O     1 
HETATM 1589 O O     B HOH D 4 .   ? -3.366  -4.486  -6.159  0.50 20.26 ? 448 HOH A O     1 
HETATM 1590 O O     . HOH D 4 .   ? -3.567  -7.873  4.787   1.00 38.12 ? 449 HOH A O     1 
HETATM 1591 O O     . HOH D 4 .   ? -3.552  -0.206  -8.671  0.50 23.66 ? 450 HOH A O     1 
HETATM 1592 O O     A HOH D 4 .   ? -16.272 -5.768  -10.467 0.50 14.97 ? 451 HOH A O     1 
HETATM 1593 O O     B HOH D 4 .   ? -15.625 -6.596  -11.573 0.50 25.03 ? 452 HOH A O     1 
HETATM 1594 O O     A HOH D 4 .   ? 11.551  -4.423  7.769   0.50 29.60 ? 453 HOH A O     1 
HETATM 1595 O O     . HOH D 4 .   ? 7.876   6.398   18.379  0.50 28.27 ? 454 HOH A O     1 
HETATM 1596 O O     B HOH D 4 .   ? 19.553  15.234  3.287   0.40 26.37 ? 455 HOH A O     1 
HETATM 1597 O O     B HOH D 4 .   ? 19.411  14.230  -0.528  0.40 21.52 ? 456 HOH A O     1 
# 
loop_
_pdbx_poly_seq_scheme.asym_id 
_pdbx_poly_seq_scheme.entity_id 
_pdbx_poly_seq_scheme.seq_id 
_pdbx_poly_seq_scheme.mon_id 
_pdbx_poly_seq_scheme.ndb_seq_num 
_pdbx_poly_seq_scheme.pdb_seq_num 
_pdbx_poly_seq_scheme.auth_seq_num 
_pdbx_poly_seq_scheme.pdb_mon_id 
_pdbx_poly_seq_scheme.auth_mon_id 
_pdbx_poly_seq_scheme.pdb_strand_id 
_pdbx_poly_seq_scheme.pdb_ins_code 
_pdbx_poly_seq_scheme.hetero 
A 1 1   MET 1   1   1   MET MET A . n 
A 1 2   ASN 2   2   2   ASN ASN A . n 
A 1 3   ILE 3   3   3   ILE ILE A . n 
A 1 4   PHE 4   4   4   PHE PHE A . n 
A 1 5   GLU 5   5   5   GLU GLU A . n 
A 1 6   MET 6   6   6   MET MET A . n 
A 1 7   LEU 7   7   7   LEU LEU A . n 
A 1 8   ARG 8   8   8   ARG ARG A . n 
A 1 9   ILE 9   9   9   ILE ILE A . n 
A 1 10  ASP 10  10  10  ASP ASP A . n 
A 1 11  GLU 11  11  11  GLU GLU A . n 
A 1 12  GLY 12  12  12  GLY GLY A . n 
A 1 13  LEU 13  13  13  LEU LEU A . n 
A 1 14  ARG 14  14  14  ARG ARG A . n 
A 1 15  LEU 15  15  15  LEU LEU A . n 
A 1 16  LYS 16  16  16  LYS LYS A . n 
A 1 17  ILE 17  17  17  ILE ILE A . n 
A 1 18  TYR 18  18  18  TYR TYR A . n 
A 1 19  LYS 19  19  19  LYS LYS A . n 
A 1 20  ASP 20  20  20  ASP ASP A . n 
A 1 21  THR 21  21  21  THR THR A . n 
A 1 22  GLU 22  22  22  GLU GLU A . n 
A 1 23  GLY 23  23  23  GLY GLY A . n 
A 1 24  TYR 24  24  24  TYR TYR A . n 
A 1 25  TYR 25  25  25  TYR TYR A . n 
A 1 26  THR 26  26  26  THR THR A . n 
A 1 27  ILE 27  27  27  ILE ILE A . n 
A 1 28  GLY 28  28  28  GLY GLY A . n 
A 1 29  ILE 29  29  29  ILE ILE A . n 
A 1 30  GLY 30  30  30  GLY GLY A . n 
A 1 31  HIS 31  31  31  HIS HIS A . n 
A 1 32  LEU 32  32  32  LEU LEU A . n 
A 1 33  LEU 33  33  33  LEU LEU A . n 
A 1 34  THR 34  34  34  THR THR A . n 
A 1 35  LYS 35  35  35  LYS LYS A . n 
A 1 36  SER 36  36  36  SER SER A . n 
A 1 37  PRO 37  37  37  PRO PRO A . n 
A 1 38  SER 38  38  38  SER SER A . n 
A 1 39  LEU 39  39  39  LEU LEU A . n 
A 1 40  ASN 40  40  40  ASN ASN A . n 
A 1 41  ALA 41  41  41  ALA ALA A . n 
A 1 42  ALA 42  42  42  ALA ALA A . n 
A 1 43  LYS 43  43  43  LYS LYS A . n 
A 1 44  SER 44  44  44  SER SER A . n 
A 1 45  GLU 45  45  45  GLU GLU A . n 
A 1 46  LEU 46  46  46  LEU LEU A . n 
A 1 47  ASP 47  47  47  ASP ASP A . n 
A 1 48  LYS 48  48  48  LYS LYS A . n 
A 1 49  ALA 49  49  49  ALA ALA A . n 
A 1 50  ILE 50  50  50  ILE ILE A . n 
A 1 51  GLY 51  51  51  GLY GLY A . n 
A 1 52  ARG 52  52  52  ARG ARG A . n 
A 1 53  ASN 53  53  53  ASN ASN A . n 
A 1 54  CYS 54  54  54  CYS CYS A . n 
A 1 55  ASN 55  55  55  ASN ASN A . n 
A 1 56  GLY 56  56  56  GLY GLY A . n 
A 1 57  VAL 57  57  57  VAL VAL A . n 
A 1 58  ILE 58  58  58  ILE ILE A . n 
A 1 59  THR 59  59  59  THR THR A . n 
A 1 60  LYS 60  60  60  LYS LYS A . n 
A 1 61  ASP 61  61  61  ASP ASP A . n 
A 1 62  GLU 62  62  62  GLU GLU A . n 
A 1 63  ALA 63  63  63  ALA ALA A . n 
A 1 64  GLU 64  64  64  GLU GLU A . n 
A 1 65  LYS 65  65  65  LYS LYS A . n 
A 1 66  LEU 66  66  66  LEU LEU A . n 
A 1 67  PHE 67  67  67  PHE PHE A . n 
A 1 68  ASN 68  68  68  ASN ASN A . n 
A 1 69  GLN 69  69  69  GLN GLN A . n 
A 1 70  ASP 70  70  70  ASP ASP A . n 
A 1 71  VAL 71  71  71  VAL VAL A . n 
A 1 72  ASP 72  72  72  ASP ASP A . n 
A 1 73  ALA 73  73  73  ALA ALA A . n 
A 1 74  ALA 74  74  74  ALA ALA A . n 
A 1 75  VAL 75  75  75  VAL VAL A . n 
A 1 76  ARG 76  76  76  ARG ARG A . n 
A 1 77  GLY 77  77  77  GLY GLY A . n 
A 1 78  ILE 78  78  78  ILE ILE A . n 
A 1 79  LEU 79  79  79  LEU LEU A . n 
A 1 80  ARG 80  80  80  ARG ARG A . n 
A 1 81  ASN 81  81  81  ASN ASN A . n 
A 1 82  ALA 82  82  82  ALA ALA A . n 
A 1 83  LYS 83  83  83  LYS LYS A . n 
A 1 84  LEU 84  84  84  LEU LEU A . n 
A 1 85  LYS 85  85  85  LYS LYS A . n 
A 1 86  PRO 86  86  86  PRO PRO A . n 
A 1 87  VAL 87  87  87  VAL VAL A . n 
A 1 88  TYR 88  88  88  TYR TYR A . n 
A 1 89  ASP 89  89  89  ASP ASP A . n 
A 1 90  SER 90  90  90  SER SER A . n 
A 1 91  LEU 91  91  91  LEU LEU A . n 
A 1 92  ASP 92  92  92  ASP ASP A . n 
A 1 93  ALA 93  93  93  ALA ALA A . n 
A 1 94  VAL 94  94  94  VAL VAL A . n 
A 1 95  ARG 95  95  95  ARG ARG A . n 
A 1 96  ARG 96  96  96  ARG ARG A . n 
A 1 97  CYS 97  97  97  CYS CYS A . n 
A 1 98  ALA 98  98  98  ALA ALA A . n 
A 1 99  ALA 99  99  99  ALA ALA A . n 
A 1 100 ILE 100 100 100 ILE ILE A . n 
A 1 101 ASN 101 101 101 ASN ASN A . n 
A 1 102 MET 102 102 102 MET MET A . n 
A 1 103 VAL 103 103 103 VAL VAL A . n 
A 1 104 PHE 104 104 104 PHE PHE A . n 
A 1 105 GLN 105 105 105 GLN GLN A . n 
A 1 106 MET 106 106 106 MET MET A . n 
A 1 107 GLY 107 107 107 GLY GLY A . n 
A 1 108 GLU 108 108 108 GLU GLU A . n 
A 1 109 THR 109 109 109 THR THR A . n 
A 1 110 GLY 110 110 110 GLY GLY A . n 
A 1 111 VAL 111 111 111 VAL VAL A . n 
A 1 112 ALA 112 112 112 ALA ALA A . n 
A 1 113 GLY 113 113 113 GLY GLY A . n 
A 1 114 PHE 114 114 114 PHE PHE A . n 
A 1 115 THR 115 115 115 THR THR A . n 
A 1 116 ASN 116 116 116 ASN ASN A . n 
A 1 117 SER 117 117 117 SER SER A . n 
A 1 118 LEU 118 118 118 LEU LEU A . n 
A 1 119 ARG 119 119 119 ARG ARG A . n 
A 1 120 MET 120 120 120 MET MET A . n 
A 1 121 LEU 121 121 121 LEU LEU A . n 
A 1 122 GLN 122 122 122 GLN GLN A . n 
A 1 123 GLN 123 123 123 GLN GLN A . n 
A 1 124 LYS 124 124 124 LYS LYS A . n 
A 1 125 ARG 125 125 125 ARG ARG A . n 
A 1 126 TRP 126 126 126 TRP TRP A . n 
A 1 127 ASP 127 127 127 ASP ASP A . n 
A 1 128 GLU 128 128 128 GLU GLU A . n 
A 1 129 ALA 129 129 129 ALA ALA A . n 
A 1 130 ALA 130 130 130 ALA ALA A . n 
A 1 131 VAL 131 131 131 VAL VAL A . n 
A 1 132 ASN 132 132 132 ASN ASN A . n 
A 1 133 LEU 133 133 133 LEU LEU A . n 
A 1 134 ALA 134 134 134 ALA ALA A . n 
A 1 135 LYS 135 135 135 LYS LYS A . n 
A 1 136 SER 136 136 136 SER SER A . n 
A 1 137 ARG 137 137 137 ARG ARG A . n 
A 1 138 TRP 138 138 138 TRP TRP A . n 
A 1 139 TYR 139 139 139 TYR TYR A . n 
A 1 140 ASN 140 140 140 ASN ASN A . n 
A 1 141 GLN 141 141 141 GLN GLN A . n 
A 1 142 THR 142 142 142 THR THR A . n 
A 1 143 PRO 143 143 143 PRO PRO A . n 
A 1 144 ASN 144 144 144 ASN ASN A . n 
A 1 145 ARG 145 145 145 ARG ARG A . n 
A 1 146 ALA 146 146 146 ALA ALA A . n 
A 1 147 LYS 147 147 147 LYS LYS A . n 
A 1 148 ARG 148 148 148 ARG ARG A . n 
A 1 149 VAL 149 149 149 VAL VAL A . n 
A 1 150 ILE 150 150 150 ILE ILE A . n 
A 1 151 THR 151 151 151 THR THR A . n 
A 1 152 THR 152 152 152 THR THR A . n 
A 1 153 PHE 153 153 153 PHE PHE A . n 
A 1 154 ARG 154 154 154 ARG ARG A . n 
A 1 155 THR 155 155 155 THR THR A . n 
A 1 156 GLY 156 156 156 GLY GLY A . n 
A 1 157 THR 157 157 157 THR THR A . n 
A 1 158 TRP 158 158 158 TRP TRP A . n 
A 1 159 ASP 159 159 159 ASP ASP A . n 
A 1 160 ALA 160 160 160 ALA ALA A . n 
A 1 161 TYR 161 161 161 TYR TYR A . n 
A 1 162 LYS 162 162 162 LYS LYS A . n 
A 1 163 ASN 163 163 163 ASN ASN A . n 
A 1 164 LEU 164 164 164 LEU LEU A . n 
A 1 165 LEU 165 165 ?   ?   ?   A . n 
A 1 166 GLU 166 166 ?   ?   ?   A . n 
A 1 167 HIS 167 167 ?   ?   ?   A . n 
A 1 168 HIS 168 168 ?   ?   ?   A . n 
A 1 169 HIS 169 169 ?   ?   ?   A . n 
A 1 170 HIS 170 170 ?   ?   ?   A . n 
A 1 171 HIS 171 171 ?   ?   ?   A . n 
A 1 172 HIS 172 172 ?   ?   ?   A . n 
# 
loop_
_pdbx_nonpoly_scheme.asym_id 
_pdbx_nonpoly_scheme.entity_id 
_pdbx_nonpoly_scheme.mon_id 
_pdbx_nonpoly_scheme.ndb_seq_num 
_pdbx_nonpoly_scheme.pdb_seq_num 
_pdbx_nonpoly_scheme.auth_seq_num 
_pdbx_nonpoly_scheme.pdb_mon_id 
_pdbx_nonpoly_scheme.auth_mon_id 
_pdbx_nonpoly_scheme.pdb_strand_id 
_pdbx_nonpoly_scheme.pdb_ins_code 
B 2 N4B 1   200 200 N4B DRG A . 
C 3 EPE 1   201 201 EPE EPE A . 
D 4 HOH 1   301 107 HOH HOH A . 
D 4 HOH 2   302 1   HOH HOH A . 
D 4 HOH 3   303 102 HOH HOH A . 
D 4 HOH 4   304 98  HOH HOH A . 
D 4 HOH 5   305 137 HOH HOH A . 
D 4 HOH 6   306 3   HOH HOH A . 
D 4 HOH 7   307 76  HOH HOH A . 
D 4 HOH 8   308 45  HOH HOH A . 
D 4 HOH 9   309 94  HOH HOH A . 
D 4 HOH 10  310 140 HOH HOH A . 
D 4 HOH 11  311 41  HOH HOH A . 
D 4 HOH 12  312 35  HOH HOH A . 
D 4 HOH 13  313 43  HOH HOH A . 
D 4 HOH 14  314 89  HOH HOH A . 
D 4 HOH 15  315 124 HOH HOH A . 
D 4 HOH 16  316 96  HOH HOH A . 
D 4 HOH 17  317 53  HOH HOH A . 
D 4 HOH 18  318 46  HOH HOH A . 
D 4 HOH 19  319 7   HOH HOH A . 
D 4 HOH 20  320 65  HOH HOH A . 
D 4 HOH 21  321 29  HOH HOH A . 
D 4 HOH 22  322 21  HOH HOH A . 
D 4 HOH 23  323 91  HOH HOH A . 
D 4 HOH 24  324 24  HOH HOH A . 
D 4 HOH 25  325 130 HOH HOH A . 
D 4 HOH 26  326 123 HOH HOH A . 
D 4 HOH 27  327 90  HOH HOH A . 
D 4 HOH 28  328 58  HOH HOH A . 
D 4 HOH 29  329 103 HOH HOH A . 
D 4 HOH 30  330 129 HOH HOH A . 
D 4 HOH 31  331 31  HOH HOH A . 
D 4 HOH 32  332 4   HOH HOH A . 
D 4 HOH 33  333 156 HOH HOH A . 
D 4 HOH 34  334 56  HOH HOH A . 
D 4 HOH 35  335 44  HOH HOH A . 
D 4 HOH 36  336 18  HOH HOH A . 
D 4 HOH 37  337 57  HOH HOH A . 
D 4 HOH 38  338 126 HOH HOH A . 
D 4 HOH 39  339 6   HOH HOH A . 
D 4 HOH 40  340 17  HOH HOH A . 
D 4 HOH 41  341 19  HOH HOH A . 
D 4 HOH 42  342 136 HOH HOH A . 
D 4 HOH 43  343 34  HOH HOH A . 
D 4 HOH 44  344 73  HOH HOH A . 
D 4 HOH 45  345 33  HOH HOH A . 
D 4 HOH 46  346 40  HOH HOH A . 
D 4 HOH 47  347 28  HOH HOH A . 
D 4 HOH 48  348 22  HOH HOH A . 
D 4 HOH 49  349 63  HOH HOH A . 
D 4 HOH 50  350 2   HOH HOH A . 
D 4 HOH 51  351 5   HOH HOH A . 
D 4 HOH 52  352 32  HOH HOH A . 
D 4 HOH 53  353 131 HOH HOH A . 
D 4 HOH 54  354 66  HOH HOH A . 
D 4 HOH 55  355 114 HOH HOH A . 
D 4 HOH 56  356 106 HOH HOH A . 
D 4 HOH 57  357 148 HOH HOH A . 
D 4 HOH 58  358 67  HOH HOH A . 
D 4 HOH 59  359 113 HOH HOH A . 
D 4 HOH 60  360 83  HOH HOH A . 
D 4 HOH 61  361 74  HOH HOH A . 
D 4 HOH 62  362 55  HOH HOH A . 
D 4 HOH 63  363 61  HOH HOH A . 
D 4 HOH 64  364 72  HOH HOH A . 
D 4 HOH 65  365 92  HOH HOH A . 
D 4 HOH 66  366 117 HOH HOH A . 
D 4 HOH 67  367 142 HOH HOH A . 
D 4 HOH 68  368 64  HOH HOH A . 
D 4 HOH 69  369 75  HOH HOH A . 
D 4 HOH 70  370 97  HOH HOH A . 
D 4 HOH 71  371 147 HOH HOH A . 
D 4 HOH 72  372 145 HOH HOH A . 
D 4 HOH 73  373 101 HOH HOH A . 
D 4 HOH 74  374 62  HOH HOH A . 
D 4 HOH 75  375 120 HOH HOH A . 
D 4 HOH 76  376 8   HOH HOH A . 
D 4 HOH 77  377 9   HOH HOH A . 
D 4 HOH 78  378 10  HOH HOH A . 
D 4 HOH 79  379 11  HOH HOH A . 
D 4 HOH 80  380 12  HOH HOH A . 
D 4 HOH 81  381 13  HOH HOH A . 
D 4 HOH 82  382 14  HOH HOH A . 
D 4 HOH 83  383 15  HOH HOH A . 
D 4 HOH 84  384 16  HOH HOH A . 
D 4 HOH 85  385 20  HOH HOH A . 
D 4 HOH 86  386 23  HOH HOH A . 
D 4 HOH 87  387 25  HOH HOH A . 
D 4 HOH 88  388 26  HOH HOH A . 
D 4 HOH 89  389 27  HOH HOH A . 
D 4 HOH 90  390 30  HOH HOH A . 
D 4 HOH 91  391 36  HOH HOH A . 
D 4 HOH 92  392 37  HOH HOH A . 
D 4 HOH 93  393 38  HOH HOH A . 
D 4 HOH 94  394 39  HOH HOH A . 
D 4 HOH 95  395 42  HOH HOH A . 
D 4 HOH 96  396 47  HOH HOH A . 
D 4 HOH 97  397 48  HOH HOH A . 
D 4 HOH 98  398 49  HOH HOH A . 
D 4 HOH 99  399 50  HOH HOH A . 
D 4 HOH 100 400 51  HOH HOH A . 
D 4 HOH 101 401 52  HOH HOH A . 
D 4 HOH 102 402 54  HOH HOH A . 
D 4 HOH 103 403 59  HOH HOH A . 
D 4 HOH 104 404 60  HOH HOH A . 
D 4 HOH 105 405 68  HOH HOH A . 
D 4 HOH 106 406 69  HOH HOH A . 
D 4 HOH 107 407 70  HOH HOH A . 
D 4 HOH 108 408 71  HOH HOH A . 
D 4 HOH 109 409 77  HOH HOH A . 
D 4 HOH 110 410 78  HOH HOH A . 
D 4 HOH 111 411 79  HOH HOH A . 
D 4 HOH 112 412 80  HOH HOH A . 
D 4 HOH 113 413 81  HOH HOH A . 
D 4 HOH 114 414 82  HOH HOH A . 
D 4 HOH 115 415 84  HOH HOH A . 
D 4 HOH 116 416 85  HOH HOH A . 
D 4 HOH 117 417 86  HOH HOH A . 
D 4 HOH 118 418 87  HOH HOH A . 
D 4 HOH 119 419 88  HOH HOH A . 
D 4 HOH 120 420 93  HOH HOH A . 
D 4 HOH 121 421 95  HOH HOH A . 
D 4 HOH 122 422 99  HOH HOH A . 
D 4 HOH 123 423 100 HOH HOH A . 
D 4 HOH 124 424 104 HOH HOH A . 
D 4 HOH 125 425 105 HOH HOH A . 
D 4 HOH 126 426 108 HOH HOH A . 
D 4 HOH 127 427 109 HOH HOH A . 
D 4 HOH 128 428 110 HOH HOH A . 
D 4 HOH 129 429 111 HOH HOH A . 
D 4 HOH 130 430 112 HOH HOH A . 
D 4 HOH 131 431 115 HOH HOH A . 
D 4 HOH 132 432 116 HOH HOH A . 
D 4 HOH 133 433 118 HOH HOH A . 
D 4 HOH 134 434 119 HOH HOH A . 
D 4 HOH 135 435 121 HOH HOH A . 
D 4 HOH 136 436 122 HOH HOH A . 
D 4 HOH 137 437 125 HOH HOH A . 
D 4 HOH 138 438 127 HOH HOH A . 
D 4 HOH 139 439 128 HOH HOH A . 
D 4 HOH 140 440 132 HOH HOH A . 
D 4 HOH 141 441 133 HOH HOH A . 
D 4 HOH 142 442 134 HOH HOH A . 
D 4 HOH 143 443 135 HOH HOH A . 
D 4 HOH 144 444 138 HOH HOH A . 
D 4 HOH 145 445 139 HOH HOH A . 
D 4 HOH 146 446 141 HOH HOH A . 
D 4 HOH 147 447 143 HOH HOH A . 
D 4 HOH 148 448 144 HOH HOH A . 
D 4 HOH 149 449 146 HOH HOH A . 
D 4 HOH 150 450 149 HOH HOH A . 
D 4 HOH 151 451 150 HOH HOH A . 
D 4 HOH 152 452 151 HOH HOH A . 
D 4 HOH 153 453 152 HOH HOH A . 
D 4 HOH 154 454 153 HOH HOH A . 
D 4 HOH 155 455 154 HOH HOH A . 
D 4 HOH 156 456 155 HOH HOH A . 
# 
_pdbx_struct_assembly.id                   1 
_pdbx_struct_assembly.details              author_and_software_defined_assembly 
_pdbx_struct_assembly.method_details       PISA 
_pdbx_struct_assembly.oligomeric_details   monomeric 
_pdbx_struct_assembly.oligomeric_count     1 
# 
_pdbx_struct_assembly_gen.assembly_id       1 
_pdbx_struct_assembly_gen.oper_expression   1 
_pdbx_struct_assembly_gen.asym_id_list      A,B,C,D 
# 
loop_
_pdbx_struct_assembly_prop.biol_id 
_pdbx_struct_assembly_prop.type 
_pdbx_struct_assembly_prop.value 
_pdbx_struct_assembly_prop.details 
1 'ABSA (A^2)' 880  ? 
1 MORE         15   ? 
1 'SSA (A^2)'  8490 ? 
# 
_pdbx_struct_oper_list.id                   1 
_pdbx_struct_oper_list.type                 'identity operation' 
_pdbx_struct_oper_list.name                 1_555 
_pdbx_struct_oper_list.symmetry_operation   x,y,z 
_pdbx_struct_oper_list.matrix[1][1]         1.0000000000 
_pdbx_struct_oper_list.matrix[1][2]         0.0000000000 
_pdbx_struct_oper_list.matrix[1][3]         0.0000000000 
_pdbx_struct_oper_list.vector[1]            0.0000000000 
_pdbx_struct_oper_list.matrix[2][1]         0.0000000000 
_pdbx_struct_oper_list.matrix[2][2]         1.0000000000 
_pdbx_struct_oper_list.matrix[2][3]         0.0000000000 
_pdbx_struct_oper_list.vector[2]            0.0000000000 
_pdbx_struct_oper_list.matrix[3][1]         0.0000000000 
_pdbx_struct_oper_list.matrix[3][2]         0.0000000000 
_pdbx_struct_oper_list.matrix[3][3]         1.0000000000 
_pdbx_struct_oper_list.vector[3]            0.0000000000 
# 
loop_
_pdbx_audit_revision_history.ordinal 
_pdbx_audit_revision_history.data_content_type 
_pdbx_audit_revision_history.major_revision 
_pdbx_audit_revision_history.minor_revision 
_pdbx_audit_revision_history.revision_date 
1 'Structure model' 1 0 2015-04-01 
2 'Structure model' 1 1 2015-04-22 
3 'Structure model' 1 2 2015-05-06 
4 'Structure model' 1 3 2017-09-06 
5 'Structure model' 1 4 2017-11-22 
6 'Structure model' 1 5 2019-12-25 
7 'Structure model' 1 6 2023-09-27 
# 
_pdbx_audit_revision_details.ordinal             1 
_pdbx_audit_revision_details.revision_ordinal    1 
_pdbx_audit_revision_details.data_content_type   'Structure model' 
_pdbx_audit_revision_details.provider            repository 
_pdbx_audit_revision_details.type                'Initial release' 
_pdbx_audit_revision_details.description         ? 
_pdbx_audit_revision_details.details             ? 
# 
loop_
_pdbx_audit_revision_group.ordinal 
_pdbx_audit_revision_group.revision_ordinal 
_pdbx_audit_revision_group.data_content_type 
_pdbx_audit_revision_group.group 
1  2 'Structure model' 'Database references'        
2  3 'Structure model' 'Database references'        
3  4 'Structure model' 'Author supporting evidence' 
4  4 'Structure model' 'Database references'        
5  4 'Structure model' 'Derived calculations'       
6  4 'Structure model' Other                        
7  4 'Structure model' 'Source and taxonomy'        
8  5 'Structure model' 'Refinement description'     
9  6 'Structure model' 'Author supporting evidence' 
10 7 'Structure model' 'Data collection'            
11 7 'Structure model' 'Database references'        
12 7 'Structure model' 'Refinement description'     
# 
loop_
_pdbx_audit_revision_category.ordinal 
_pdbx_audit_revision_category.revision_ordinal 
_pdbx_audit_revision_category.data_content_type 
_pdbx_audit_revision_category.category 
1  4 'Structure model' citation                      
2  4 'Structure model' entity_src_gen                
3  4 'Structure model' pdbx_audit_support            
4  4 'Structure model' pdbx_database_status          
5  4 'Structure model' pdbx_struct_assembly          
6  4 'Structure model' pdbx_struct_assembly_prop     
7  4 'Structure model' pdbx_struct_oper_list         
8  5 'Structure model' software                      
9  6 'Structure model' pdbx_audit_support            
10 7 'Structure model' chem_comp_atom                
11 7 'Structure model' chem_comp_bond                
12 7 'Structure model' database_2                    
13 7 'Structure model' pdbx_initial_refinement_model 
14 7 'Structure model' refine_hist                   
# 
loop_
_pdbx_audit_revision_item.ordinal 
_pdbx_audit_revision_item.revision_ordinal 
_pdbx_audit_revision_item.data_content_type 
_pdbx_audit_revision_item.item 
1  4 'Structure model' '_citation.journal_id_CSD'                    
2  4 'Structure model' '_entity_src_gen.pdbx_alt_source_flag'        
3  4 'Structure model' '_pdbx_audit_support.funding_organization'    
4  4 'Structure model' '_pdbx_database_status.pdb_format_compatible' 
5  4 'Structure model' '_pdbx_struct_assembly.oligomeric_details'    
6  4 'Structure model' '_pdbx_struct_assembly_prop.type'             
7  4 'Structure model' '_pdbx_struct_assembly_prop.value'            
8  4 'Structure model' '_pdbx_struct_oper_list.symmetry_operation'   
9  6 'Structure model' '_pdbx_audit_support.funding_organization'    
10 7 'Structure model' '_database_2.pdbx_DOI'                        
11 7 'Structure model' '_database_2.pdbx_database_accession'         
12 7 'Structure model' '_refine_hist.d_res_high'                     
13 7 'Structure model' '_refine_hist.number_atoms_total'             
14 7 'Structure model' '_refine_hist.pdbx_number_atoms_nucleic_acid' 
15 7 'Structure model' '_refine_hist.pdbx_number_atoms_protein'      
# 
loop_
_software.citation_id 
_software.classification 
_software.compiler_name 
_software.compiler_version 
_software.contact_author 
_software.contact_author_email 
_software.date 
_software.description 
_software.dependencies 
_software.hardware 
_software.language 
_software.location 
_software.mods 
_software.name 
_software.os 
_software.os_version 
_software.type 
_software.version 
_software.pdbx_ordinal 
? 'data scaling'    ? ? ? ? ? ? ? ? ? ? ? XSCALE      ? ? ? .                            1 
? 'data extraction' ? ? ? ? ? ? ? ? ? ? ? PDB_EXTRACT ? ? ? 3.15                         2 
? refinement        ? ? ? ? ? ? ? ? ? ? ? PHENIX      ? ? ? '(phenix.refine: 1.7.1_743)' 3 
? 'model building'  ? ? ? ? ? ? ? ? ? ? ? Coot        ? ? ? .                            4 
# 
_pdbx_validate_rmsd_bond.id                        1 
_pdbx_validate_rmsd_bond.PDB_model_num             1 
_pdbx_validate_rmsd_bond.auth_atom_id_1            CB 
_pdbx_validate_rmsd_bond.auth_asym_id_1            A 
_pdbx_validate_rmsd_bond.auth_comp_id_1            VAL 
_pdbx_validate_rmsd_bond.auth_seq_id_1             111 
_pdbx_validate_rmsd_bond.PDB_ins_code_1            ? 
_pdbx_validate_rmsd_bond.label_alt_id_1            B 
_pdbx_validate_rmsd_bond.auth_atom_id_2            CG1 
_pdbx_validate_rmsd_bond.auth_asym_id_2            A 
_pdbx_validate_rmsd_bond.auth_comp_id_2            VAL 
_pdbx_validate_rmsd_bond.auth_seq_id_2             111 
_pdbx_validate_rmsd_bond.PDB_ins_code_2            ? 
_pdbx_validate_rmsd_bond.label_alt_id_2            B 
_pdbx_validate_rmsd_bond.bond_value                1.398 
_pdbx_validate_rmsd_bond.bond_target_value         1.524 
_pdbx_validate_rmsd_bond.bond_deviation            -0.126 
_pdbx_validate_rmsd_bond.bond_standard_deviation   0.021 
_pdbx_validate_rmsd_bond.linker_flag               N 
# 
loop_
_pdbx_validate_torsion.id 
_pdbx_validate_torsion.PDB_model_num 
_pdbx_validate_torsion.auth_comp_id 
_pdbx_validate_torsion.auth_asym_id 
_pdbx_validate_torsion.auth_seq_id 
_pdbx_validate_torsion.PDB_ins_code 
_pdbx_validate_torsion.label_alt_id 
_pdbx_validate_torsion.phi 
_pdbx_validate_torsion.psi 
1 1 ILE A 29  ? ? -102.21 72.08  
2 1 THR A 109 ? B -49.85  -13.18 
3 1 PHE A 114 ? ? 37.20   21.92  
# 
loop_
_pdbx_unobs_or_zero_occ_atoms.id 
_pdbx_unobs_or_zero_occ_atoms.PDB_model_num 
_pdbx_unobs_or_zero_occ_atoms.polymer_flag 
_pdbx_unobs_or_zero_occ_atoms.occupancy_flag 
_pdbx_unobs_or_zero_occ_atoms.auth_asym_id 
_pdbx_unobs_or_zero_occ_atoms.auth_comp_id 
_pdbx_unobs_or_zero_occ_atoms.auth_seq_id 
_pdbx_unobs_or_zero_occ_atoms.PDB_ins_code 
_pdbx_unobs_or_zero_occ_atoms.auth_atom_id 
_pdbx_unobs_or_zero_occ_atoms.label_alt_id 
_pdbx_unobs_or_zero_occ_atoms.label_asym_id 
_pdbx_unobs_or_zero_occ_atoms.label_comp_id 
_pdbx_unobs_or_zero_occ_atoms.label_seq_id 
_pdbx_unobs_or_zero_occ_atoms.label_atom_id 
1  1 Y 1 A LYS 16  ? CG  ? A LYS 16  CG  
2  1 Y 1 A LYS 16  ? CD  ? A LYS 16  CD  
3  1 Y 1 A LYS 16  ? CE  ? A LYS 16  CE  
4  1 Y 1 A LYS 16  ? NZ  ? A LYS 16  NZ  
5  1 Y 1 A ASN 53  ? OD1 ? A ASN 53  OD1 
6  1 Y 1 A ASN 53  ? ND2 ? A ASN 53  ND2 
7  1 Y 1 A LYS 60  ? NZ  ? A LYS 60  NZ  
8  1 Y 1 A LYS 83  ? CD  ? A LYS 83  CD  
9  1 Y 1 A LYS 83  ? CE  ? A LYS 83  CE  
10 1 Y 1 A LYS 83  ? NZ  ? A LYS 83  NZ  
11 1 Y 1 A GLN 122 ? OE1 ? A GLN 122 OE1 
12 1 Y 1 A GLN 122 ? NE2 ? A GLN 122 NE2 
13 1 Y 1 A ARG 125 ? CZ  ? A ARG 125 CZ  
14 1 Y 1 A ARG 125 ? NH1 ? A ARG 125 NH1 
15 1 Y 1 A ARG 125 ? NH2 ? A ARG 125 NH2 
16 1 Y 1 A LYS 147 ? NZ  ? A LYS 147 NZ  
17 1 Y 1 A LYS 162 ? CD  ? A LYS 162 CD  
18 1 Y 1 A LYS 162 ? CE  ? A LYS 162 CE  
19 1 Y 1 A LYS 162 ? NZ  ? A LYS 162 NZ  
20 1 Y 1 A ASN 163 ? CG  ? A ASN 163 CG  
21 1 Y 1 A ASN 163 ? OD1 ? A ASN 163 OD1 
22 1 Y 1 A ASN 163 ? ND2 ? A ASN 163 ND2 
# 
loop_
_pdbx_unobs_or_zero_occ_residues.id 
_pdbx_unobs_or_zero_occ_residues.PDB_model_num 
_pdbx_unobs_or_zero_occ_residues.polymer_flag 
_pdbx_unobs_or_zero_occ_residues.occupancy_flag 
_pdbx_unobs_or_zero_occ_residues.auth_asym_id 
_pdbx_unobs_or_zero_occ_residues.auth_comp_id 
_pdbx_unobs_or_zero_occ_residues.auth_seq_id 
_pdbx_unobs_or_zero_occ_residues.PDB_ins_code 
_pdbx_unobs_or_zero_occ_residues.label_asym_id 
_pdbx_unobs_or_zero_occ_residues.label_comp_id 
_pdbx_unobs_or_zero_occ_residues.label_seq_id 
1 1 Y 1 A LEU 165 ? A LEU 165 
2 1 Y 1 A GLU 166 ? A GLU 166 
3 1 Y 1 A HIS 167 ? A HIS 167 
4 1 Y 1 A HIS 168 ? A HIS 168 
5 1 Y 1 A HIS 169 ? A HIS 169 
6 1 Y 1 A HIS 170 ? A HIS 170 
7 1 Y 1 A HIS 171 ? A HIS 171 
8 1 Y 1 A HIS 172 ? A HIS 172 
# 
loop_
_chem_comp_atom.comp_id 
_chem_comp_atom.atom_id 
_chem_comp_atom.type_symbol 
_chem_comp_atom.pdbx_aromatic_flag 
_chem_comp_atom.pdbx_stereo_config 
_chem_comp_atom.pdbx_ordinal 
ALA N      N N N 1   
ALA CA     C N S 2   
ALA C      C N N 3   
ALA O      O N N 4   
ALA CB     C N N 5   
ALA OXT    O N N 6   
ALA H      H N N 7   
ALA H2     H N N 8   
ALA HA     H N N 9   
ALA HB1    H N N 10  
ALA HB2    H N N 11  
ALA HB3    H N N 12  
ALA HXT    H N N 13  
ARG N      N N N 14  
ARG CA     C N S 15  
ARG C      C N N 16  
ARG O      O N N 17  
ARG CB     C N N 18  
ARG CG     C N N 19  
ARG CD     C N N 20  
ARG NE     N N N 21  
ARG CZ     C N N 22  
ARG NH1    N N N 23  
ARG NH2    N N N 24  
ARG OXT    O N N 25  
ARG H      H N N 26  
ARG H2     H N N 27  
ARG HA     H N N 28  
ARG HB2    H N N 29  
ARG HB3    H N N 30  
ARG HG2    H N N 31  
ARG HG3    H N N 32  
ARG HD2    H N N 33  
ARG HD3    H N N 34  
ARG HE     H N N 35  
ARG HH11   H N N 36  
ARG HH12   H N N 37  
ARG HH21   H N N 38  
ARG HH22   H N N 39  
ARG HXT    H N N 40  
ASN N      N N N 41  
ASN CA     C N S 42  
ASN C      C N N 43  
ASN O      O N N 44  
ASN CB     C N N 45  
ASN CG     C N N 46  
ASN OD1    O N N 47  
ASN ND2    N N N 48  
ASN OXT    O N N 49  
ASN H      H N N 50  
ASN H2     H N N 51  
ASN HA     H N N 52  
ASN HB2    H N N 53  
ASN HB3    H N N 54  
ASN HD21   H N N 55  
ASN HD22   H N N 56  
ASN HXT    H N N 57  
ASP N      N N N 58  
ASP CA     C N S 59  
ASP C      C N N 60  
ASP O      O N N 61  
ASP CB     C N N 62  
ASP CG     C N N 63  
ASP OD1    O N N 64  
ASP OD2    O N N 65  
ASP OXT    O N N 66  
ASP H      H N N 67  
ASP H2     H N N 68  
ASP HA     H N N 69  
ASP HB2    H N N 70  
ASP HB3    H N N 71  
ASP HD2    H N N 72  
ASP HXT    H N N 73  
CYS N      N N N 74  
CYS CA     C N R 75  
CYS C      C N N 76  
CYS O      O N N 77  
CYS CB     C N N 78  
CYS SG     S N N 79  
CYS OXT    O N N 80  
CYS H      H N N 81  
CYS H2     H N N 82  
CYS HA     H N N 83  
CYS HB2    H N N 84  
CYS HB3    H N N 85  
CYS HG     H N N 86  
CYS HXT    H N N 87  
EPE N1     N N N 88  
EPE C2     C N N 89  
EPE C3     C N N 90  
EPE N4     N N N 91  
EPE C5     C N N 92  
EPE C6     C N N 93  
EPE C7     C N N 94  
EPE C8     C N N 95  
EPE O8     O N N 96  
EPE C9     C N N 97  
EPE C10    C N N 98  
EPE S      S N N 99  
EPE O1S    O N N 100 
EPE O2S    O N N 101 
EPE O3S    O N N 102 
EPE H21    H N N 103 
EPE H22    H N N 104 
EPE H31    H N N 105 
EPE H32    H N N 106 
EPE H51    H N N 107 
EPE H52    H N N 108 
EPE H61    H N N 109 
EPE H62    H N N 110 
EPE H71    H N N 111 
EPE H72    H N N 112 
EPE H81    H N N 113 
EPE H82    H N N 114 
EPE HO8    H N N 115 
EPE H91    H N N 116 
EPE H92    H N N 117 
EPE H101   H N N 118 
EPE H102   H N N 119 
EPE HOS3   H N N 120 
GLN N      N N N 121 
GLN CA     C N S 122 
GLN C      C N N 123 
GLN O      O N N 124 
GLN CB     C N N 125 
GLN CG     C N N 126 
GLN CD     C N N 127 
GLN OE1    O N N 128 
GLN NE2    N N N 129 
GLN OXT    O N N 130 
GLN H      H N N 131 
GLN H2     H N N 132 
GLN HA     H N N 133 
GLN HB2    H N N 134 
GLN HB3    H N N 135 
GLN HG2    H N N 136 
GLN HG3    H N N 137 
GLN HE21   H N N 138 
GLN HE22   H N N 139 
GLN HXT    H N N 140 
GLU N      N N N 141 
GLU CA     C N S 142 
GLU C      C N N 143 
GLU O      O N N 144 
GLU CB     C N N 145 
GLU CG     C N N 146 
GLU CD     C N N 147 
GLU OE1    O N N 148 
GLU OE2    O N N 149 
GLU OXT    O N N 150 
GLU H      H N N 151 
GLU H2     H N N 152 
GLU HA     H N N 153 
GLU HB2    H N N 154 
GLU HB3    H N N 155 
GLU HG2    H N N 156 
GLU HG3    H N N 157 
GLU HE2    H N N 158 
GLU HXT    H N N 159 
GLY N      N N N 160 
GLY CA     C N N 161 
GLY C      C N N 162 
GLY O      O N N 163 
GLY OXT    O N N 164 
GLY H      H N N 165 
GLY H2     H N N 166 
GLY HA2    H N N 167 
GLY HA3    H N N 168 
GLY HXT    H N N 169 
HIS N      N N N 170 
HIS CA     C N S 171 
HIS C      C N N 172 
HIS O      O N N 173 
HIS CB     C N N 174 
HIS CG     C Y N 175 
HIS ND1    N Y N 176 
HIS CD2    C Y N 177 
HIS CE1    C Y N 178 
HIS NE2    N Y N 179 
HIS OXT    O N N 180 
HIS H      H N N 181 
HIS H2     H N N 182 
HIS HA     H N N 183 
HIS HB2    H N N 184 
HIS HB3    H N N 185 
HIS HD1    H N N 186 
HIS HD2    H N N 187 
HIS HE1    H N N 188 
HIS HE2    H N N 189 
HIS HXT    H N N 190 
HOH O      O N N 191 
HOH H1     H N N 192 
HOH H2     H N N 193 
ILE N      N N N 194 
ILE CA     C N S 195 
ILE C      C N N 196 
ILE O      O N N 197 
ILE CB     C N S 198 
ILE CG1    C N N 199 
ILE CG2    C N N 200 
ILE CD1    C N N 201 
ILE OXT    O N N 202 
ILE H      H N N 203 
ILE H2     H N N 204 
ILE HA     H N N 205 
ILE HB     H N N 206 
ILE HG12   H N N 207 
ILE HG13   H N N 208 
ILE HG21   H N N 209 
ILE HG22   H N N 210 
ILE HG23   H N N 211 
ILE HD11   H N N 212 
ILE HD12   H N N 213 
ILE HD13   H N N 214 
ILE HXT    H N N 215 
LEU N      N N N 216 
LEU CA     C N S 217 
LEU C      C N N 218 
LEU O      O N N 219 
LEU CB     C N N 220 
LEU CG     C N N 221 
LEU CD1    C N N 222 
LEU CD2    C N N 223 
LEU OXT    O N N 224 
LEU H      H N N 225 
LEU H2     H N N 226 
LEU HA     H N N 227 
LEU HB2    H N N 228 
LEU HB3    H N N 229 
LEU HG     H N N 230 
LEU HD11   H N N 231 
LEU HD12   H N N 232 
LEU HD13   H N N 233 
LEU HD21   H N N 234 
LEU HD22   H N N 235 
LEU HD23   H N N 236 
LEU HXT    H N N 237 
LYS N      N N N 238 
LYS CA     C N S 239 
LYS C      C N N 240 
LYS O      O N N 241 
LYS CB     C N N 242 
LYS CG     C N N 243 
LYS CD     C N N 244 
LYS CE     C N N 245 
LYS NZ     N N N 246 
LYS OXT    O N N 247 
LYS H      H N N 248 
LYS H2     H N N 249 
LYS HA     H N N 250 
LYS HB2    H N N 251 
LYS HB3    H N N 252 
LYS HG2    H N N 253 
LYS HG3    H N N 254 
LYS HD2    H N N 255 
LYS HD3    H N N 256 
LYS HE2    H N N 257 
LYS HE3    H N N 258 
LYS HZ1    H N N 259 
LYS HZ2    H N N 260 
LYS HZ3    H N N 261 
LYS HXT    H N N 262 
MET N      N N N 263 
MET CA     C N S 264 
MET C      C N N 265 
MET O      O N N 266 
MET CB     C N N 267 
MET CG     C N N 268 
MET SD     S N N 269 
MET CE     C N N 270 
MET OXT    O N N 271 
MET H      H N N 272 
MET H2     H N N 273 
MET HA     H N N 274 
MET HB2    H N N 275 
MET HB3    H N N 276 
MET HG2    H N N 277 
MET HG3    H N N 278 
MET HE1    H N N 279 
MET HE2    H N N 280 
MET HE3    H N N 281 
MET HXT    H N N 282 
N4B C1     C Y N 283 
N4B C2     C Y N 284 
N4B C3     C Y N 285 
N4B C4     C Y N 286 
N4B C5     C Y N 287 
N4B C6     C Y N 288 
N4B "C1'"  C N N 289 
N4B "C2'"  C N N 290 
N4B "C3'"  C N N 291 
N4B "C4'"  C N N 292 
N4B H2     H N N 293 
N4B H3     H N N 294 
N4B H4     H N N 295 
N4B H5     H N N 296 
N4B H6     H N N 297 
N4B "H1'1" H N N 298 
N4B "H1'2" H N N 299 
N4B "H2'1" H N N 300 
N4B "H2'2" H N N 301 
N4B "H3'1" H N N 302 
N4B "H3'2" H N N 303 
N4B "H4'1" H N N 304 
N4B "H4'2" H N N 305 
N4B "H4'3" H N N 306 
PHE N      N N N 307 
PHE CA     C N S 308 
PHE C      C N N 309 
PHE O      O N N 310 
PHE CB     C N N 311 
PHE CG     C Y N 312 
PHE CD1    C Y N 313 
PHE CD2    C Y N 314 
PHE CE1    C Y N 315 
PHE CE2    C Y N 316 
PHE CZ     C Y N 317 
PHE OXT    O N N 318 
PHE H      H N N 319 
PHE H2     H N N 320 
PHE HA     H N N 321 
PHE HB2    H N N 322 
PHE HB3    H N N 323 
PHE HD1    H N N 324 
PHE HD2    H N N 325 
PHE HE1    H N N 326 
PHE HE2    H N N 327 
PHE HZ     H N N 328 
PHE HXT    H N N 329 
PRO N      N N N 330 
PRO CA     C N S 331 
PRO C      C N N 332 
PRO O      O N N 333 
PRO CB     C N N 334 
PRO CG     C N N 335 
PRO CD     C N N 336 
PRO OXT    O N N 337 
PRO H      H N N 338 
PRO HA     H N N 339 
PRO HB2    H N N 340 
PRO HB3    H N N 341 
PRO HG2    H N N 342 
PRO HG3    H N N 343 
PRO HD2    H N N 344 
PRO HD3    H N N 345 
PRO HXT    H N N 346 
SER N      N N N 347 
SER CA     C N S 348 
SER C      C N N 349 
SER O      O N N 350 
SER CB     C N N 351 
SER OG     O N N 352 
SER OXT    O N N 353 
SER H      H N N 354 
SER H2     H N N 355 
SER HA     H N N 356 
SER HB2    H N N 357 
SER HB3    H N N 358 
SER HG     H N N 359 
SER HXT    H N N 360 
THR N      N N N 361 
THR CA     C N S 362 
THR C      C N N 363 
THR O      O N N 364 
THR CB     C N R 365 
THR OG1    O N N 366 
THR CG2    C N N 367 
THR OXT    O N N 368 
THR H      H N N 369 
THR H2     H N N 370 
THR HA     H N N 371 
THR HB     H N N 372 
THR HG1    H N N 373 
THR HG21   H N N 374 
THR HG22   H N N 375 
THR HG23   H N N 376 
THR HXT    H N N 377 
TRP N      N N N 378 
TRP CA     C N S 379 
TRP C      C N N 380 
TRP O      O N N 381 
TRP CB     C N N 382 
TRP CG     C Y N 383 
TRP CD1    C Y N 384 
TRP CD2    C Y N 385 
TRP NE1    N Y N 386 
TRP CE2    C Y N 387 
TRP CE3    C Y N 388 
TRP CZ2    C Y N 389 
TRP CZ3    C Y N 390 
TRP CH2    C Y N 391 
TRP OXT    O N N 392 
TRP H      H N N 393 
TRP H2     H N N 394 
TRP HA     H N N 395 
TRP HB2    H N N 396 
TRP HB3    H N N 397 
TRP HD1    H N N 398 
TRP HE1    H N N 399 
TRP HE3    H N N 400 
TRP HZ2    H N N 401 
TRP HZ3    H N N 402 
TRP HH2    H N N 403 
TRP HXT    H N N 404 
TYR N      N N N 405 
TYR CA     C N S 406 
TYR C      C N N 407 
TYR O      O N N 408 
TYR CB     C N N 409 
TYR CG     C Y N 410 
TYR CD1    C Y N 411 
TYR CD2    C Y N 412 
TYR CE1    C Y N 413 
TYR CE2    C Y N 414 
TYR CZ     C Y N 415 
TYR OH     O N N 416 
TYR OXT    O N N 417 
TYR H      H N N 418 
TYR H2     H N N 419 
TYR HA     H N N 420 
TYR HB2    H N N 421 
TYR HB3    H N N 422 
TYR HD1    H N N 423 
TYR HD2    H N N 424 
TYR HE1    H N N 425 
TYR HE2    H N N 426 
TYR HH     H N N 427 
TYR HXT    H N N 428 
VAL N      N N N 429 
VAL CA     C N S 430 
VAL C      C N N 431 
VAL O      O N N 432 
VAL CB     C N N 433 
VAL CG1    C N N 434 
VAL CG2    C N N 435 
VAL OXT    O N N 436 
VAL H      H N N 437 
VAL H2     H N N 438 
VAL HA     H N N 439 
VAL HB     H N N 440 
VAL HG11   H N N 441 
VAL HG12   H N N 442 
VAL HG13   H N N 443 
VAL HG21   H N N 444 
VAL HG22   H N N 445 
VAL HG23   H N N 446 
VAL HXT    H N N 447 
# 
loop_
_chem_comp_bond.comp_id 
_chem_comp_bond.atom_id_1 
_chem_comp_bond.atom_id_2 
_chem_comp_bond.value_order 
_chem_comp_bond.pdbx_aromatic_flag 
_chem_comp_bond.pdbx_stereo_config 
_chem_comp_bond.pdbx_ordinal 
ALA N     CA     sing N N 1   
ALA N     H      sing N N 2   
ALA N     H2     sing N N 3   
ALA CA    C      sing N N 4   
ALA CA    CB     sing N N 5   
ALA CA    HA     sing N N 6   
ALA C     O      doub N N 7   
ALA C     OXT    sing N N 8   
ALA CB    HB1    sing N N 9   
ALA CB    HB2    sing N N 10  
ALA CB    HB3    sing N N 11  
ALA OXT   HXT    sing N N 12  
ARG N     CA     sing N N 13  
ARG N     H      sing N N 14  
ARG N     H2     sing N N 15  
ARG CA    C      sing N N 16  
ARG CA    CB     sing N N 17  
ARG CA    HA     sing N N 18  
ARG C     O      doub N N 19  
ARG C     OXT    sing N N 20  
ARG CB    CG     sing N N 21  
ARG CB    HB2    sing N N 22  
ARG CB    HB3    sing N N 23  
ARG CG    CD     sing N N 24  
ARG CG    HG2    sing N N 25  
ARG CG    HG3    sing N N 26  
ARG CD    NE     sing N N 27  
ARG CD    HD2    sing N N 28  
ARG CD    HD3    sing N N 29  
ARG NE    CZ     sing N N 30  
ARG NE    HE     sing N N 31  
ARG CZ    NH1    sing N N 32  
ARG CZ    NH2    doub N N 33  
ARG NH1   HH11   sing N N 34  
ARG NH1   HH12   sing N N 35  
ARG NH2   HH21   sing N N 36  
ARG NH2   HH22   sing N N 37  
ARG OXT   HXT    sing N N 38  
ASN N     CA     sing N N 39  
ASN N     H      sing N N 40  
ASN N     H2     sing N N 41  
ASN CA    C      sing N N 42  
ASN CA    CB     sing N N 43  
ASN CA    HA     sing N N 44  
ASN C     O      doub N N 45  
ASN C     OXT    sing N N 46  
ASN CB    CG     sing N N 47  
ASN CB    HB2    sing N N 48  
ASN CB    HB3    sing N N 49  
ASN CG    OD1    doub N N 50  
ASN CG    ND2    sing N N 51  
ASN ND2   HD21   sing N N 52  
ASN ND2   HD22   sing N N 53  
ASN OXT   HXT    sing N N 54  
ASP N     CA     sing N N 55  
ASP N     H      sing N N 56  
ASP N     H2     sing N N 57  
ASP CA    C      sing N N 58  
ASP CA    CB     sing N N 59  
ASP CA    HA     sing N N 60  
ASP C     O      doub N N 61  
ASP C     OXT    sing N N 62  
ASP CB    CG     sing N N 63  
ASP CB    HB2    sing N N 64  
ASP CB    HB3    sing N N 65  
ASP CG    OD1    doub N N 66  
ASP CG    OD2    sing N N 67  
ASP OD2   HD2    sing N N 68  
ASP OXT   HXT    sing N N 69  
CYS N     CA     sing N N 70  
CYS N     H      sing N N 71  
CYS N     H2     sing N N 72  
CYS CA    C      sing N N 73  
CYS CA    CB     sing N N 74  
CYS CA    HA     sing N N 75  
CYS C     O      doub N N 76  
CYS C     OXT    sing N N 77  
CYS CB    SG     sing N N 78  
CYS CB    HB2    sing N N 79  
CYS CB    HB3    sing N N 80  
CYS SG    HG     sing N N 81  
CYS OXT   HXT    sing N N 82  
EPE N1    C2     sing N N 83  
EPE N1    C6     sing N N 84  
EPE N1    C9     sing N N 85  
EPE C2    C3     sing N N 86  
EPE C2    H21    sing N N 87  
EPE C2    H22    sing N N 88  
EPE C3    N4     sing N N 89  
EPE C3    H31    sing N N 90  
EPE C3    H32    sing N N 91  
EPE N4    C5     sing N N 92  
EPE N4    C7     sing N N 93  
EPE C5    C6     sing N N 94  
EPE C5    H51    sing N N 95  
EPE C5    H52    sing N N 96  
EPE C6    H61    sing N N 97  
EPE C6    H62    sing N N 98  
EPE C7    C8     sing N N 99  
EPE C7    H71    sing N N 100 
EPE C7    H72    sing N N 101 
EPE C8    O8     sing N N 102 
EPE C8    H81    sing N N 103 
EPE C8    H82    sing N N 104 
EPE O8    HO8    sing N N 105 
EPE C9    C10    sing N N 106 
EPE C9    H91    sing N N 107 
EPE C9    H92    sing N N 108 
EPE C10   S      sing N N 109 
EPE C10   H101   sing N N 110 
EPE C10   H102   sing N N 111 
EPE S     O1S    doub N N 112 
EPE S     O2S    doub N N 113 
EPE S     O3S    sing N N 114 
EPE O3S   HOS3   sing N N 115 
GLN N     CA     sing N N 116 
GLN N     H      sing N N 117 
GLN N     H2     sing N N 118 
GLN CA    C      sing N N 119 
GLN CA    CB     sing N N 120 
GLN CA    HA     sing N N 121 
GLN C     O      doub N N 122 
GLN C     OXT    sing N N 123 
GLN CB    CG     sing N N 124 
GLN CB    HB2    sing N N 125 
GLN CB    HB3    sing N N 126 
GLN CG    CD     sing N N 127 
GLN CG    HG2    sing N N 128 
GLN CG    HG3    sing N N 129 
GLN CD    OE1    doub N N 130 
GLN CD    NE2    sing N N 131 
GLN NE2   HE21   sing N N 132 
GLN NE2   HE22   sing N N 133 
GLN OXT   HXT    sing N N 134 
GLU N     CA     sing N N 135 
GLU N     H      sing N N 136 
GLU N     H2     sing N N 137 
GLU CA    C      sing N N 138 
GLU CA    CB     sing N N 139 
GLU CA    HA     sing N N 140 
GLU C     O      doub N N 141 
GLU C     OXT    sing N N 142 
GLU CB    CG     sing N N 143 
GLU CB    HB2    sing N N 144 
GLU CB    HB3    sing N N 145 
GLU CG    CD     sing N N 146 
GLU CG    HG2    sing N N 147 
GLU CG    HG3    sing N N 148 
GLU CD    OE1    doub N N 149 
GLU CD    OE2    sing N N 150 
GLU OE2   HE2    sing N N 151 
GLU OXT   HXT    sing N N 152 
GLY N     CA     sing N N 153 
GLY N     H      sing N N 154 
GLY N     H2     sing N N 155 
GLY CA    C      sing N N 156 
GLY CA    HA2    sing N N 157 
GLY CA    HA3    sing N N 158 
GLY C     O      doub N N 159 
GLY C     OXT    sing N N 160 
GLY OXT   HXT    sing N N 161 
HIS N     CA     sing N N 162 
HIS N     H      sing N N 163 
HIS N     H2     sing N N 164 
HIS CA    C      sing N N 165 
HIS CA    CB     sing N N 166 
HIS CA    HA     sing N N 167 
HIS C     O      doub N N 168 
HIS C     OXT    sing N N 169 
HIS CB    CG     sing N N 170 
HIS CB    HB2    sing N N 171 
HIS CB    HB3    sing N N 172 
HIS CG    ND1    sing Y N 173 
HIS CG    CD2    doub Y N 174 
HIS ND1   CE1    doub Y N 175 
HIS ND1   HD1    sing N N 176 
HIS CD2   NE2    sing Y N 177 
HIS CD2   HD2    sing N N 178 
HIS CE1   NE2    sing Y N 179 
HIS CE1   HE1    sing N N 180 
HIS NE2   HE2    sing N N 181 
HIS OXT   HXT    sing N N 182 
HOH O     H1     sing N N 183 
HOH O     H2     sing N N 184 
ILE N     CA     sing N N 185 
ILE N     H      sing N N 186 
ILE N     H2     sing N N 187 
ILE CA    C      sing N N 188 
ILE CA    CB     sing N N 189 
ILE CA    HA     sing N N 190 
ILE C     O      doub N N 191 
ILE C     OXT    sing N N 192 
ILE CB    CG1    sing N N 193 
ILE CB    CG2    sing N N 194 
ILE CB    HB     sing N N 195 
ILE CG1   CD1    sing N N 196 
ILE CG1   HG12   sing N N 197 
ILE CG1   HG13   sing N N 198 
ILE CG2   HG21   sing N N 199 
ILE CG2   HG22   sing N N 200 
ILE CG2   HG23   sing N N 201 
ILE CD1   HD11   sing N N 202 
ILE CD1   HD12   sing N N 203 
ILE CD1   HD13   sing N N 204 
ILE OXT   HXT    sing N N 205 
LEU N     CA     sing N N 206 
LEU N     H      sing N N 207 
LEU N     H2     sing N N 208 
LEU CA    C      sing N N 209 
LEU CA    CB     sing N N 210 
LEU CA    HA     sing N N 211 
LEU C     O      doub N N 212 
LEU C     OXT    sing N N 213 
LEU CB    CG     sing N N 214 
LEU CB    HB2    sing N N 215 
LEU CB    HB3    sing N N 216 
LEU CG    CD1    sing N N 217 
LEU CG    CD2    sing N N 218 
LEU CG    HG     sing N N 219 
LEU CD1   HD11   sing N N 220 
LEU CD1   HD12   sing N N 221 
LEU CD1   HD13   sing N N 222 
LEU CD2   HD21   sing N N 223 
LEU CD2   HD22   sing N N 224 
LEU CD2   HD23   sing N N 225 
LEU OXT   HXT    sing N N 226 
LYS N     CA     sing N N 227 
LYS N     H      sing N N 228 
LYS N     H2     sing N N 229 
LYS CA    C      sing N N 230 
LYS CA    CB     sing N N 231 
LYS CA    HA     sing N N 232 
LYS C     O      doub N N 233 
LYS C     OXT    sing N N 234 
LYS CB    CG     sing N N 235 
LYS CB    HB2    sing N N 236 
LYS CB    HB3    sing N N 237 
LYS CG    CD     sing N N 238 
LYS CG    HG2    sing N N 239 
LYS CG    HG3    sing N N 240 
LYS CD    CE     sing N N 241 
LYS CD    HD2    sing N N 242 
LYS CD    HD3    sing N N 243 
LYS CE    NZ     sing N N 244 
LYS CE    HE2    sing N N 245 
LYS CE    HE3    sing N N 246 
LYS NZ    HZ1    sing N N 247 
LYS NZ    HZ2    sing N N 248 
LYS NZ    HZ3    sing N N 249 
LYS OXT   HXT    sing N N 250 
MET N     CA     sing N N 251 
MET N     H      sing N N 252 
MET N     H2     sing N N 253 
MET CA    C      sing N N 254 
MET CA    CB     sing N N 255 
MET CA    HA     sing N N 256 
MET C     O      doub N N 257 
MET C     OXT    sing N N 258 
MET CB    CG     sing N N 259 
MET CB    HB2    sing N N 260 
MET CB    HB3    sing N N 261 
MET CG    SD     sing N N 262 
MET CG    HG2    sing N N 263 
MET CG    HG3    sing N N 264 
MET SD    CE     sing N N 265 
MET CE    HE1    sing N N 266 
MET CE    HE2    sing N N 267 
MET CE    HE3    sing N N 268 
MET OXT   HXT    sing N N 269 
N4B C1    C2     doub Y N 270 
N4B C1    C6     sing Y N 271 
N4B C1    "C1'"  sing N N 272 
N4B C2    C3     sing Y N 273 
N4B C2    H2     sing N N 274 
N4B C3    C4     doub Y N 275 
N4B C3    H3     sing N N 276 
N4B C4    C5     sing Y N 277 
N4B C4    H4     sing N N 278 
N4B C5    C6     doub Y N 279 
N4B C5    H5     sing N N 280 
N4B C6    H6     sing N N 281 
N4B "C1'" "C2'"  sing N N 282 
N4B "C1'" "H1'1" sing N N 283 
N4B "C1'" "H1'2" sing N N 284 
N4B "C2'" "C3'"  sing N N 285 
N4B "C2'" "H2'1" sing N N 286 
N4B "C2'" "H2'2" sing N N 287 
N4B "C3'" "C4'"  sing N N 288 
N4B "C3'" "H3'1" sing N N 289 
N4B "C3'" "H3'2" sing N N 290 
N4B "C4'" "H4'1" sing N N 291 
N4B "C4'" "H4'2" sing N N 292 
N4B "C4'" "H4'3" sing N N 293 
PHE N     CA     sing N N 294 
PHE N     H      sing N N 295 
PHE N     H2     sing N N 296 
PHE CA    C      sing N N 297 
PHE CA    CB     sing N N 298 
PHE CA    HA     sing N N 299 
PHE C     O      doub N N 300 
PHE C     OXT    sing N N 301 
PHE CB    CG     sing N N 302 
PHE CB    HB2    sing N N 303 
PHE CB    HB3    sing N N 304 
PHE CG    CD1    doub Y N 305 
PHE CG    CD2    sing Y N 306 
PHE CD1   CE1    sing Y N 307 
PHE CD1   HD1    sing N N 308 
PHE CD2   CE2    doub Y N 309 
PHE CD2   HD2    sing N N 310 
PHE CE1   CZ     doub Y N 311 
PHE CE1   HE1    sing N N 312 
PHE CE2   CZ     sing Y N 313 
PHE CE2   HE2    sing N N 314 
PHE CZ    HZ     sing N N 315 
PHE OXT   HXT    sing N N 316 
PRO N     CA     sing N N 317 
PRO N     CD     sing N N 318 
PRO N     H      sing N N 319 
PRO CA    C      sing N N 320 
PRO CA    CB     sing N N 321 
PRO CA    HA     sing N N 322 
PRO C     O      doub N N 323 
PRO C     OXT    sing N N 324 
PRO CB    CG     sing N N 325 
PRO CB    HB2    sing N N 326 
PRO CB    HB3    sing N N 327 
PRO CG    CD     sing N N 328 
PRO CG    HG2    sing N N 329 
PRO CG    HG3    sing N N 330 
PRO CD    HD2    sing N N 331 
PRO CD    HD3    sing N N 332 
PRO OXT   HXT    sing N N 333 
SER N     CA     sing N N 334 
SER N     H      sing N N 335 
SER N     H2     sing N N 336 
SER CA    C      sing N N 337 
SER CA    CB     sing N N 338 
SER CA    HA     sing N N 339 
SER C     O      doub N N 340 
SER C     OXT    sing N N 341 
SER CB    OG     sing N N 342 
SER CB    HB2    sing N N 343 
SER CB    HB3    sing N N 344 
SER OG    HG     sing N N 345 
SER OXT   HXT    sing N N 346 
THR N     CA     sing N N 347 
THR N     H      sing N N 348 
THR N     H2     sing N N 349 
THR CA    C      sing N N 350 
THR CA    CB     sing N N 351 
THR CA    HA     sing N N 352 
THR C     O      doub N N 353 
THR C     OXT    sing N N 354 
THR CB    OG1    sing N N 355 
THR CB    CG2    sing N N 356 
THR CB    HB     sing N N 357 
THR OG1   HG1    sing N N 358 
THR CG2   HG21   sing N N 359 
THR CG2   HG22   sing N N 360 
THR CG2   HG23   sing N N 361 
THR OXT   HXT    sing N N 362 
TRP N     CA     sing N N 363 
TRP N     H      sing N N 364 
TRP N     H2     sing N N 365 
TRP CA    C      sing N N 366 
TRP CA    CB     sing N N 367 
TRP CA    HA     sing N N 368 
TRP C     O      doub N N 369 
TRP C     OXT    sing N N 370 
TRP CB    CG     sing N N 371 
TRP CB    HB2    sing N N 372 
TRP CB    HB3    sing N N 373 
TRP CG    CD1    doub Y N 374 
TRP CG    CD2    sing Y N 375 
TRP CD1   NE1    sing Y N 376 
TRP CD1   HD1    sing N N 377 
TRP CD2   CE2    doub Y N 378 
TRP CD2   CE3    sing Y N 379 
TRP NE1   CE2    sing Y N 380 
TRP NE1   HE1    sing N N 381 
TRP CE2   CZ2    sing Y N 382 
TRP CE3   CZ3    doub Y N 383 
TRP CE3   HE3    sing N N 384 
TRP CZ2   CH2    doub Y N 385 
TRP CZ2   HZ2    sing N N 386 
TRP CZ3   CH2    sing Y N 387 
TRP CZ3   HZ3    sing N N 388 
TRP CH2   HH2    sing N N 389 
TRP OXT   HXT    sing N N 390 
TYR N     CA     sing N N 391 
TYR N     H      sing N N 392 
TYR N     H2     sing N N 393 
TYR CA    C      sing N N 394 
TYR CA    CB     sing N N 395 
TYR CA    HA     sing N N 396 
TYR C     O      doub N N 397 
TYR C     OXT    sing N N 398 
TYR CB    CG     sing N N 399 
TYR CB    HB2    sing N N 400 
TYR CB    HB3    sing N N 401 
TYR CG    CD1    doub Y N 402 
TYR CG    CD2    sing Y N 403 
TYR CD1   CE1    sing Y N 404 
TYR CD1   HD1    sing N N 405 
TYR CD2   CE2    doub Y N 406 
TYR CD2   HD2    sing N N 407 
TYR CE1   CZ     doub Y N 408 
TYR CE1   HE1    sing N N 409 
TYR CE2   CZ     sing Y N 410 
TYR CE2   HE2    sing N N 411 
TYR CZ    OH     sing N N 412 
TYR OH    HH     sing N N 413 
TYR OXT   HXT    sing N N 414 
VAL N     CA     sing N N 415 
VAL N     H      sing N N 416 
VAL N     H2     sing N N 417 
VAL CA    C      sing N N 418 
VAL CA    CB     sing N N 419 
VAL CA    HA     sing N N 420 
VAL C     O      doub N N 421 
VAL C     OXT    sing N N 422 
VAL CB    CG1    sing N N 423 
VAL CB    CG2    sing N N 424 
VAL CB    HB     sing N N 425 
VAL CG1   HG11   sing N N 426 
VAL CG1   HG12   sing N N 427 
VAL CG1   HG13   sing N N 428 
VAL CG2   HG21   sing N N 429 
VAL CG2   HG22   sing N N 430 
VAL CG2   HG23   sing N N 431 
VAL OXT   HXT    sing N N 432 
# 
_pdbx_audit_support.funding_organization   
'National Institutes of Health/National Institute of General Medical Sciences (NIH/NIGMS)' 
_pdbx_audit_support.country                'United States' 
_pdbx_audit_support.grant_number           GM59957 
_pdbx_audit_support.ordinal                1 
# 
loop_
_pdbx_entity_nonpoly.entity_id 
_pdbx_entity_nonpoly.name 
_pdbx_entity_nonpoly.comp_id 
2 N-BUTYLBENZENE                                        N4B 
3 '4-(2-HYDROXYETHYL)-1-PIPERAZINE ETHANESULFONIC ACID' EPE 
4 water                                                 HOH 
# 
_pdbx_initial_refinement_model.id               1 
_pdbx_initial_refinement_model.entity_id_list   ? 
_pdbx_initial_refinement_model.type             'experimental model' 
_pdbx_initial_refinement_model.source_name      PDB 
_pdbx_initial_refinement_model.accession_code   181L 
_pdbx_initial_refinement_model.details          ? 
# 
